data_5BZK
# 
_entry.id   5BZK 
# 
_audit_conform.dict_name       mmcif_pdbx.dic 
_audit_conform.dict_version    5.399 
_audit_conform.dict_location   http://mmcif.pdb.org/dictionaries/ascii/mmcif_pdbx.dic 
# 
loop_
_database_2.database_id 
_database_2.database_code 
_database_2.pdbx_database_accession 
_database_2.pdbx_DOI 
PDB   5BZK         pdb_00005bzk 10.2210/pdb5bzk/pdb 
WWPDB D_1000210174 ?            ?                   
# 
loop_
_pdbx_audit_revision_history.ordinal 
_pdbx_audit_revision_history.data_content_type 
_pdbx_audit_revision_history.major_revision 
_pdbx_audit_revision_history.minor_revision 
_pdbx_audit_revision_history.revision_date 
1 'Structure model' 1 0 2016-06-29 
2 'Structure model' 1 1 2024-11-20 
# 
_pdbx_audit_revision_details.ordinal             1 
_pdbx_audit_revision_details.revision_ordinal    1 
_pdbx_audit_revision_details.data_content_type   'Structure model' 
_pdbx_audit_revision_details.provider            repository 
_pdbx_audit_revision_details.type                'Initial release' 
_pdbx_audit_revision_details.description         ? 
_pdbx_audit_revision_details.details             ? 
# 
loop_
_pdbx_audit_revision_group.ordinal 
_pdbx_audit_revision_group.revision_ordinal 
_pdbx_audit_revision_group.data_content_type 
_pdbx_audit_revision_group.group 
1 2 'Structure model' 'Data collection'      
2 2 'Structure model' 'Database references'  
3 2 'Structure model' 'Derived calculations' 
4 2 'Structure model' 'Structure summary'    
# 
loop_
_pdbx_audit_revision_category.ordinal 
_pdbx_audit_revision_category.revision_ordinal 
_pdbx_audit_revision_category.data_content_type 
_pdbx_audit_revision_category.category 
1 2 'Structure model' chem_comp_atom            
2 2 'Structure model' chem_comp_bond            
3 2 'Structure model' citation                  
4 2 'Structure model' database_2                
5 2 'Structure model' pdbx_entry_details        
6 2 'Structure model' pdbx_modification_feature 
7 2 'Structure model' pdbx_struct_oper_list     
# 
loop_
_pdbx_audit_revision_item.ordinal 
_pdbx_audit_revision_item.revision_ordinal 
_pdbx_audit_revision_item.data_content_type 
_pdbx_audit_revision_item.item 
1 2 'Structure model' '_citation.journal_id_CSD'                  
2 2 'Structure model' '_database_2.pdbx_DOI'                      
3 2 'Structure model' '_database_2.pdbx_database_accession'       
4 2 'Structure model' '_pdbx_struct_oper_list.symmetry_operation' 
# 
_pdbx_database_status.status_code                     REL 
_pdbx_database_status.status_code_sf                  REL 
_pdbx_database_status.status_code_mr                  ? 
_pdbx_database_status.entry_id                        5BZK 
_pdbx_database_status.recvd_initial_deposition_date   2015-06-11 
_pdbx_database_status.SG_entry                        N 
_pdbx_database_status.deposit_site                    RCSB 
_pdbx_database_status.process_site                    RCSB 
_pdbx_database_status.status_code_cs                  ? 
_pdbx_database_status.methods_development_category    ? 
_pdbx_database_status.pdb_format_compatible           Y 
_pdbx_database_status.status_code_nmr_data            ? 
# 
loop_
_pdbx_database_related.content_type 
_pdbx_database_related.db_id 
_pdbx_database_related.db_name 
_pdbx_database_related.details 
unspecified 5BZC PDB . 
unspecified 5BZE PDB . 
unspecified 5BZF PDB . 
unspecified 5BZG PDB . 
unspecified 5BZH PDB . 
unspecified 5BZI PDB . 
unspecified 5BZJ PDB . 
unspecified 5BZL PDB . 
unspecified 5BZM PDB . 
unspecified 5BZN PDB . 
unspecified 5BZO PDB . 
unspecified 5BZQ PDB . 
unspecified 5BZP PDB . 
unspecified 5BZR PDB . 
unspecified 5BZS PDB . 
unspecified 5BZT PDB . 
# 
loop_
_audit_author.name 
_audit_author.pdbx_ordinal 
'Liu, L.K.'    1 
'Finzel, B.C.' 2 
# 
_citation.abstract                  ? 
_citation.abstract_id_CAS           ? 
_citation.book_id_ISBN              ? 
_citation.book_publisher            ? 
_citation.book_publisher_city       ? 
_citation.book_title                ? 
_citation.coordinate_linkage        ? 
_citation.country                   ? 
_citation.database_id_Medline       ? 
_citation.details                   ? 
_citation.id                        primary 
_citation.journal_abbrev            'To Be Published' 
_citation.journal_id_ASTM           ? 
_citation.journal_id_CSD            0353 
_citation.journal_id_ISSN           ? 
_citation.journal_full              ? 
_citation.journal_issue             ? 
_citation.journal_volume            ? 
_citation.language                  ? 
_citation.page_first                ? 
_citation.page_last                 ? 
_citation.title                     'Crystal structure of the murine cd44 hyaluronan binding domain complex with a small molecule' 
_citation.year                      ? 
_citation.database_id_CSD           ? 
_citation.pdbx_database_id_DOI      ? 
_citation.pdbx_database_id_PubMed   ? 
_citation.unpublished_flag          ? 
# 
loop_
_citation_author.citation_id 
_citation_author.name 
_citation_author.ordinal 
_citation_author.identifier_ORCID 
primary 'Liu, L.K.'    1 ? 
primary 'Finzel, B.C.' 2 ? 
# 
loop_
_entity.id 
_entity.type 
_entity.src_method 
_entity.pdbx_description 
_entity.formula_weight 
_entity.pdbx_number_of_molecules 
_entity.pdbx_ec 
_entity.pdbx_mutation 
_entity.pdbx_fragment 
_entity.details 
1 polymer     man 'CD44 antigen'                                         16855.803 1  ? ? ? ? 
2 non-polymer syn 'DIMETHYL SULFOXIDE'                                   78.133    1  ? ? ? ? 
3 non-polymer syn 'methyl 3-(3,4-dihydroisoquinolin-2(1H)-yl)propanoate' 219.280   1  ? ? ? ? 
4 non-polymer syn GLYCEROL                                               92.094    1  ? ? ? ? 
5 water       nat water                                                  18.015    71 ? ? ? ? 
# 
_entity_name_com.entity_id   1 
_entity_name_com.name        
;Extracellular matrix receptor III,ECMR-III,GP90 lymphocyte homing/adhesion receptor,HUTCH-I,Hermes antigen,Hyaluronate receptor,Lymphocyte antigen 24,Ly-24,Phagocytic glycoprotein 1,PGP-1,Phagocytic glycoprotein I,PGP-I
;
# 
_entity_poly.entity_id                      1 
_entity_poly.type                           'polypeptide(L)' 
_entity_poly.nstd_linkage                   no 
_entity_poly.nstd_monomer                   no 
_entity_poly.pdbx_seq_one_letter_code       
;MNQIDLNVTCRYAGVFHVEKNGRYSISRTEAADLCQAFNSTLPTMDQMKLALSKGFETCRYGFIEGNVVIPRIHPNAICA
ANHTGVYILVTSNTSHYDTYCFNASAPPEEDCTSVTDLPNSFDGPVTITIVNRDGTRYSKKGEYRTHQEDI
;
_entity_poly.pdbx_seq_one_letter_code_can   
;MNQIDLNVTCRYAGVFHVEKNGRYSISRTEAADLCQAFNSTLPTMDQMKLALSKGFETCRYGFIEGNVVIPRIHPNAICA
ANHTGVYILVTSNTSHYDTYCFNASAPPEEDCTSVTDLPNSFDGPVTITIVNRDGTRYSKKGEYRTHQEDI
;
_entity_poly.pdbx_strand_id                 A 
_entity_poly.pdbx_target_identifier         ? 
# 
loop_
_pdbx_entity_nonpoly.entity_id 
_pdbx_entity_nonpoly.name 
_pdbx_entity_nonpoly.comp_id 
2 'DIMETHYL SULFOXIDE'                                   DMS 
3 'methyl 3-(3,4-dihydroisoquinolin-2(1H)-yl)propanoate' 4WP 
4 GLYCEROL                                               GOL 
5 water                                                  HOH 
# 
loop_
_entity_poly_seq.entity_id 
_entity_poly_seq.num 
_entity_poly_seq.mon_id 
_entity_poly_seq.hetero 
1 1   MET n 
1 2   ASN n 
1 3   GLN n 
1 4   ILE n 
1 5   ASP n 
1 6   LEU n 
1 7   ASN n 
1 8   VAL n 
1 9   THR n 
1 10  CYS n 
1 11  ARG n 
1 12  TYR n 
1 13  ALA n 
1 14  GLY n 
1 15  VAL n 
1 16  PHE n 
1 17  HIS n 
1 18  VAL n 
1 19  GLU n 
1 20  LYS n 
1 21  ASN n 
1 22  GLY n 
1 23  ARG n 
1 24  TYR n 
1 25  SER n 
1 26  ILE n 
1 27  SER n 
1 28  ARG n 
1 29  THR n 
1 30  GLU n 
1 31  ALA n 
1 32  ALA n 
1 33  ASP n 
1 34  LEU n 
1 35  CYS n 
1 36  GLN n 
1 37  ALA n 
1 38  PHE n 
1 39  ASN n 
1 40  SER n 
1 41  THR n 
1 42  LEU n 
1 43  PRO n 
1 44  THR n 
1 45  MET n 
1 46  ASP n 
1 47  GLN n 
1 48  MET n 
1 49  LYS n 
1 50  LEU n 
1 51  ALA n 
1 52  LEU n 
1 53  SER n 
1 54  LYS n 
1 55  GLY n 
1 56  PHE n 
1 57  GLU n 
1 58  THR n 
1 59  CYS n 
1 60  ARG n 
1 61  TYR n 
1 62  GLY n 
1 63  PHE n 
1 64  ILE n 
1 65  GLU n 
1 66  GLY n 
1 67  ASN n 
1 68  VAL n 
1 69  VAL n 
1 70  ILE n 
1 71  PRO n 
1 72  ARG n 
1 73  ILE n 
1 74  HIS n 
1 75  PRO n 
1 76  ASN n 
1 77  ALA n 
1 78  ILE n 
1 79  CYS n 
1 80  ALA n 
1 81  ALA n 
1 82  ASN n 
1 83  HIS n 
1 84  THR n 
1 85  GLY n 
1 86  VAL n 
1 87  TYR n 
1 88  ILE n 
1 89  LEU n 
1 90  VAL n 
1 91  THR n 
1 92  SER n 
1 93  ASN n 
1 94  THR n 
1 95  SER n 
1 96  HIS n 
1 97  TYR n 
1 98  ASP n 
1 99  THR n 
1 100 TYR n 
1 101 CYS n 
1 102 PHE n 
1 103 ASN n 
1 104 ALA n 
1 105 SER n 
1 106 ALA n 
1 107 PRO n 
1 108 PRO n 
1 109 GLU n 
1 110 GLU n 
1 111 ASP n 
1 112 CYS n 
1 113 THR n 
1 114 SER n 
1 115 VAL n 
1 116 THR n 
1 117 ASP n 
1 118 LEU n 
1 119 PRO n 
1 120 ASN n 
1 121 SER n 
1 122 PHE n 
1 123 ASP n 
1 124 GLY n 
1 125 PRO n 
1 126 VAL n 
1 127 THR n 
1 128 ILE n 
1 129 THR n 
1 130 ILE n 
1 131 VAL n 
1 132 ASN n 
1 133 ARG n 
1 134 ASP n 
1 135 GLY n 
1 136 THR n 
1 137 ARG n 
1 138 TYR n 
1 139 SER n 
1 140 LYS n 
1 141 LYS n 
1 142 GLY n 
1 143 GLU n 
1 144 TYR n 
1 145 ARG n 
1 146 THR n 
1 147 HIS n 
1 148 GLN n 
1 149 GLU n 
1 150 ASP n 
1 151 ILE n 
# 
_entity_src_gen.entity_id                          1 
_entity_src_gen.pdbx_src_id                        1 
_entity_src_gen.pdbx_alt_source_flag               sample 
_entity_src_gen.pdbx_seq_type                      'Biological sequence' 
_entity_src_gen.pdbx_beg_seq_num                   1 
_entity_src_gen.pdbx_end_seq_num                   151 
_entity_src_gen.gene_src_common_name               Mouse 
_entity_src_gen.gene_src_genus                     ? 
_entity_src_gen.pdbx_gene_src_gene                 'Cd44, Ly-24' 
_entity_src_gen.gene_src_species                   ? 
_entity_src_gen.gene_src_strain                    ? 
_entity_src_gen.gene_src_tissue                    ? 
_entity_src_gen.gene_src_tissue_fraction           ? 
_entity_src_gen.gene_src_details                   ? 
_entity_src_gen.pdbx_gene_src_fragment             ? 
_entity_src_gen.pdbx_gene_src_scientific_name      'Mus musculus' 
_entity_src_gen.pdbx_gene_src_ncbi_taxonomy_id     10090 
_entity_src_gen.pdbx_gene_src_variant              ? 
_entity_src_gen.pdbx_gene_src_cell_line            ? 
_entity_src_gen.pdbx_gene_src_atcc                 ? 
_entity_src_gen.pdbx_gene_src_organ                ? 
_entity_src_gen.pdbx_gene_src_organelle            ? 
_entity_src_gen.pdbx_gene_src_cell                 ? 
_entity_src_gen.pdbx_gene_src_cellular_location    ? 
_entity_src_gen.host_org_common_name               ? 
_entity_src_gen.pdbx_host_org_scientific_name      'Escherichia coli' 
_entity_src_gen.pdbx_host_org_ncbi_taxonomy_id     469008 
_entity_src_gen.host_org_genus                     ? 
_entity_src_gen.pdbx_host_org_gene                 ? 
_entity_src_gen.pdbx_host_org_organ                ? 
_entity_src_gen.host_org_species                   ? 
_entity_src_gen.pdbx_host_org_tissue               ? 
_entity_src_gen.pdbx_host_org_tissue_fraction      ? 
_entity_src_gen.pdbx_host_org_strain               'BL21(DE3)' 
_entity_src_gen.pdbx_host_org_variant              ? 
_entity_src_gen.pdbx_host_org_cell_line            ? 
_entity_src_gen.pdbx_host_org_atcc                 ? 
_entity_src_gen.pdbx_host_org_culture_collection   ? 
_entity_src_gen.pdbx_host_org_cell                 ? 
_entity_src_gen.pdbx_host_org_organelle            ? 
_entity_src_gen.pdbx_host_org_cellular_location    ? 
_entity_src_gen.pdbx_host_org_vector_type          plasmid 
_entity_src_gen.pdbx_host_org_vector               ? 
_entity_src_gen.host_org_details                   ? 
_entity_src_gen.expression_system_id               ? 
_entity_src_gen.plasmid_name                       pMCSG7 
_entity_src_gen.plasmid_details                    ? 
_entity_src_gen.pdbx_description                   ? 
# 
loop_
_chem_comp.id 
_chem_comp.type 
_chem_comp.mon_nstd_flag 
_chem_comp.name 
_chem_comp.pdbx_synonyms 
_chem_comp.formula 
_chem_comp.formula_weight 
4WP non-polymer         . 'methyl 3-(3,4-dihydroisoquinolin-2(1H)-yl)propanoate' ?                               'C13 H17 N O2'   
219.280 
ALA 'L-peptide linking' y ALANINE                                                ?                               'C3 H7 N O2'     
89.093  
ARG 'L-peptide linking' y ARGININE                                               ?                               'C6 H15 N4 O2 1' 
175.209 
ASN 'L-peptide linking' y ASPARAGINE                                             ?                               'C4 H8 N2 O3'    
132.118 
ASP 'L-peptide linking' y 'ASPARTIC ACID'                                        ?                               'C4 H7 N O4'     
133.103 
CYS 'L-peptide linking' y CYSTEINE                                               ?                               'C3 H7 N O2 S'   
121.158 
DMS non-polymer         . 'DIMETHYL SULFOXIDE'                                   ?                               'C2 H6 O S'      
78.133  
GLN 'L-peptide linking' y GLUTAMINE                                              ?                               'C5 H10 N2 O3'   
146.144 
GLU 'L-peptide linking' y 'GLUTAMIC ACID'                                        ?                               'C5 H9 N O4'     
147.129 
GLY 'peptide linking'   y GLYCINE                                                ?                               'C2 H5 N O2'     
75.067  
GOL non-polymer         . GLYCEROL                                               'GLYCERIN; PROPANE-1,2,3-TRIOL' 'C3 H8 O3'       
92.094  
HIS 'L-peptide linking' y HISTIDINE                                              ?                               'C6 H10 N3 O2 1' 
156.162 
HOH non-polymer         . WATER                                                  ?                               'H2 O'           
18.015  
ILE 'L-peptide linking' y ISOLEUCINE                                             ?                               'C6 H13 N O2'    
131.173 
LEU 'L-peptide linking' y LEUCINE                                                ?                               'C6 H13 N O2'    
131.173 
LYS 'L-peptide linking' y LYSINE                                                 ?                               'C6 H15 N2 O2 1' 
147.195 
MET 'L-peptide linking' y METHIONINE                                             ?                               'C5 H11 N O2 S'  
149.211 
PHE 'L-peptide linking' y PHENYLALANINE                                          ?                               'C9 H11 N O2'    
165.189 
PRO 'L-peptide linking' y PROLINE                                                ?                               'C5 H9 N O2'     
115.130 
SER 'L-peptide linking' y SERINE                                                 ?                               'C3 H7 N O3'     
105.093 
THR 'L-peptide linking' y THREONINE                                              ?                               'C4 H9 N O3'     
119.119 
TYR 'L-peptide linking' y TYROSINE                                               ?                               'C9 H11 N O3'    
181.189 
VAL 'L-peptide linking' y VALINE                                                 ?                               'C5 H11 N O2'    
117.146 
# 
loop_
_pdbx_poly_seq_scheme.asym_id 
_pdbx_poly_seq_scheme.entity_id 
_pdbx_poly_seq_scheme.seq_id 
_pdbx_poly_seq_scheme.mon_id 
_pdbx_poly_seq_scheme.ndb_seq_num 
_pdbx_poly_seq_scheme.pdb_seq_num 
_pdbx_poly_seq_scheme.auth_seq_num 
_pdbx_poly_seq_scheme.pdb_mon_id 
_pdbx_poly_seq_scheme.auth_mon_id 
_pdbx_poly_seq_scheme.pdb_strand_id 
_pdbx_poly_seq_scheme.pdb_ins_code 
_pdbx_poly_seq_scheme.hetero 
A 1 1   MET 1   23  ?   ?   ?   A . n 
A 1 2   ASN 2   24  24  ASN ASN A . n 
A 1 3   GLN 3   25  25  GLN GLN A . n 
A 1 4   ILE 4   26  26  ILE ILE A . n 
A 1 5   ASP 5   27  27  ASP ASP A . n 
A 1 6   LEU 6   28  28  LEU LEU A . n 
A 1 7   ASN 7   29  29  ASN ASN A . n 
A 1 8   VAL 8   30  30  VAL VAL A . n 
A 1 9   THR 9   31  31  THR THR A . n 
A 1 10  CYS 10  32  32  CYS CYS A . n 
A 1 11  ARG 11  33  33  ARG ARG A . n 
A 1 12  TYR 12  34  34  TYR TYR A . n 
A 1 13  ALA 13  35  35  ALA ALA A . n 
A 1 14  GLY 14  36  36  GLY GLY A . n 
A 1 15  VAL 15  37  37  VAL VAL A . n 
A 1 16  PHE 16  38  38  PHE PHE A . n 
A 1 17  HIS 17  39  39  HIS HIS A . n 
A 1 18  VAL 18  40  40  VAL VAL A . n 
A 1 19  GLU 19  41  41  GLU GLU A . n 
A 1 20  LYS 20  42  42  LYS LYS A . n 
A 1 21  ASN 21  43  43  ASN ASN A . n 
A 1 22  GLY 22  44  44  GLY GLY A . n 
A 1 23  ARG 23  45  45  ARG ARG A . n 
A 1 24  TYR 24  46  46  TYR TYR A . n 
A 1 25  SER 25  47  47  SER SER A . n 
A 1 26  ILE 26  48  48  ILE ILE A . n 
A 1 27  SER 27  49  49  SER SER A . n 
A 1 28  ARG 28  50  50  ARG ARG A . n 
A 1 29  THR 29  51  51  THR THR A . n 
A 1 30  GLU 30  52  52  GLU GLU A . n 
A 1 31  ALA 31  53  53  ALA ALA A . n 
A 1 32  ALA 32  54  54  ALA ALA A . n 
A 1 33  ASP 33  55  55  ASP ASP A . n 
A 1 34  LEU 34  56  56  LEU LEU A . n 
A 1 35  CYS 35  57  57  CYS CYS A . n 
A 1 36  GLN 36  58  58  GLN GLN A . n 
A 1 37  ALA 37  59  59  ALA ALA A . n 
A 1 38  PHE 38  60  60  PHE PHE A . n 
A 1 39  ASN 39  61  61  ASN ASN A . n 
A 1 40  SER 40  62  62  SER SER A . n 
A 1 41  THR 41  63  63  THR THR A . n 
A 1 42  LEU 42  64  64  LEU LEU A . n 
A 1 43  PRO 43  65  65  PRO PRO A . n 
A 1 44  THR 44  66  66  THR THR A . n 
A 1 45  MET 45  67  67  MET MET A . n 
A 1 46  ASP 46  68  68  ASP ASP A . n 
A 1 47  GLN 47  69  69  GLN GLN A . n 
A 1 48  MET 48  70  70  MET MET A . n 
A 1 49  LYS 49  71  71  LYS LYS A . n 
A 1 50  LEU 50  72  72  LEU LEU A . n 
A 1 51  ALA 51  73  73  ALA ALA A . n 
A 1 52  LEU 52  74  74  LEU LEU A . n 
A 1 53  SER 53  75  75  SER SER A . n 
A 1 54  LYS 54  76  76  LYS LYS A . n 
A 1 55  GLY 55  77  77  GLY GLY A . n 
A 1 56  PHE 56  78  78  PHE PHE A . n 
A 1 57  GLU 57  79  79  GLU GLU A . n 
A 1 58  THR 58  80  80  THR THR A . n 
A 1 59  CYS 59  81  81  CYS CYS A . n 
A 1 60  ARG 60  82  82  ARG ARG A . n 
A 1 61  TYR 61  83  83  TYR TYR A . n 
A 1 62  GLY 62  84  84  GLY GLY A . n 
A 1 63  PHE 63  85  85  PHE PHE A . n 
A 1 64  ILE 64  86  86  ILE ILE A . n 
A 1 65  GLU 65  87  87  GLU GLU A . n 
A 1 66  GLY 66  88  88  GLY GLY A . n 
A 1 67  ASN 67  89  89  ASN ASN A . n 
A 1 68  VAL 68  90  90  VAL VAL A . n 
A 1 69  VAL 69  91  91  VAL VAL A . n 
A 1 70  ILE 70  92  92  ILE ILE A . n 
A 1 71  PRO 71  93  93  PRO PRO A . n 
A 1 72  ARG 72  94  94  ARG ARG A . n 
A 1 73  ILE 73  95  95  ILE ILE A . n 
A 1 74  HIS 74  96  96  HIS HIS A . n 
A 1 75  PRO 75  97  97  PRO PRO A . n 
A 1 76  ASN 76  98  98  ASN ASN A . n 
A 1 77  ALA 77  99  99  ALA ALA A . n 
A 1 78  ILE 78  100 100 ILE ILE A . n 
A 1 79  CYS 79  101 101 CYS CYS A . n 
A 1 80  ALA 80  102 102 ALA ALA A . n 
A 1 81  ALA 81  103 103 ALA ALA A . n 
A 1 82  ASN 82  104 104 ASN ASN A . n 
A 1 83  HIS 83  105 105 HIS HIS A . n 
A 1 84  THR 84  106 106 THR THR A . n 
A 1 85  GLY 85  107 107 GLY GLY A . n 
A 1 86  VAL 86  108 108 VAL VAL A . n 
A 1 87  TYR 87  109 109 TYR TYR A . n 
A 1 88  ILE 88  110 110 ILE ILE A . n 
A 1 89  LEU 89  111 111 LEU LEU A . n 
A 1 90  VAL 90  112 112 VAL VAL A . n 
A 1 91  THR 91  113 113 THR THR A . n 
A 1 92  SER 92  114 114 SER SER A . n 
A 1 93  ASN 93  115 115 ASN ASN A . n 
A 1 94  THR 94  116 116 THR THR A . n 
A 1 95  SER 95  117 117 SER SER A . n 
A 1 96  HIS 96  118 118 HIS HIS A . n 
A 1 97  TYR 97  119 119 TYR TYR A . n 
A 1 98  ASP 98  120 120 ASP ASP A . n 
A 1 99  THR 99  121 121 THR THR A . n 
A 1 100 TYR 100 122 122 TYR TYR A . n 
A 1 101 CYS 101 123 123 CYS CYS A . n 
A 1 102 PHE 102 124 124 PHE PHE A . n 
A 1 103 ASN 103 125 125 ASN ASN A . n 
A 1 104 ALA 104 126 126 ALA ALA A . n 
A 1 105 SER 105 127 127 SER SER A . n 
A 1 106 ALA 106 128 128 ALA ALA A . n 
A 1 107 PRO 107 129 129 PRO PRO A . n 
A 1 108 PRO 108 130 130 PRO PRO A . n 
A 1 109 GLU 109 131 131 GLU GLU A . n 
A 1 110 GLU 110 132 132 GLU GLU A . n 
A 1 111 ASP 111 133 133 ASP ASP A . n 
A 1 112 CYS 112 134 134 CYS CYS A . n 
A 1 113 THR 113 135 135 THR THR A . n 
A 1 114 SER 114 136 136 SER SER A . n 
A 1 115 VAL 115 137 137 VAL VAL A . n 
A 1 116 THR 116 138 138 THR THR A . n 
A 1 117 ASP 117 139 139 ASP ASP A . n 
A 1 118 LEU 118 140 140 LEU LEU A . n 
A 1 119 PRO 119 141 141 PRO PRO A . n 
A 1 120 ASN 120 142 142 ASN ASN A . n 
A 1 121 SER 121 143 143 SER SER A . n 
A 1 122 PHE 122 144 144 PHE PHE A . n 
A 1 123 ASP 123 145 145 ASP ASP A . n 
A 1 124 GLY 124 146 146 GLY GLY A . n 
A 1 125 PRO 125 147 147 PRO PRO A . n 
A 1 126 VAL 126 148 148 VAL VAL A . n 
A 1 127 THR 127 149 149 THR THR A . n 
A 1 128 ILE 128 150 150 ILE ILE A . n 
A 1 129 THR 129 151 151 THR THR A . n 
A 1 130 ILE 130 152 152 ILE ILE A . n 
A 1 131 VAL 131 153 153 VAL VAL A . n 
A 1 132 ASN 132 154 154 ASN ASN A . n 
A 1 133 ARG 133 155 155 ARG ARG A . n 
A 1 134 ASP 134 156 156 ASP ASP A . n 
A 1 135 GLY 135 157 157 GLY GLY A . n 
A 1 136 THR 136 158 158 THR THR A . n 
A 1 137 ARG 137 159 159 ARG ARG A . n 
A 1 138 TYR 138 160 160 TYR TYR A . n 
A 1 139 SER 139 161 161 SER SER A . n 
A 1 140 LYS 140 162 162 LYS LYS A . n 
A 1 141 LYS 141 163 163 LYS LYS A . n 
A 1 142 GLY 142 164 164 GLY GLY A . n 
A 1 143 GLU 143 165 165 GLU GLU A . n 
A 1 144 TYR 144 166 166 TYR TYR A . n 
A 1 145 ARG 145 167 167 ARG ARG A . n 
A 1 146 THR 146 168 168 THR THR A . n 
A 1 147 HIS 147 169 169 HIS HIS A . n 
A 1 148 GLN 148 170 170 GLN GLN A . n 
A 1 149 GLU 149 171 171 GLU GLU A . n 
A 1 150 ASP 150 172 172 ASP ASP A . n 
A 1 151 ILE 151 173 173 ILE ILE A . n 
# 
loop_
_pdbx_nonpoly_scheme.asym_id 
_pdbx_nonpoly_scheme.entity_id 
_pdbx_nonpoly_scheme.mon_id 
_pdbx_nonpoly_scheme.ndb_seq_num 
_pdbx_nonpoly_scheme.pdb_seq_num 
_pdbx_nonpoly_scheme.auth_seq_num 
_pdbx_nonpoly_scheme.pdb_mon_id 
_pdbx_nonpoly_scheme.auth_mon_id 
_pdbx_nonpoly_scheme.pdb_strand_id 
_pdbx_nonpoly_scheme.pdb_ins_code 
B 2 DMS 1  201 1  DMS DMS A . 
C 3 4WP 1  202 1  4WP DRG A . 
D 4 GOL 1  203 1  GOL GOL A . 
E 5 HOH 1  301 9  HOH HOH A . 
E 5 HOH 2  302 23 HOH HOH A . 
E 5 HOH 3  303 60 HOH HOH A . 
E 5 HOH 4  304 11 HOH HOH A . 
E 5 HOH 5  305 12 HOH HOH A . 
E 5 HOH 6  306 21 HOH HOH A . 
E 5 HOH 7  307 2  HOH HOH A . 
E 5 HOH 8  308 67 HOH HOH A . 
E 5 HOH 9  309 18 HOH HOH A . 
E 5 HOH 10 310 15 HOH HOH A . 
E 5 HOH 11 311 47 HOH HOH A . 
E 5 HOH 12 312 55 HOH HOH A . 
E 5 HOH 13 313 32 HOH HOH A . 
E 5 HOH 14 314 3  HOH HOH A . 
E 5 HOH 15 315 41 HOH HOH A . 
E 5 HOH 16 316 65 HOH HOH A . 
E 5 HOH 17 317 13 HOH HOH A . 
E 5 HOH 18 318 8  HOH HOH A . 
E 5 HOH 19 319 54 HOH HOH A . 
E 5 HOH 20 320 58 HOH HOH A . 
E 5 HOH 21 321 1  HOH HOH A . 
E 5 HOH 22 322 5  HOH HOH A . 
E 5 HOH 23 323 36 HOH HOH A . 
E 5 HOH 24 324 43 HOH HOH A . 
E 5 HOH 25 325 34 HOH HOH A . 
E 5 HOH 26 326 71 HOH HOH A . 
E 5 HOH 27 327 50 HOH HOH A . 
E 5 HOH 28 328 28 HOH HOH A . 
E 5 HOH 29 329 17 HOH HOH A . 
E 5 HOH 30 330 22 HOH HOH A . 
E 5 HOH 31 331 7  HOH HOH A . 
E 5 HOH 32 332 6  HOH HOH A . 
E 5 HOH 33 333 42 HOH HOH A . 
E 5 HOH 34 334 4  HOH HOH A . 
E 5 HOH 35 335 44 HOH HOH A . 
E 5 HOH 36 336 49 HOH HOH A . 
E 5 HOH 37 337 70 HOH HOH A . 
E 5 HOH 38 338 16 HOH HOH A . 
E 5 HOH 39 339 53 HOH HOH A . 
E 5 HOH 40 340 59 HOH HOH A . 
E 5 HOH 41 341 69 HOH HOH A . 
E 5 HOH 42 342 39 HOH HOH A . 
E 5 HOH 43 343 46 HOH HOH A . 
E 5 HOH 44 344 57 HOH HOH A . 
E 5 HOH 45 345 35 HOH HOH A . 
E 5 HOH 46 346 45 HOH HOH A . 
E 5 HOH 47 347 63 HOH HOH A . 
E 5 HOH 48 348 10 HOH HOH A . 
E 5 HOH 49 349 30 HOH HOH A . 
E 5 HOH 50 350 14 HOH HOH A . 
E 5 HOH 51 351 29 HOH HOH A . 
E 5 HOH 52 352 38 HOH HOH A . 
E 5 HOH 53 353 19 HOH HOH A . 
E 5 HOH 54 354 25 HOH HOH A . 
E 5 HOH 55 355 33 HOH HOH A . 
E 5 HOH 56 356 31 HOH HOH A . 
E 5 HOH 57 357 20 HOH HOH A . 
E 5 HOH 58 358 27 HOH HOH A . 
E 5 HOH 59 359 62 HOH HOH A . 
E 5 HOH 60 360 37 HOH HOH A . 
E 5 HOH 61 361 51 HOH HOH A . 
E 5 HOH 62 362 61 HOH HOH A . 
E 5 HOH 63 363 24 HOH HOH A . 
E 5 HOH 64 364 64 HOH HOH A . 
E 5 HOH 65 365 48 HOH HOH A . 
E 5 HOH 66 366 68 HOH HOH A . 
E 5 HOH 67 367 40 HOH HOH A . 
E 5 HOH 68 368 56 HOH HOH A . 
E 5 HOH 69 369 26 HOH HOH A . 
E 5 HOH 70 370 66 HOH HOH A . 
E 5 HOH 71 371 52 HOH HOH A . 
# 
loop_
_software.citation_id 
_software.classification 
_software.compiler_name 
_software.compiler_version 
_software.contact_author 
_software.contact_author_email 
_software.date 
_software.description 
_software.dependencies 
_software.hardware 
_software.language 
_software.location 
_software.mods 
_software.name 
_software.os 
_software.os_version 
_software.type 
_software.version 
_software.pdbx_ordinal 
? 'data scaling'    ? ? ? ? ? ? ? ? ? ? ? SCALA       ? ? ? .     1 
? phasing           ? ? ? ? ? ? ? ? ? ? ? PHASER      ? ? ? 2.1.4 2 
? refinement        ? ? ? ? ? ? ? ? ? ? ? REFMAC      ? ? ? .     3 
? 'data extraction' ? ? ? ? ? ? ? ? ? ? ? PDB_EXTRACT ? ? ? 3.15  4 
# 
_cell.angle_alpha                  90.000 
_cell.angle_alpha_esd              ? 
_cell.angle_beta                   118.140 
_cell.angle_beta_esd               ? 
_cell.angle_gamma                  90.000 
_cell.angle_gamma_esd              ? 
_cell.entry_id                     5BZK 
_cell.details                      ? 
_cell.formula_units_Z              ? 
_cell.length_a                     30.804 
_cell.length_a_esd                 ? 
_cell.length_b                     81.745 
_cell.length_b_esd                 ? 
_cell.length_c                     32.279 
_cell.length_c_esd                 ? 
_cell.volume                       ? 
_cell.volume_esd                   ? 
_cell.Z_PDB                        2 
_cell.reciprocal_angle_alpha       ? 
_cell.reciprocal_angle_beta        ? 
_cell.reciprocal_angle_gamma       ? 
_cell.reciprocal_angle_alpha_esd   ? 
_cell.reciprocal_angle_beta_esd    ? 
_cell.reciprocal_angle_gamma_esd   ? 
_cell.reciprocal_length_a          ? 
_cell.reciprocal_length_b          ? 
_cell.reciprocal_length_c          ? 
_cell.reciprocal_length_a_esd      ? 
_cell.reciprocal_length_b_esd      ? 
_cell.reciprocal_length_c_esd      ? 
_cell.pdbx_unique_axis             ? 
# 
_symmetry.entry_id                         5BZK 
_symmetry.cell_setting                     ? 
_symmetry.Int_Tables_number                4 
_symmetry.space_group_name_Hall            ? 
_symmetry.space_group_name_H-M             'P 1 21 1' 
_symmetry.pdbx_full_space_group_name_H-M   ? 
# 
_exptl.absorpt_coefficient_mu     ? 
_exptl.absorpt_correction_T_max   ? 
_exptl.absorpt_correction_T_min   ? 
_exptl.absorpt_correction_type    ? 
_exptl.absorpt_process_details    ? 
_exptl.entry_id                   5BZK 
_exptl.crystals_number            1 
_exptl.details                    ? 
_exptl.method                     'X-RAY DIFFRACTION' 
_exptl.method_details             ? 
# 
_exptl_crystal.colour                      ? 
_exptl_crystal.density_diffrn              ? 
_exptl_crystal.density_Matthews            2.14 
_exptl_crystal.density_method              ? 
_exptl_crystal.density_percent_sol         42.60 
_exptl_crystal.description                 ? 
_exptl_crystal.F_000                       ? 
_exptl_crystal.id                          1 
_exptl_crystal.preparation                 ? 
_exptl_crystal.size_max                    ? 
_exptl_crystal.size_mid                    ? 
_exptl_crystal.size_min                    ? 
_exptl_crystal.size_rad                    ? 
_exptl_crystal.colour_lustre               ? 
_exptl_crystal.colour_modifier             ? 
_exptl_crystal.colour_primary              ? 
_exptl_crystal.density_meas                ? 
_exptl_crystal.density_meas_esd            ? 
_exptl_crystal.density_meas_gt             ? 
_exptl_crystal.density_meas_lt             ? 
_exptl_crystal.density_meas_temp           ? 
_exptl_crystal.density_meas_temp_esd       ? 
_exptl_crystal.density_meas_temp_gt        ? 
_exptl_crystal.density_meas_temp_lt        ? 
_exptl_crystal.pdbx_crystal_image_url      ? 
_exptl_crystal.pdbx_crystal_image_format   ? 
_exptl_crystal.pdbx_mosaicity              ? 
_exptl_crystal.pdbx_mosaicity_esd          ? 
# 
_exptl_crystal_grow.apparatus       ? 
_exptl_crystal_grow.atmosphere      ? 
_exptl_crystal_grow.crystal_id      1 
_exptl_crystal_grow.details         ? 
_exptl_crystal_grow.method          'VAPOR DIFFUSION, HANGING DROP' 
_exptl_crystal_grow.method_ref      ? 
_exptl_crystal_grow.pH              6.5 
_exptl_crystal_grow.pressure        ? 
_exptl_crystal_grow.pressure_esd    ? 
_exptl_crystal_grow.seeding         ? 
_exptl_crystal_grow.seeding_ref     ? 
_exptl_crystal_grow.temp            298 
_exptl_crystal_grow.temp_details    ? 
_exptl_crystal_grow.temp_esd        ? 
_exptl_crystal_grow.time            ? 
_exptl_crystal_grow.pdbx_details    'EG MME 5000, MES, (NH4)2SO4' 
_exptl_crystal_grow.pdbx_pH_range   ? 
# 
_diffrn.ambient_environment    ? 
_diffrn.ambient_temp           100 
_diffrn.ambient_temp_details   ? 
_diffrn.ambient_temp_esd       ? 
_diffrn.crystal_id             1 
_diffrn.crystal_support        ? 
_diffrn.crystal_treatment      ? 
_diffrn.details                ? 
_diffrn.id                     1 
_diffrn.ambient_pressure       ? 
_diffrn.ambient_pressure_esd   ? 
_diffrn.ambient_pressure_gt    ? 
_diffrn.ambient_pressure_lt    ? 
_diffrn.ambient_temp_gt        ? 
_diffrn.ambient_temp_lt        ? 
# 
_diffrn_detector.details                      ? 
_diffrn_detector.detector                     PIXEL 
_diffrn_detector.diffrn_id                    1 
_diffrn_detector.type                         'DECTRIS PILATUS 6M' 
_diffrn_detector.area_resol_mean              ? 
_diffrn_detector.dtime                        ? 
_diffrn_detector.pdbx_frames_total            ? 
_diffrn_detector.pdbx_collection_time_total   ? 
_diffrn_detector.pdbx_collection_date         2013-03-16 
# 
_diffrn_radiation.collimation                      ? 
_diffrn_radiation.diffrn_id                        1 
_diffrn_radiation.filter_edge                      ? 
_diffrn_radiation.inhomogeneity                    ? 
_diffrn_radiation.monochromator                    ? 
_diffrn_radiation.polarisn_norm                    ? 
_diffrn_radiation.polarisn_ratio                   ? 
_diffrn_radiation.probe                            ? 
_diffrn_radiation.type                             ? 
_diffrn_radiation.xray_symbol                      ? 
_diffrn_radiation.wavelength_id                    1 
_diffrn_radiation.pdbx_monochromatic_or_laue_m_l   M 
_diffrn_radiation.pdbx_wavelength_list             ? 
_diffrn_radiation.pdbx_wavelength                  ? 
_diffrn_radiation.pdbx_diffrn_protocol             'SINGLE WAVELENGTH' 
_diffrn_radiation.pdbx_analyzer                    ? 
_diffrn_radiation.pdbx_scattering_type             x-ray 
# 
_diffrn_radiation_wavelength.id           1 
_diffrn_radiation_wavelength.wavelength   1.0 
_diffrn_radiation_wavelength.wt           1.0 
# 
_diffrn_source.current                     ? 
_diffrn_source.details                     ? 
_diffrn_source.diffrn_id                   1 
_diffrn_source.power                       ? 
_diffrn_source.size                        ? 
_diffrn_source.source                      SYNCHROTRON 
_diffrn_source.target                      ? 
_diffrn_source.type                        'APS BEAMLINE 17-ID' 
_diffrn_source.voltage                     ? 
_diffrn_source.take-off_angle              ? 
_diffrn_source.pdbx_wavelength_list        1.0 
_diffrn_source.pdbx_wavelength             ? 
_diffrn_source.pdbx_synchrotron_beamline   17-ID 
_diffrn_source.pdbx_synchrotron_site       APS 
# 
_reflns.B_iso_Wilson_estimate            ? 
_reflns.entry_id                         5BZK 
_reflns.data_reduction_details           ? 
_reflns.data_reduction_method            ? 
_reflns.d_resolution_high                1.400 
_reflns.d_resolution_low                 81.745 
_reflns.details                          ? 
_reflns.limit_h_max                      ? 
_reflns.limit_h_min                      ? 
_reflns.limit_k_max                      ? 
_reflns.limit_k_min                      ? 
_reflns.limit_l_max                      ? 
_reflns.limit_l_min                      ? 
_reflns.number_all                       ? 
_reflns.number_obs                       26772 
_reflns.observed_criterion               ? 
_reflns.observed_criterion_F_max         ? 
_reflns.observed_criterion_F_min         ? 
_reflns.observed_criterion_I_max         ? 
_reflns.observed_criterion_I_min         ? 
_reflns.observed_criterion_sigma_F       ? 
_reflns.observed_criterion_sigma_I       ? 
_reflns.percent_possible_obs             96.700 
_reflns.R_free_details                   ? 
_reflns.Rmerge_F_all                     ? 
_reflns.Rmerge_F_obs                     ? 
_reflns.Friedel_coverage                 ? 
_reflns.number_gt                        ? 
_reflns.threshold_expression             ? 
_reflns.pdbx_redundancy                  3.300 
_reflns.pdbx_Rmerge_I_obs                0.072 
_reflns.pdbx_Rmerge_I_all                ? 
_reflns.pdbx_Rsym_value                  ? 
_reflns.pdbx_netI_over_av_sigmaI         ? 
_reflns.pdbx_netI_over_sigmaI            11.900 
_reflns.pdbx_res_netI_over_av_sigmaI_2   ? 
_reflns.pdbx_res_netI_over_sigmaI_2      ? 
_reflns.pdbx_chi_squared                 ? 
_reflns.pdbx_scaling_rejects             ? 
_reflns.pdbx_d_res_high_opt              ? 
_reflns.pdbx_d_res_low_opt               ? 
_reflns.pdbx_d_res_opt_method            ? 
_reflns.phase_calculation_details        ? 
_reflns.pdbx_Rrim_I_all                  ? 
_reflns.pdbx_Rpim_I_all                  ? 
_reflns.pdbx_d_opt                       ? 
_reflns.pdbx_number_measured_all         88448 
_reflns.pdbx_diffrn_id                   1 
_reflns.pdbx_ordinal                     1 
_reflns.pdbx_CC_half                     ? 
_reflns.pdbx_R_split                     ? 
# 
loop_
_reflns_shell.d_res_high 
_reflns_shell.d_res_low 
_reflns_shell.meanI_over_sigI_all 
_reflns_shell.meanI_over_sigI_obs 
_reflns_shell.number_measured_all 
_reflns_shell.number_measured_obs 
_reflns_shell.number_possible 
_reflns_shell.number_unique_all 
_reflns_shell.number_unique_obs 
_reflns_shell.percent_possible_all 
_reflns_shell.percent_possible_obs 
_reflns_shell.Rmerge_F_all 
_reflns_shell.Rmerge_F_obs 
_reflns_shell.Rmerge_I_all 
_reflns_shell.Rmerge_I_obs 
_reflns_shell.meanI_over_sigI_gt 
_reflns_shell.meanI_over_uI_all 
_reflns_shell.meanI_over_uI_gt 
_reflns_shell.number_measured_gt 
_reflns_shell.number_unique_gt 
_reflns_shell.percent_possible_gt 
_reflns_shell.Rmerge_F_gt 
_reflns_shell.Rmerge_I_gt 
_reflns_shell.pdbx_redundancy 
_reflns_shell.pdbx_Rsym_value 
_reflns_shell.pdbx_chi_squared 
_reflns_shell.pdbx_netI_over_sigmaI_all 
_reflns_shell.pdbx_netI_over_sigmaI_obs 
_reflns_shell.pdbx_Rrim_I_all 
_reflns_shell.pdbx_Rpim_I_all 
_reflns_shell.pdbx_rejects 
_reflns_shell.pdbx_ordinal 
_reflns_shell.pdbx_diffrn_id 
_reflns_shell.pdbx_CC_half 
_reflns_shell.pdbx_R_split 
1.400 1.405  ? ? 812 ? ? 246 ? 92.800 ? ? ? ? 0.433 ? ? ? ? ? ? ? ? 3.300 ? ? ? ? ? ? 0 1 1 ? ? 
6.497 81.745 ? ? 842 ? ? 273 ? 95.500 ? ? ? ? 0.038 ? ? ? ? ? ? ? ? 3.100 ? ? ? ? ? ? 0 2 1 ? ? 
# 
_refine.aniso_B[1][1]                            -0.3000 
_refine.aniso_B[1][2]                            -0.0000 
_refine.aniso_B[1][3]                            -0.3900 
_refine.aniso_B[2][2]                            0.0700 
_refine.aniso_B[2][3]                            0.0000 
_refine.aniso_B[3][3]                            -0.1300 
_refine.B_iso_max                                42.650 
_refine.B_iso_mean                               14.0020 
_refine.B_iso_min                                3.700 
_refine.correlation_coeff_Fo_to_Fc               0.9580 
_refine.correlation_coeff_Fo_to_Fc_free          0.9440 
_refine.details                                  
'HYDROGENS HAVE BEEN ADDED IN THE RIDING POSITIONS U VALUES      : REFINED INDIVIDUALLY' 
_refine.diff_density_max                         ? 
_refine.diff_density_max_esd                     ? 
_refine.diff_density_min                         ? 
_refine.diff_density_min_esd                     ? 
_refine.diff_density_rms                         ? 
_refine.diff_density_rms_esd                     ? 
_refine.entry_id                                 5BZK 
_refine.pdbx_refine_id                           'X-RAY DIFFRACTION' 
_refine.ls_abs_structure_details                 ? 
_refine.ls_abs_structure_Flack                   ? 
_refine.ls_abs_structure_Flack_esd               ? 
_refine.ls_abs_structure_Rogers                  ? 
_refine.ls_abs_structure_Rogers_esd              ? 
_refine.ls_d_res_high                            1.4000 
_refine.ls_d_res_low                             40.8700 
_refine.ls_extinction_coef                       ? 
_refine.ls_extinction_coef_esd                   ? 
_refine.ls_extinction_expression                 ? 
_refine.ls_extinction_method                     ? 
_refine.ls_goodness_of_fit_all                   ? 
_refine.ls_goodness_of_fit_all_esd               ? 
_refine.ls_goodness_of_fit_obs                   ? 
_refine.ls_goodness_of_fit_obs_esd               ? 
_refine.ls_hydrogen_treatment                    ? 
_refine.ls_matrix_type                           ? 
_refine.ls_number_constraints                    ? 
_refine.ls_number_parameters                     ? 
_refine.ls_number_reflns_all                     ? 
_refine.ls_number_reflns_obs                     25382 
_refine.ls_number_reflns_R_free                  1327 
_refine.ls_number_reflns_R_work                  ? 
_refine.ls_number_restraints                     ? 
_refine.ls_percent_reflns_obs                    96.6200 
_refine.ls_percent_reflns_R_free                 5.0000 
_refine.ls_R_factor_all                          ? 
_refine.ls_R_factor_obs                          0.1885 
_refine.ls_R_factor_R_free                       0.2086 
_refine.ls_R_factor_R_free_error                 ? 
_refine.ls_R_factor_R_free_error_details         ? 
_refine.ls_R_factor_R_work                       0.1875 
_refine.ls_R_Fsqd_factor_obs                     ? 
_refine.ls_R_I_factor_obs                        ? 
_refine.ls_redundancy_reflns_all                 ? 
_refine.ls_redundancy_reflns_obs                 ? 
_refine.ls_restrained_S_all                      ? 
_refine.ls_restrained_S_obs                      ? 
_refine.ls_shift_over_esd_max                    ? 
_refine.ls_shift_over_esd_mean                   ? 
_refine.ls_structure_factor_coef                 ? 
_refine.ls_weighting_details                     ? 
_refine.ls_weighting_scheme                      ? 
_refine.ls_wR_factor_all                         ? 
_refine.ls_wR_factor_obs                         ? 
_refine.ls_wR_factor_R_free                      0.2080 
_refine.ls_wR_factor_R_work                      0.1891 
_refine.occupancy_max                            ? 
_refine.occupancy_min                            ? 
_refine.solvent_model_details                    MASK 
_refine.solvent_model_param_bsol                 ? 
_refine.solvent_model_param_ksol                 ? 
_refine.ls_R_factor_gt                           ? 
_refine.ls_goodness_of_fit_gt                    ? 
_refine.ls_goodness_of_fit_ref                   ? 
_refine.ls_shift_over_su_max                     ? 
_refine.ls_shift_over_su_max_lt                  ? 
_refine.ls_shift_over_su_mean                    ? 
_refine.ls_shift_over_su_mean_lt                 ? 
_refine.pdbx_ls_sigma_I                          ? 
_refine.pdbx_ls_sigma_F                          0.000 
_refine.pdbx_ls_sigma_Fsqd                       ? 
_refine.pdbx_data_cutoff_high_absF               ? 
_refine.pdbx_data_cutoff_high_rms_absF           ? 
_refine.pdbx_data_cutoff_low_absF                ? 
_refine.pdbx_isotropic_thermal_model             ? 
_refine.pdbx_ls_cross_valid_method               THROUGHOUT 
_refine.pdbx_method_to_determine_struct          'MOLECULAR REPLACEMENT' 
_refine.pdbx_starting_model                      ? 
_refine.pdbx_stereochemistry_target_values       'MAXIMUM LIKELIHOOD' 
_refine.pdbx_R_Free_selection_details            RANDOM 
_refine.pdbx_stereochem_target_val_spec_case     ? 
_refine.pdbx_overall_ESU_R                       0.0700 
_refine.pdbx_overall_ESU_R_Free                  0.0700 
_refine.pdbx_solvent_vdw_probe_radii             1.4000 
_refine.pdbx_solvent_ion_probe_radii             0.8000 
_refine.pdbx_solvent_shrinkage_radii             0.8000 
_refine.pdbx_real_space_R                        ? 
_refine.pdbx_density_correlation                 ? 
_refine.pdbx_pd_number_of_powder_patterns        ? 
_refine.pdbx_pd_number_of_points                 ? 
_refine.pdbx_pd_meas_number_of_points            ? 
_refine.pdbx_pd_proc_ls_prof_R_factor            ? 
_refine.pdbx_pd_proc_ls_prof_wR_factor           ? 
_refine.pdbx_pd_Marquardt_correlation_coeff      ? 
_refine.pdbx_pd_Fsqrd_R_factor                   ? 
_refine.pdbx_pd_ls_matrix_band_width             ? 
_refine.pdbx_overall_phase_error                 ? 
_refine.pdbx_overall_SU_R_free_Cruickshank_DPI   ? 
_refine.pdbx_overall_SU_R_free_Blow_DPI          ? 
_refine.pdbx_overall_SU_R_Blow_DPI               ? 
_refine.pdbx_TLS_residual_ADP_flag               ? 
_refine.pdbx_diffrn_id                           1 
_refine.overall_SU_B                             1.1440 
_refine.overall_SU_ML                            0.0460 
_refine.overall_SU_R_Cruickshank_DPI             0.0705 
_refine.overall_SU_R_free                        0.0695 
_refine.overall_FOM_free_R_set                   ? 
_refine.overall_FOM_work_R_set                   0.8717 
_refine.pdbx_average_fsc_overall                 ? 
_refine.pdbx_average_fsc_work                    ? 
_refine.pdbx_average_fsc_free                    ? 
# 
_refine_hist.cycle_id                         final 
_refine_hist.pdbx_refine_id                   'X-RAY DIFFRACTION' 
_refine_hist.d_res_high                       1.4000 
_refine_hist.d_res_low                        40.8700 
_refine_hist.pdbx_number_atoms_ligand         26 
_refine_hist.number_atoms_solvent             71 
_refine_hist.number_atoms_total               1268 
_refine_hist.pdbx_number_residues_total       150 
_refine_hist.pdbx_B_iso_mean_ligand           25.90 
_refine_hist.pdbx_B_iso_mean_solvent          21.29 
_refine_hist.pdbx_number_atoms_protein        1171 
_refine_hist.pdbx_number_atoms_nucleic_acid   0 
# 
loop_
_refine_ls_restr.pdbx_refine_id 
_refine_ls_restr.criterion 
_refine_ls_restr.dev_ideal 
_refine_ls_restr.dev_ideal_target 
_refine_ls_restr.number 
_refine_ls_restr.rejects 
_refine_ls_restr.type 
_refine_ls_restr.weight 
_refine_ls_restr.pdbx_restraint_function 
'X-RAY DIFFRACTION' ? 0.013  0.021  1325 ? r_bond_refined_d       ? ? 
'X-RAY DIFFRACTION' ? 1.503  1.954  1816 ? r_angle_refined_deg    ? ? 
'X-RAY DIFFRACTION' ? 6.843  5.000  170  ? r_dihedral_angle_1_deg ? ? 
'X-RAY DIFFRACTION' ? 35.048 24.000 65   ? r_dihedral_angle_2_deg ? ? 
'X-RAY DIFFRACTION' ? 11.524 15.000 207  ? r_dihedral_angle_3_deg ? ? 
'X-RAY DIFFRACTION' ? 19.306 15.000 10   ? r_dihedral_angle_4_deg ? ? 
'X-RAY DIFFRACTION' ? 0.103  0.200  198  ? r_chiral_restr         ? ? 
'X-RAY DIFFRACTION' ? 0.008  0.021  1054 ? r_gen_planes_refined   ? ? 
'X-RAY DIFFRACTION' ? 0.977  1.500  813  ? r_mcbond_it            ? ? 
'X-RAY DIFFRACTION' ? 1.768  2.000  1339 ? r_mcangle_it           ? ? 
'X-RAY DIFFRACTION' ? 2.779  3.000  512  ? r_scbond_it            ? ? 
'X-RAY DIFFRACTION' ? 4.467  4.500  477  ? r_scangle_it           ? ? 
# 
_refine_ls_shell.pdbx_refine_id                   'X-RAY DIFFRACTION' 
_refine_ls_shell.d_res_high                       1.4000 
_refine_ls_shell.d_res_low                        1.4360 
_refine_ls_shell.number_reflns_all                1889 
_refine_ls_shell.number_reflns_obs                ? 
_refine_ls_shell.number_reflns_R_free             91 
_refine_ls_shell.number_reflns_R_work             1798 
_refine_ls_shell.percent_reflns_obs               96.3300 
_refine_ls_shell.percent_reflns_R_free            ? 
_refine_ls_shell.R_factor_all                     ? 
_refine_ls_shell.R_factor_obs                     ? 
_refine_ls_shell.R_factor_R_free                  0.3530 
_refine_ls_shell.R_factor_R_free_error            ? 
_refine_ls_shell.R_factor_R_work                  0.3400 
_refine_ls_shell.redundancy_reflns_all            ? 
_refine_ls_shell.redundancy_reflns_obs            ? 
_refine_ls_shell.wR_factor_all                    ? 
_refine_ls_shell.wR_factor_obs                    ? 
_refine_ls_shell.wR_factor_R_free                 ? 
_refine_ls_shell.wR_factor_R_work                 ? 
_refine_ls_shell.pdbx_total_number_of_bins_used   20 
_refine_ls_shell.pdbx_phase_error                 ? 
_refine_ls_shell.pdbx_fsc_work                    ? 
_refine_ls_shell.pdbx_fsc_free                    ? 
# 
_struct.entry_id                     5BZK 
_struct.title                        'Crystal structure of the murine cd44 hyaluronan binding domain complex with a small molecule' 
_struct.pdbx_model_details           ? 
_struct.pdbx_formula_weight          ? 
_struct.pdbx_formula_weight_method   ? 
_struct.pdbx_model_type_details      ? 
_struct.pdbx_CASP_flag               ? 
# 
_struct_keywords.entry_id        5BZK 
_struct_keywords.text            'Link module, PROTEIN BINDING' 
_struct_keywords.pdbx_keywords   'PROTEIN BINDING' 
# 
loop_
_struct_asym.id 
_struct_asym.pdbx_blank_PDB_chainid_flag 
_struct_asym.pdbx_modified 
_struct_asym.entity_id 
_struct_asym.details 
A N N 1 ? 
B N N 2 ? 
C N N 3 ? 
D N N 4 ? 
E N N 5 ? 
# 
_struct_ref.id                         1 
_struct_ref.db_name                    UNP 
_struct_ref.db_code                    CD44_MOUSE 
_struct_ref.pdbx_db_accession          P15379 
_struct_ref.pdbx_db_isoform            ? 
_struct_ref.entity_id                  1 
_struct_ref.pdbx_seq_one_letter_code   
;HQQIDLNVTCRYAGVFHVEKNGRYSISRTEAADLCQAFNSTLPTMDQMKLALSKGFETCRYGFIEGNVVIPRIHPNAICA
ANHTGVYILVTSNTSHYDTYCFNASAPPEEDCTSVTDLPNSFDGPVTITIVNRDGTRYSKKGEYRTHQEDI
;
_struct_ref.pdbx_align_begin           21 
# 
_struct_ref_seq.align_id                      1 
_struct_ref_seq.ref_id                        1 
_struct_ref_seq.pdbx_PDB_id_code              5BZK 
_struct_ref_seq.pdbx_strand_id                A 
_struct_ref_seq.seq_align_beg                 1 
_struct_ref_seq.pdbx_seq_align_beg_ins_code   ? 
_struct_ref_seq.seq_align_end                 151 
_struct_ref_seq.pdbx_seq_align_end_ins_code   ? 
_struct_ref_seq.pdbx_db_accession             P15379 
_struct_ref_seq.db_align_beg                  21 
_struct_ref_seq.pdbx_db_align_beg_ins_code    ? 
_struct_ref_seq.db_align_end                  171 
_struct_ref_seq.pdbx_db_align_end_ins_code    ? 
_struct_ref_seq.pdbx_auth_seq_align_beg       23 
_struct_ref_seq.pdbx_auth_seq_align_end       173 
# 
loop_
_struct_ref_seq_dif.align_id 
_struct_ref_seq_dif.pdbx_pdb_id_code 
_struct_ref_seq_dif.mon_id 
_struct_ref_seq_dif.pdbx_pdb_strand_id 
_struct_ref_seq_dif.seq_num 
_struct_ref_seq_dif.pdbx_pdb_ins_code 
_struct_ref_seq_dif.pdbx_seq_db_name 
_struct_ref_seq_dif.pdbx_seq_db_accession_code 
_struct_ref_seq_dif.db_mon_id 
_struct_ref_seq_dif.pdbx_seq_db_seq_num 
_struct_ref_seq_dif.details 
_struct_ref_seq_dif.pdbx_auth_seq_num 
_struct_ref_seq_dif.pdbx_ordinal 
1 5BZK MET A 1 ? UNP P15379 HIS 21 'engineered mutation' 23 1 
1 5BZK ASN A 2 ? UNP P15379 GLN 22 'engineered mutation' 24 2 
# 
_pdbx_struct_assembly.id                   1 
_pdbx_struct_assembly.details              author_and_software_defined_assembly 
_pdbx_struct_assembly.method_details       PISA 
_pdbx_struct_assembly.oligomeric_details   monomeric 
_pdbx_struct_assembly.oligomeric_count     1 
# 
_pdbx_struct_assembly_gen.assembly_id       1 
_pdbx_struct_assembly_gen.oper_expression   1 
_pdbx_struct_assembly_gen.asym_id_list      A,B,C,D,E 
# 
_pdbx_struct_oper_list.id                   1 
_pdbx_struct_oper_list.type                 'identity operation' 
_pdbx_struct_oper_list.name                 1_555 
_pdbx_struct_oper_list.symmetry_operation   x,y,z 
_pdbx_struct_oper_list.matrix[1][1]         1.0000000000 
_pdbx_struct_oper_list.matrix[1][2]         0.0000000000 
_pdbx_struct_oper_list.matrix[1][3]         0.0000000000 
_pdbx_struct_oper_list.vector[1]            0.0000000000 
_pdbx_struct_oper_list.matrix[2][1]         0.0000000000 
_pdbx_struct_oper_list.matrix[2][2]         1.0000000000 
_pdbx_struct_oper_list.matrix[2][3]         0.0000000000 
_pdbx_struct_oper_list.vector[2]            0.0000000000 
_pdbx_struct_oper_list.matrix[3][1]         0.0000000000 
_pdbx_struct_oper_list.matrix[3][2]         0.0000000000 
_pdbx_struct_oper_list.matrix[3][3]         1.0000000000 
_pdbx_struct_oper_list.vector[3]            0.0000000000 
# 
loop_
_struct_conf.conf_type_id 
_struct_conf.id 
_struct_conf.pdbx_PDB_helix_id 
_struct_conf.beg_label_comp_id 
_struct_conf.beg_label_asym_id 
_struct_conf.beg_label_seq_id 
_struct_conf.pdbx_beg_PDB_ins_code 
_struct_conf.end_label_comp_id 
_struct_conf.end_label_asym_id 
_struct_conf.end_label_seq_id 
_struct_conf.pdbx_end_PDB_ins_code 
_struct_conf.beg_auth_comp_id 
_struct_conf.beg_auth_asym_id 
_struct_conf.beg_auth_seq_id 
_struct_conf.end_auth_comp_id 
_struct_conf.end_auth_asym_id 
_struct_conf.end_auth_seq_id 
_struct_conf.pdbx_PDB_helix_class 
_struct_conf.details 
_struct_conf.pdbx_PDB_helix_length 
HELX_P HELX_P1 AA1 SER A 27  ? PHE A 38  ? SER A 49  PHE A 60  1 ? 12 
HELX_P HELX_P2 AA2 THR A 44  ? LYS A 54  ? THR A 66  LYS A 76  1 ? 11 
HELX_P HELX_P3 AA3 CYS A 79  ? HIS A 83  ? CYS A 101 HIS A 105 5 ? 5  
HELX_P HELX_P4 AA4 HIS A 147 ? ILE A 151 ? HIS A 169 ILE A 173 5 ? 5  
# 
_struct_conf_type.id          HELX_P 
_struct_conf_type.criteria    ? 
_struct_conf_type.reference   ? 
# 
loop_
_struct_conn.id 
_struct_conn.conn_type_id 
_struct_conn.pdbx_leaving_atom_flag 
_struct_conn.pdbx_PDB_id 
_struct_conn.ptnr1_label_asym_id 
_struct_conn.ptnr1_label_comp_id 
_struct_conn.ptnr1_label_seq_id 
_struct_conn.ptnr1_label_atom_id 
_struct_conn.pdbx_ptnr1_label_alt_id 
_struct_conn.pdbx_ptnr1_PDB_ins_code 
_struct_conn.pdbx_ptnr1_standard_comp_id 
_struct_conn.ptnr1_symmetry 
_struct_conn.ptnr2_label_asym_id 
_struct_conn.ptnr2_label_comp_id 
_struct_conn.ptnr2_label_seq_id 
_struct_conn.ptnr2_label_atom_id 
_struct_conn.pdbx_ptnr2_label_alt_id 
_struct_conn.pdbx_ptnr2_PDB_ins_code 
_struct_conn.ptnr1_auth_asym_id 
_struct_conn.ptnr1_auth_comp_id 
_struct_conn.ptnr1_auth_seq_id 
_struct_conn.ptnr2_auth_asym_id 
_struct_conn.ptnr2_auth_comp_id 
_struct_conn.ptnr2_auth_seq_id 
_struct_conn.ptnr2_symmetry 
_struct_conn.pdbx_ptnr3_label_atom_id 
_struct_conn.pdbx_ptnr3_label_seq_id 
_struct_conn.pdbx_ptnr3_label_comp_id 
_struct_conn.pdbx_ptnr3_label_asym_id 
_struct_conn.pdbx_ptnr3_label_alt_id 
_struct_conn.pdbx_ptnr3_PDB_ins_code 
_struct_conn.details 
_struct_conn.pdbx_dist_value 
_struct_conn.pdbx_value_order 
_struct_conn.pdbx_role 
disulf1 disulf ? ? A CYS 10 SG ? ? ? 1_555 A CYS 112 SG ? ? A CYS 32 A CYS 134 1_555 ? ? ? ? ? ? ? 2.085 ? ? 
disulf2 disulf ? ? A CYS 35 SG ? ? ? 1_555 A CYS 101 SG ? ? A CYS 57 A CYS 123 1_555 ? ? ? ? ? ? ? 2.110 ? ? 
disulf3 disulf ? ? A CYS 59 SG ? ? ? 1_555 A CYS 79  SG ? ? A CYS 81 A CYS 101 1_555 ? ? ? ? ? ? ? 2.047 ? ? 
# 
_struct_conn_type.id          disulf 
_struct_conn_type.criteria    ? 
_struct_conn_type.reference   ? 
# 
loop_
_pdbx_modification_feature.ordinal 
_pdbx_modification_feature.label_comp_id 
_pdbx_modification_feature.label_asym_id 
_pdbx_modification_feature.label_seq_id 
_pdbx_modification_feature.label_alt_id 
_pdbx_modification_feature.modified_residue_label_comp_id 
_pdbx_modification_feature.modified_residue_label_asym_id 
_pdbx_modification_feature.modified_residue_label_seq_id 
_pdbx_modification_feature.modified_residue_label_alt_id 
_pdbx_modification_feature.auth_comp_id 
_pdbx_modification_feature.auth_asym_id 
_pdbx_modification_feature.auth_seq_id 
_pdbx_modification_feature.PDB_ins_code 
_pdbx_modification_feature.symmetry 
_pdbx_modification_feature.modified_residue_auth_comp_id 
_pdbx_modification_feature.modified_residue_auth_asym_id 
_pdbx_modification_feature.modified_residue_auth_seq_id 
_pdbx_modification_feature.modified_residue_PDB_ins_code 
_pdbx_modification_feature.modified_residue_symmetry 
_pdbx_modification_feature.comp_id_linking_atom 
_pdbx_modification_feature.modified_residue_id_linking_atom 
_pdbx_modification_feature.modified_residue_id 
_pdbx_modification_feature.ref_pcm_id 
_pdbx_modification_feature.ref_comp_id 
_pdbx_modification_feature.type 
_pdbx_modification_feature.category 
1 CYS A 10 ? CYS A 112 ? CYS A 32 ? 1_555 CYS A 134 ? 1_555 SG SG . . . None 'Disulfide bridge' 
2 CYS A 35 ? CYS A 101 ? CYS A 57 ? 1_555 CYS A 123 ? 1_555 SG SG . . . None 'Disulfide bridge' 
3 CYS A 59 ? CYS A 79  ? CYS A 81 ? 1_555 CYS A 101 ? 1_555 SG SG . . . None 'Disulfide bridge' 
# 
loop_
_struct_sheet.id 
_struct_sheet.type 
_struct_sheet.number_strands 
_struct_sheet.details 
AA1 ? 8 ? 
AA2 ? 2 ? 
# 
loop_
_struct_sheet_order.sheet_id 
_struct_sheet_order.range_id_1 
_struct_sheet_order.range_id_2 
_struct_sheet_order.offset 
_struct_sheet_order.sense 
AA1 1 2 ? anti-parallel 
AA1 2 3 ? anti-parallel 
AA1 3 4 ? parallel      
AA1 4 5 ? anti-parallel 
AA1 5 6 ? anti-parallel 
AA1 6 7 ? parallel      
AA1 7 8 ? anti-parallel 
AA2 1 2 ? anti-parallel 
# 
loop_
_struct_sheet_range.sheet_id 
_struct_sheet_range.id 
_struct_sheet_range.beg_label_comp_id 
_struct_sheet_range.beg_label_asym_id 
_struct_sheet_range.beg_label_seq_id 
_struct_sheet_range.pdbx_beg_PDB_ins_code 
_struct_sheet_range.end_label_comp_id 
_struct_sheet_range.end_label_asym_id 
_struct_sheet_range.end_label_seq_id 
_struct_sheet_range.pdbx_end_PDB_ins_code 
_struct_sheet_range.beg_auth_comp_id 
_struct_sheet_range.beg_auth_asym_id 
_struct_sheet_range.beg_auth_seq_id 
_struct_sheet_range.end_auth_comp_id 
_struct_sheet_range.end_auth_asym_id 
_struct_sheet_range.end_auth_seq_id 
AA1 1 GLY A 85  ? ILE A 88  ? GLY A 107 ILE A 110 
AA1 2 VAL A 68  ? ARG A 72  ? VAL A 90  ARG A 94  
AA1 3 GLY A 62  ? PHE A 63  ? GLY A 84  PHE A 85  
AA1 4 ASP A 98  ? PHE A 102 ? ASP A 120 PHE A 124 
AA1 5 VAL A 15  ? LYS A 20  ? VAL A 37  LYS A 42  
AA1 6 GLN A 3   ? VAL A 8   ? GLN A 25  VAL A 30  
AA1 7 PHE A 122 ? ASN A 132 ? PHE A 144 ASN A 154 
AA1 8 ARG A 137 ? GLU A 143 ? ARG A 159 GLU A 165 
AA2 1 ARG A 11  ? TYR A 12  ? ARG A 33  TYR A 34  
AA2 2 GLU A 110 ? ASP A 111 ? GLU A 132 ASP A 133 
# 
loop_
_pdbx_struct_sheet_hbond.sheet_id 
_pdbx_struct_sheet_hbond.range_id_1 
_pdbx_struct_sheet_hbond.range_id_2 
_pdbx_struct_sheet_hbond.range_1_label_atom_id 
_pdbx_struct_sheet_hbond.range_1_label_comp_id 
_pdbx_struct_sheet_hbond.range_1_label_asym_id 
_pdbx_struct_sheet_hbond.range_1_label_seq_id 
_pdbx_struct_sheet_hbond.range_1_PDB_ins_code 
_pdbx_struct_sheet_hbond.range_1_auth_atom_id 
_pdbx_struct_sheet_hbond.range_1_auth_comp_id 
_pdbx_struct_sheet_hbond.range_1_auth_asym_id 
_pdbx_struct_sheet_hbond.range_1_auth_seq_id 
_pdbx_struct_sheet_hbond.range_2_label_atom_id 
_pdbx_struct_sheet_hbond.range_2_label_comp_id 
_pdbx_struct_sheet_hbond.range_2_label_asym_id 
_pdbx_struct_sheet_hbond.range_2_label_seq_id 
_pdbx_struct_sheet_hbond.range_2_PDB_ins_code 
_pdbx_struct_sheet_hbond.range_2_auth_atom_id 
_pdbx_struct_sheet_hbond.range_2_auth_comp_id 
_pdbx_struct_sheet_hbond.range_2_auth_asym_id 
_pdbx_struct_sheet_hbond.range_2_auth_seq_id 
AA1 1 2 O GLY A 85  ? O GLY A 107 N ARG A 72  ? N ARG A 94  
AA1 2 3 O VAL A 69  ? O VAL A 91  N GLY A 62  ? N GLY A 84  
AA1 3 4 N PHE A 63  ? N PHE A 85  O TYR A 100 ? O TYR A 122 
AA1 4 5 O THR A 99  ? O THR A 121 N VAL A 18  ? N VAL A 40  
AA1 5 6 O GLU A 19  ? O GLU A 41  N ASN A 7   ? N ASN A 29  
AA1 6 7 N LEU A 6   ? N LEU A 28  O THR A 129 ? O THR A 151 
AA1 7 8 N ILE A 130 ? N ILE A 152 O TYR A 138 ? O TYR A 160 
AA2 1 2 N ARG A 11  ? N ARG A 33  O ASP A 111 ? O ASP A 133 
# 
loop_
_struct_site.id 
_struct_site.pdbx_evidence_code 
_struct_site.pdbx_auth_asym_id 
_struct_site.pdbx_auth_comp_id 
_struct_site.pdbx_auth_seq_id 
_struct_site.pdbx_auth_ins_code 
_struct_site.pdbx_num_residues 
_struct_site.details 
AC1 Software A DMS 201 ? 9  'binding site for residue DMS A 201' 
AC2 Software A 4WP 202 ? 11 'binding site for residue 4WP A 202' 
AC3 Software A GOL 203 ? 7  'binding site for residue GOL A 203' 
# 
loop_
_struct_site_gen.id 
_struct_site_gen.site_id 
_struct_site_gen.pdbx_num_res 
_struct_site_gen.label_comp_id 
_struct_site_gen.label_asym_id 
_struct_site_gen.label_seq_id 
_struct_site_gen.pdbx_auth_ins_code 
_struct_site_gen.auth_comp_id 
_struct_site_gen.auth_asym_id 
_struct_site_gen.auth_seq_id 
_struct_site_gen.label_atom_id 
_struct_site_gen.label_alt_id 
_struct_site_gen.symmetry 
_struct_site_gen.details 
1  AC1 9  CYS A 10  ? CYS A 32  . ? 1_555 ? 
2  AC1 9  ASN A 67  ? ASN A 89  . ? 1_554 ? 
3  AC1 9  CYS A 112 ? CYS A 134 . ? 1_555 ? 
4  AC1 9  THR A 113 ? THR A 135 . ? 1_555 ? 
5  AC1 9  SER A 114 ? SER A 136 . ? 1_555 ? 
6  AC1 9  ARG A 133 ? ARG A 155 . ? 1_555 ? 
7  AC1 9  ASP A 134 ? ASP A 156 . ? 1_555 ? 
8  AC1 9  HOH E .   ? HOH A 304 . ? 1_555 ? 
9  AC1 9  HOH E .   ? HOH A 306 . ? 1_555 ? 
10 AC2 11 ASN A 7   ? ASN A 29  . ? 1_555 ? 
11 AC2 11 VAL A 8   ? VAL A 30  . ? 1_555 ? 
12 AC2 11 THR A 9   ? THR A 31  . ? 1_555 ? 
13 AC2 11 HIS A 17  ? HIS A 39  . ? 1_555 ? 
14 AC2 11 GLU A 19  ? GLU A 41  . ? 1_555 ? 
15 AC2 11 THR A 58  ? THR A 80  . ? 1_555 ? 
16 AC2 11 CYS A 59  ? CYS A 81  . ? 1_555 ? 
17 AC2 11 ARG A 60  ? ARG A 82  . ? 1_555 ? 
18 AC2 11 VAL A 131 ? VAL A 153 . ? 1_555 ? 
19 AC2 11 ASN A 132 ? ASN A 154 . ? 1_555 ? 
20 AC2 11 ARG A 133 ? ARG A 155 . ? 1_555 ? 
21 AC3 7  TYR A 24  ? TYR A 46  . ? 1_555 ? 
22 AC3 7  CYS A 59  ? CYS A 81  . ? 1_555 ? 
23 AC3 7  ILE A 70  ? ILE A 92  . ? 1_555 ? 
24 AC3 7  ILE A 78  ? ILE A 100 . ? 1_555 ? 
25 AC3 7  CYS A 79  ? CYS A 101 . ? 1_555 ? 
26 AC3 7  ALA A 80  ? ALA A 102 . ? 1_555 ? 
27 AC3 7  GLU A 109 ? GLU A 131 . ? 1_656 ? 
# 
_pdbx_entry_details.entry_id                   5BZK 
_pdbx_entry_details.compound_details           ? 
_pdbx_entry_details.source_details             ? 
_pdbx_entry_details.nonpolymer_details         ? 
_pdbx_entry_details.sequence_details           ? 
_pdbx_entry_details.has_ligand_of_interest     ? 
_pdbx_entry_details.has_protein_modification   Y 
# 
_pdbx_validate_close_contact.id               1 
_pdbx_validate_close_contact.PDB_model_num    1 
_pdbx_validate_close_contact.auth_atom_id_1   O 
_pdbx_validate_close_contact.auth_asym_id_1   A 
_pdbx_validate_close_contact.auth_comp_id_1   HOH 
_pdbx_validate_close_contact.auth_seq_id_1    323 
_pdbx_validate_close_contact.PDB_ins_code_1   ? 
_pdbx_validate_close_contact.label_alt_id_1   ? 
_pdbx_validate_close_contact.auth_atom_id_2   O 
_pdbx_validate_close_contact.auth_asym_id_2   A 
_pdbx_validate_close_contact.auth_comp_id_2   HOH 
_pdbx_validate_close_contact.auth_seq_id_2    344 
_pdbx_validate_close_contact.PDB_ins_code_2   ? 
_pdbx_validate_close_contact.label_alt_id_2   ? 
_pdbx_validate_close_contact.dist             2.15 
# 
_pdbx_validate_rmsd_angle.id                         1 
_pdbx_validate_rmsd_angle.PDB_model_num              1 
_pdbx_validate_rmsd_angle.auth_atom_id_1             NE 
_pdbx_validate_rmsd_angle.auth_asym_id_1             A 
_pdbx_validate_rmsd_angle.auth_comp_id_1             ARG 
_pdbx_validate_rmsd_angle.auth_seq_id_1              33 
_pdbx_validate_rmsd_angle.PDB_ins_code_1             ? 
_pdbx_validate_rmsd_angle.label_alt_id_1             ? 
_pdbx_validate_rmsd_angle.auth_atom_id_2             CZ 
_pdbx_validate_rmsd_angle.auth_asym_id_2             A 
_pdbx_validate_rmsd_angle.auth_comp_id_2             ARG 
_pdbx_validate_rmsd_angle.auth_seq_id_2              33 
_pdbx_validate_rmsd_angle.PDB_ins_code_2             ? 
_pdbx_validate_rmsd_angle.label_alt_id_2             ? 
_pdbx_validate_rmsd_angle.auth_atom_id_3             NH2 
_pdbx_validate_rmsd_angle.auth_asym_id_3             A 
_pdbx_validate_rmsd_angle.auth_comp_id_3             ARG 
_pdbx_validate_rmsd_angle.auth_seq_id_3              33 
_pdbx_validate_rmsd_angle.PDB_ins_code_3             ? 
_pdbx_validate_rmsd_angle.label_alt_id_3             ? 
_pdbx_validate_rmsd_angle.angle_value                117.21 
_pdbx_validate_rmsd_angle.angle_target_value         120.30 
_pdbx_validate_rmsd_angle.angle_deviation            -3.09 
_pdbx_validate_rmsd_angle.angle_standard_deviation   0.50 
_pdbx_validate_rmsd_angle.linker_flag                N 
# 
loop_
_pdbx_validate_torsion.id 
_pdbx_validate_torsion.PDB_model_num 
_pdbx_validate_torsion.auth_comp_id 
_pdbx_validate_torsion.auth_asym_id 
_pdbx_validate_torsion.auth_seq_id 
_pdbx_validate_torsion.PDB_ins_code 
_pdbx_validate_torsion.label_alt_id 
_pdbx_validate_torsion.phi 
_pdbx_validate_torsion.psi 
1 1 SER A 47  ? ? -152.53 11.21   
2 1 GLU A 131 ? ? -119.43 -131.59 
# 
_phasing.method   MR 
# 
_pdbx_unobs_or_zero_occ_residues.id               1 
_pdbx_unobs_or_zero_occ_residues.PDB_model_num    1 
_pdbx_unobs_or_zero_occ_residues.polymer_flag     Y 
_pdbx_unobs_or_zero_occ_residues.occupancy_flag   1 
_pdbx_unobs_or_zero_occ_residues.auth_asym_id     A 
_pdbx_unobs_or_zero_occ_residues.auth_comp_id     MET 
_pdbx_unobs_or_zero_occ_residues.auth_seq_id      23 
_pdbx_unobs_or_zero_occ_residues.PDB_ins_code     ? 
_pdbx_unobs_or_zero_occ_residues.label_asym_id    A 
_pdbx_unobs_or_zero_occ_residues.label_comp_id    MET 
_pdbx_unobs_or_zero_occ_residues.label_seq_id     1 
# 
loop_
_chem_comp_atom.comp_id 
_chem_comp_atom.atom_id 
_chem_comp_atom.type_symbol 
_chem_comp_atom.pdbx_aromatic_flag 
_chem_comp_atom.pdbx_stereo_config 
_chem_comp_atom.pdbx_ordinal 
4WP CAJ  C N N 1   
4WP CAH  C N N 2   
4WP CAN  C Y N 3   
4WP CAE  C Y N 4   
4WP CAC  C Y N 5   
4WP CAD  C Y N 6   
4WP CAF  C Y N 7   
4WP CAO  C Y N 8   
4WP CAK  C N N 9   
4WP NAP  N N N 10  
4WP CAI  C N N 11  
4WP CAG  C N N 12  
4WP CAM  C N N 13  
4WP OAB  O N N 14  
4WP OAL  O N N 15  
4WP CAA  C N N 16  
4WP H1   H N N 17  
4WP H2   H N N 18  
4WP H3   H N N 19  
4WP H4   H N N 20  
4WP H5   H N N 21  
4WP H6   H N N 22  
4WP H7   H N N 23  
4WP H8   H N N 24  
4WP H9   H N N 25  
4WP H10  H N N 26  
4WP H12  H N N 27  
4WP H13  H N N 28  
4WP H14  H N N 29  
4WP H15  H N N 30  
4WP H16  H N N 31  
4WP H17  H N N 32  
4WP H18  H N N 33  
ALA N    N N N 34  
ALA CA   C N S 35  
ALA C    C N N 36  
ALA O    O N N 37  
ALA CB   C N N 38  
ALA OXT  O N N 39  
ALA H    H N N 40  
ALA H2   H N N 41  
ALA HA   H N N 42  
ALA HB1  H N N 43  
ALA HB2  H N N 44  
ALA HB3  H N N 45  
ALA HXT  H N N 46  
ARG N    N N N 47  
ARG CA   C N S 48  
ARG C    C N N 49  
ARG O    O N N 50  
ARG CB   C N N 51  
ARG CG   C N N 52  
ARG CD   C N N 53  
ARG NE   N N N 54  
ARG CZ   C N N 55  
ARG NH1  N N N 56  
ARG NH2  N N N 57  
ARG OXT  O N N 58  
ARG H    H N N 59  
ARG H2   H N N 60  
ARG HA   H N N 61  
ARG HB2  H N N 62  
ARG HB3  H N N 63  
ARG HG2  H N N 64  
ARG HG3  H N N 65  
ARG HD2  H N N 66  
ARG HD3  H N N 67  
ARG HE   H N N 68  
ARG HH11 H N N 69  
ARG HH12 H N N 70  
ARG HH21 H N N 71  
ARG HH22 H N N 72  
ARG HXT  H N N 73  
ASN N    N N N 74  
ASN CA   C N S 75  
ASN C    C N N 76  
ASN O    O N N 77  
ASN CB   C N N 78  
ASN CG   C N N 79  
ASN OD1  O N N 80  
ASN ND2  N N N 81  
ASN OXT  O N N 82  
ASN H    H N N 83  
ASN H2   H N N 84  
ASN HA   H N N 85  
ASN HB2  H N N 86  
ASN HB3  H N N 87  
ASN HD21 H N N 88  
ASN HD22 H N N 89  
ASN HXT  H N N 90  
ASP N    N N N 91  
ASP CA   C N S 92  
ASP C    C N N 93  
ASP O    O N N 94  
ASP CB   C N N 95  
ASP CG   C N N 96  
ASP OD1  O N N 97  
ASP OD2  O N N 98  
ASP OXT  O N N 99  
ASP H    H N N 100 
ASP H2   H N N 101 
ASP HA   H N N 102 
ASP HB2  H N N 103 
ASP HB3  H N N 104 
ASP HD2  H N N 105 
ASP HXT  H N N 106 
CYS N    N N N 107 
CYS CA   C N R 108 
CYS C    C N N 109 
CYS O    O N N 110 
CYS CB   C N N 111 
CYS SG   S N N 112 
CYS OXT  O N N 113 
CYS H    H N N 114 
CYS H2   H N N 115 
CYS HA   H N N 116 
CYS HB2  H N N 117 
CYS HB3  H N N 118 
CYS HG   H N N 119 
CYS HXT  H N N 120 
DMS S    S N N 121 
DMS O    O N N 122 
DMS C1   C N N 123 
DMS C2   C N N 124 
DMS H11  H N N 125 
DMS H12  H N N 126 
DMS H13  H N N 127 
DMS H21  H N N 128 
DMS H22  H N N 129 
DMS H23  H N N 130 
GLN N    N N N 131 
GLN CA   C N S 132 
GLN C    C N N 133 
GLN O    O N N 134 
GLN CB   C N N 135 
GLN CG   C N N 136 
GLN CD   C N N 137 
GLN OE1  O N N 138 
GLN NE2  N N N 139 
GLN OXT  O N N 140 
GLN H    H N N 141 
GLN H2   H N N 142 
GLN HA   H N N 143 
GLN HB2  H N N 144 
GLN HB3  H N N 145 
GLN HG2  H N N 146 
GLN HG3  H N N 147 
GLN HE21 H N N 148 
GLN HE22 H N N 149 
GLN HXT  H N N 150 
GLU N    N N N 151 
GLU CA   C N S 152 
GLU C    C N N 153 
GLU O    O N N 154 
GLU CB   C N N 155 
GLU CG   C N N 156 
GLU CD   C N N 157 
GLU OE1  O N N 158 
GLU OE2  O N N 159 
GLU OXT  O N N 160 
GLU H    H N N 161 
GLU H2   H N N 162 
GLU HA   H N N 163 
GLU HB2  H N N 164 
GLU HB3  H N N 165 
GLU HG2  H N N 166 
GLU HG3  H N N 167 
GLU HE2  H N N 168 
GLU HXT  H N N 169 
GLY N    N N N 170 
GLY CA   C N N 171 
GLY C    C N N 172 
GLY O    O N N 173 
GLY OXT  O N N 174 
GLY H    H N N 175 
GLY H2   H N N 176 
GLY HA2  H N N 177 
GLY HA3  H N N 178 
GLY HXT  H N N 179 
GOL C1   C N N 180 
GOL O1   O N N 181 
GOL C2   C N N 182 
GOL O2   O N N 183 
GOL C3   C N N 184 
GOL O3   O N N 185 
GOL H11  H N N 186 
GOL H12  H N N 187 
GOL HO1  H N N 188 
GOL H2   H N N 189 
GOL HO2  H N N 190 
GOL H31  H N N 191 
GOL H32  H N N 192 
GOL HO3  H N N 193 
HIS N    N N N 194 
HIS CA   C N S 195 
HIS C    C N N 196 
HIS O    O N N 197 
HIS CB   C N N 198 
HIS CG   C Y N 199 
HIS ND1  N Y N 200 
HIS CD2  C Y N 201 
HIS CE1  C Y N 202 
HIS NE2  N Y N 203 
HIS OXT  O N N 204 
HIS H    H N N 205 
HIS H2   H N N 206 
HIS HA   H N N 207 
HIS HB2  H N N 208 
HIS HB3  H N N 209 
HIS HD1  H N N 210 
HIS HD2  H N N 211 
HIS HE1  H N N 212 
HIS HE2  H N N 213 
HIS HXT  H N N 214 
HOH O    O N N 215 
HOH H1   H N N 216 
HOH H2   H N N 217 
ILE N    N N N 218 
ILE CA   C N S 219 
ILE C    C N N 220 
ILE O    O N N 221 
ILE CB   C N S 222 
ILE CG1  C N N 223 
ILE CG2  C N N 224 
ILE CD1  C N N 225 
ILE OXT  O N N 226 
ILE H    H N N 227 
ILE H2   H N N 228 
ILE HA   H N N 229 
ILE HB   H N N 230 
ILE HG12 H N N 231 
ILE HG13 H N N 232 
ILE HG21 H N N 233 
ILE HG22 H N N 234 
ILE HG23 H N N 235 
ILE HD11 H N N 236 
ILE HD12 H N N 237 
ILE HD13 H N N 238 
ILE HXT  H N N 239 
LEU N    N N N 240 
LEU CA   C N S 241 
LEU C    C N N 242 
LEU O    O N N 243 
LEU CB   C N N 244 
LEU CG   C N N 245 
LEU CD1  C N N 246 
LEU CD2  C N N 247 
LEU OXT  O N N 248 
LEU H    H N N 249 
LEU H2   H N N 250 
LEU HA   H N N 251 
LEU HB2  H N N 252 
LEU HB3  H N N 253 
LEU HG   H N N 254 
LEU HD11 H N N 255 
LEU HD12 H N N 256 
LEU HD13 H N N 257 
LEU HD21 H N N 258 
LEU HD22 H N N 259 
LEU HD23 H N N 260 
LEU HXT  H N N 261 
LYS N    N N N 262 
LYS CA   C N S 263 
LYS C    C N N 264 
LYS O    O N N 265 
LYS CB   C N N 266 
LYS CG   C N N 267 
LYS CD   C N N 268 
LYS CE   C N N 269 
LYS NZ   N N N 270 
LYS OXT  O N N 271 
LYS H    H N N 272 
LYS H2   H N N 273 
LYS HA   H N N 274 
LYS HB2  H N N 275 
LYS HB3  H N N 276 
LYS HG2  H N N 277 
LYS HG3  H N N 278 
LYS HD2  H N N 279 
LYS HD3  H N N 280 
LYS HE2  H N N 281 
LYS HE3  H N N 282 
LYS HZ1  H N N 283 
LYS HZ2  H N N 284 
LYS HZ3  H N N 285 
LYS HXT  H N N 286 
MET N    N N N 287 
MET CA   C N S 288 
MET C    C N N 289 
MET O    O N N 290 
MET CB   C N N 291 
MET CG   C N N 292 
MET SD   S N N 293 
MET CE   C N N 294 
MET OXT  O N N 295 
MET H    H N N 296 
MET H2   H N N 297 
MET HA   H N N 298 
MET HB2  H N N 299 
MET HB3  H N N 300 
MET HG2  H N N 301 
MET HG3  H N N 302 
MET HE1  H N N 303 
MET HE2  H N N 304 
MET HE3  H N N 305 
MET HXT  H N N 306 
PHE N    N N N 307 
PHE CA   C N S 308 
PHE C    C N N 309 
PHE O    O N N 310 
PHE CB   C N N 311 
PHE CG   C Y N 312 
PHE CD1  C Y N 313 
PHE CD2  C Y N 314 
PHE CE1  C Y N 315 
PHE CE2  C Y N 316 
PHE CZ   C Y N 317 
PHE OXT  O N N 318 
PHE H    H N N 319 
PHE H2   H N N 320 
PHE HA   H N N 321 
PHE HB2  H N N 322 
PHE HB3  H N N 323 
PHE HD1  H N N 324 
PHE HD2  H N N 325 
PHE HE1  H N N 326 
PHE HE2  H N N 327 
PHE HZ   H N N 328 
PHE HXT  H N N 329 
PRO N    N N N 330 
PRO CA   C N S 331 
PRO C    C N N 332 
PRO O    O N N 333 
PRO CB   C N N 334 
PRO CG   C N N 335 
PRO CD   C N N 336 
PRO OXT  O N N 337 
PRO H    H N N 338 
PRO HA   H N N 339 
PRO HB2  H N N 340 
PRO HB3  H N N 341 
PRO HG2  H N N 342 
PRO HG3  H N N 343 
PRO HD2  H N N 344 
PRO HD3  H N N 345 
PRO HXT  H N N 346 
SER N    N N N 347 
SER CA   C N S 348 
SER C    C N N 349 
SER O    O N N 350 
SER CB   C N N 351 
SER OG   O N N 352 
SER OXT  O N N 353 
SER H    H N N 354 
SER H2   H N N 355 
SER HA   H N N 356 
SER HB2  H N N 357 
SER HB3  H N N 358 
SER HG   H N N 359 
SER HXT  H N N 360 
THR N    N N N 361 
THR CA   C N S 362 
THR C    C N N 363 
THR O    O N N 364 
THR CB   C N R 365 
THR OG1  O N N 366 
THR CG2  C N N 367 
THR OXT  O N N 368 
THR H    H N N 369 
THR H2   H N N 370 
THR HA   H N N 371 
THR HB   H N N 372 
THR HG1  H N N 373 
THR HG21 H N N 374 
THR HG22 H N N 375 
THR HG23 H N N 376 
THR HXT  H N N 377 
TYR N    N N N 378 
TYR CA   C N S 379 
TYR C    C N N 380 
TYR O    O N N 381 
TYR CB   C N N 382 
TYR CG   C Y N 383 
TYR CD1  C Y N 384 
TYR CD2  C Y N 385 
TYR CE1  C Y N 386 
TYR CE2  C Y N 387 
TYR CZ   C Y N 388 
TYR OH   O N N 389 
TYR OXT  O N N 390 
TYR H    H N N 391 
TYR H2   H N N 392 
TYR HA   H N N 393 
TYR HB2  H N N 394 
TYR HB3  H N N 395 
TYR HD1  H N N 396 
TYR HD2  H N N 397 
TYR HE1  H N N 398 
TYR HE2  H N N 399 
TYR HH   H N N 400 
TYR HXT  H N N 401 
VAL N    N N N 402 
VAL CA   C N S 403 
VAL C    C N N 404 
VAL O    O N N 405 
VAL CB   C N N 406 
VAL CG1  C N N 407 
VAL CG2  C N N 408 
VAL OXT  O N N 409 
VAL H    H N N 410 
VAL H2   H N N 411 
VAL HA   H N N 412 
VAL HB   H N N 413 
VAL HG11 H N N 414 
VAL HG12 H N N 415 
VAL HG13 H N N 416 
VAL HG21 H N N 417 
VAL HG22 H N N 418 
VAL HG23 H N N 419 
VAL HXT  H N N 420 
# 
loop_
_chem_comp_bond.comp_id 
_chem_comp_bond.atom_id_1 
_chem_comp_bond.atom_id_2 
_chem_comp_bond.value_order 
_chem_comp_bond.pdbx_aromatic_flag 
_chem_comp_bond.pdbx_stereo_config 
_chem_comp_bond.pdbx_ordinal 
4WP CAD CAC  doub Y N 1   
4WP CAD CAF  sing Y N 2   
4WP CAC CAE  sing Y N 3   
4WP CAF CAO  doub Y N 4   
4WP CAE CAN  doub Y N 5   
4WP CAO CAN  sing Y N 6   
4WP CAO CAK  sing N N 7   
4WP CAN CAH  sing N N 8   
4WP CAK NAP  sing N N 9   
4WP CAH CAJ  sing N N 10  
4WP CAA OAL  sing N N 11  
4WP CAJ NAP  sing N N 12  
4WP NAP CAI  sing N N 13  
4WP CAI CAG  sing N N 14  
4WP OAL CAM  sing N N 15  
4WP CAM CAG  sing N N 16  
4WP CAM OAB  doub N N 17  
4WP CAJ H1   sing N N 18  
4WP CAJ H2   sing N N 19  
4WP CAH H3   sing N N 20  
4WP CAH H4   sing N N 21  
4WP CAE H5   sing N N 22  
4WP CAC H6   sing N N 23  
4WP CAD H7   sing N N 24  
4WP CAF H8   sing N N 25  
4WP CAK H9   sing N N 26  
4WP CAK H10  sing N N 27  
4WP CAI H12  sing N N 28  
4WP CAI H13  sing N N 29  
4WP CAG H14  sing N N 30  
4WP CAG H15  sing N N 31  
4WP CAA H16  sing N N 32  
4WP CAA H17  sing N N 33  
4WP CAA H18  sing N N 34  
ALA N   CA   sing N N 35  
ALA N   H    sing N N 36  
ALA N   H2   sing N N 37  
ALA CA  C    sing N N 38  
ALA CA  CB   sing N N 39  
ALA CA  HA   sing N N 40  
ALA C   O    doub N N 41  
ALA C   OXT  sing N N 42  
ALA CB  HB1  sing N N 43  
ALA CB  HB2  sing N N 44  
ALA CB  HB3  sing N N 45  
ALA OXT HXT  sing N N 46  
ARG N   CA   sing N N 47  
ARG N   H    sing N N 48  
ARG N   H2   sing N N 49  
ARG CA  C    sing N N 50  
ARG CA  CB   sing N N 51  
ARG CA  HA   sing N N 52  
ARG C   O    doub N N 53  
ARG C   OXT  sing N N 54  
ARG CB  CG   sing N N 55  
ARG CB  HB2  sing N N 56  
ARG CB  HB3  sing N N 57  
ARG CG  CD   sing N N 58  
ARG CG  HG2  sing N N 59  
ARG CG  HG3  sing N N 60  
ARG CD  NE   sing N N 61  
ARG CD  HD2  sing N N 62  
ARG CD  HD3  sing N N 63  
ARG NE  CZ   sing N N 64  
ARG NE  HE   sing N N 65  
ARG CZ  NH1  sing N N 66  
ARG CZ  NH2  doub N N 67  
ARG NH1 HH11 sing N N 68  
ARG NH1 HH12 sing N N 69  
ARG NH2 HH21 sing N N 70  
ARG NH2 HH22 sing N N 71  
ARG OXT HXT  sing N N 72  
ASN N   CA   sing N N 73  
ASN N   H    sing N N 74  
ASN N   H2   sing N N 75  
ASN CA  C    sing N N 76  
ASN CA  CB   sing N N 77  
ASN CA  HA   sing N N 78  
ASN C   O    doub N N 79  
ASN C   OXT  sing N N 80  
ASN CB  CG   sing N N 81  
ASN CB  HB2  sing N N 82  
ASN CB  HB3  sing N N 83  
ASN CG  OD1  doub N N 84  
ASN CG  ND2  sing N N 85  
ASN ND2 HD21 sing N N 86  
ASN ND2 HD22 sing N N 87  
ASN OXT HXT  sing N N 88  
ASP N   CA   sing N N 89  
ASP N   H    sing N N 90  
ASP N   H2   sing N N 91  
ASP CA  C    sing N N 92  
ASP CA  CB   sing N N 93  
ASP CA  HA   sing N N 94  
ASP C   O    doub N N 95  
ASP C   OXT  sing N N 96  
ASP CB  CG   sing N N 97  
ASP CB  HB2  sing N N 98  
ASP CB  HB3  sing N N 99  
ASP CG  OD1  doub N N 100 
ASP CG  OD2  sing N N 101 
ASP OD2 HD2  sing N N 102 
ASP OXT HXT  sing N N 103 
CYS N   CA   sing N N 104 
CYS N   H    sing N N 105 
CYS N   H2   sing N N 106 
CYS CA  C    sing N N 107 
CYS CA  CB   sing N N 108 
CYS CA  HA   sing N N 109 
CYS C   O    doub N N 110 
CYS C   OXT  sing N N 111 
CYS CB  SG   sing N N 112 
CYS CB  HB2  sing N N 113 
CYS CB  HB3  sing N N 114 
CYS SG  HG   sing N N 115 
CYS OXT HXT  sing N N 116 
DMS S   O    doub N N 117 
DMS S   C1   sing N N 118 
DMS S   C2   sing N N 119 
DMS C1  H11  sing N N 120 
DMS C1  H12  sing N N 121 
DMS C1  H13  sing N N 122 
DMS C2  H21  sing N N 123 
DMS C2  H22  sing N N 124 
DMS C2  H23  sing N N 125 
GLN N   CA   sing N N 126 
GLN N   H    sing N N 127 
GLN N   H2   sing N N 128 
GLN CA  C    sing N N 129 
GLN CA  CB   sing N N 130 
GLN CA  HA   sing N N 131 
GLN C   O    doub N N 132 
GLN C   OXT  sing N N 133 
GLN CB  CG   sing N N 134 
GLN CB  HB2  sing N N 135 
GLN CB  HB3  sing N N 136 
GLN CG  CD   sing N N 137 
GLN CG  HG2  sing N N 138 
GLN CG  HG3  sing N N 139 
GLN CD  OE1  doub N N 140 
GLN CD  NE2  sing N N 141 
GLN NE2 HE21 sing N N 142 
GLN NE2 HE22 sing N N 143 
GLN OXT HXT  sing N N 144 
GLU N   CA   sing N N 145 
GLU N   H    sing N N 146 
GLU N   H2   sing N N 147 
GLU CA  C    sing N N 148 
GLU CA  CB   sing N N 149 
GLU CA  HA   sing N N 150 
GLU C   O    doub N N 151 
GLU C   OXT  sing N N 152 
GLU CB  CG   sing N N 153 
GLU CB  HB2  sing N N 154 
GLU CB  HB3  sing N N 155 
GLU CG  CD   sing N N 156 
GLU CG  HG2  sing N N 157 
GLU CG  HG3  sing N N 158 
GLU CD  OE1  doub N N 159 
GLU CD  OE2  sing N N 160 
GLU OE2 HE2  sing N N 161 
GLU OXT HXT  sing N N 162 
GLY N   CA   sing N N 163 
GLY N   H    sing N N 164 
GLY N   H2   sing N N 165 
GLY CA  C    sing N N 166 
GLY CA  HA2  sing N N 167 
GLY CA  HA3  sing N N 168 
GLY C   O    doub N N 169 
GLY C   OXT  sing N N 170 
GLY OXT HXT  sing N N 171 
GOL C1  O1   sing N N 172 
GOL C1  C2   sing N N 173 
GOL C1  H11  sing N N 174 
GOL C1  H12  sing N N 175 
GOL O1  HO1  sing N N 176 
GOL C2  O2   sing N N 177 
GOL C2  C3   sing N N 178 
GOL C2  H2   sing N N 179 
GOL O2  HO2  sing N N 180 
GOL C3  O3   sing N N 181 
GOL C3  H31  sing N N 182 
GOL C3  H32  sing N N 183 
GOL O3  HO3  sing N N 184 
HIS N   CA   sing N N 185 
HIS N   H    sing N N 186 
HIS N   H2   sing N N 187 
HIS CA  C    sing N N 188 
HIS CA  CB   sing N N 189 
HIS CA  HA   sing N N 190 
HIS C   O    doub N N 191 
HIS C   OXT  sing N N 192 
HIS CB  CG   sing N N 193 
HIS CB  HB2  sing N N 194 
HIS CB  HB3  sing N N 195 
HIS CG  ND1  sing Y N 196 
HIS CG  CD2  doub Y N 197 
HIS ND1 CE1  doub Y N 198 
HIS ND1 HD1  sing N N 199 
HIS CD2 NE2  sing Y N 200 
HIS CD2 HD2  sing N N 201 
HIS CE1 NE2  sing Y N 202 
HIS CE1 HE1  sing N N 203 
HIS NE2 HE2  sing N N 204 
HIS OXT HXT  sing N N 205 
HOH O   H1   sing N N 206 
HOH O   H2   sing N N 207 
ILE N   CA   sing N N 208 
ILE N   H    sing N N 209 
ILE N   H2   sing N N 210 
ILE CA  C    sing N N 211 
ILE CA  CB   sing N N 212 
ILE CA  HA   sing N N 213 
ILE C   O    doub N N 214 
ILE C   OXT  sing N N 215 
ILE CB  CG1  sing N N 216 
ILE CB  CG2  sing N N 217 
ILE CB  HB   sing N N 218 
ILE CG1 CD1  sing N N 219 
ILE CG1 HG12 sing N N 220 
ILE CG1 HG13 sing N N 221 
ILE CG2 HG21 sing N N 222 
ILE CG2 HG22 sing N N 223 
ILE CG2 HG23 sing N N 224 
ILE CD1 HD11 sing N N 225 
ILE CD1 HD12 sing N N 226 
ILE CD1 HD13 sing N N 227 
ILE OXT HXT  sing N N 228 
LEU N   CA   sing N N 229 
LEU N   H    sing N N 230 
LEU N   H2   sing N N 231 
LEU CA  C    sing N N 232 
LEU CA  CB   sing N N 233 
LEU CA  HA   sing N N 234 
LEU C   O    doub N N 235 
LEU C   OXT  sing N N 236 
LEU CB  CG   sing N N 237 
LEU CB  HB2  sing N N 238 
LEU CB  HB3  sing N N 239 
LEU CG  CD1  sing N N 240 
LEU CG  CD2  sing N N 241 
LEU CG  HG   sing N N 242 
LEU CD1 HD11 sing N N 243 
LEU CD1 HD12 sing N N 244 
LEU CD1 HD13 sing N N 245 
LEU CD2 HD21 sing N N 246 
LEU CD2 HD22 sing N N 247 
LEU CD2 HD23 sing N N 248 
LEU OXT HXT  sing N N 249 
LYS N   CA   sing N N 250 
LYS N   H    sing N N 251 
LYS N   H2   sing N N 252 
LYS CA  C    sing N N 253 
LYS CA  CB   sing N N 254 
LYS CA  HA   sing N N 255 
LYS C   O    doub N N 256 
LYS C   OXT  sing N N 257 
LYS CB  CG   sing N N 258 
LYS CB  HB2  sing N N 259 
LYS CB  HB3  sing N N 260 
LYS CG  CD   sing N N 261 
LYS CG  HG2  sing N N 262 
LYS CG  HG3  sing N N 263 
LYS CD  CE   sing N N 264 
LYS CD  HD2  sing N N 265 
LYS CD  HD3  sing N N 266 
LYS CE  NZ   sing N N 267 
LYS CE  HE2  sing N N 268 
LYS CE  HE3  sing N N 269 
LYS NZ  HZ1  sing N N 270 
LYS NZ  HZ2  sing N N 271 
LYS NZ  HZ3  sing N N 272 
LYS OXT HXT  sing N N 273 
MET N   CA   sing N N 274 
MET N   H    sing N N 275 
MET N   H2   sing N N 276 
MET CA  C    sing N N 277 
MET CA  CB   sing N N 278 
MET CA  HA   sing N N 279 
MET C   O    doub N N 280 
MET C   OXT  sing N N 281 
MET CB  CG   sing N N 282 
MET CB  HB2  sing N N 283 
MET CB  HB3  sing N N 284 
MET CG  SD   sing N N 285 
MET CG  HG2  sing N N 286 
MET CG  HG3  sing N N 287 
MET SD  CE   sing N N 288 
MET CE  HE1  sing N N 289 
MET CE  HE2  sing N N 290 
MET CE  HE3  sing N N 291 
MET OXT HXT  sing N N 292 
PHE N   CA   sing N N 293 
PHE N   H    sing N N 294 
PHE N   H2   sing N N 295 
PHE CA  C    sing N N 296 
PHE CA  CB   sing N N 297 
PHE CA  HA   sing N N 298 
PHE C   O    doub N N 299 
PHE C   OXT  sing N N 300 
PHE CB  CG   sing N N 301 
PHE CB  HB2  sing N N 302 
PHE CB  HB3  sing N N 303 
PHE CG  CD1  doub Y N 304 
PHE CG  CD2  sing Y N 305 
PHE CD1 CE1  sing Y N 306 
PHE CD1 HD1  sing N N 307 
PHE CD2 CE2  doub Y N 308 
PHE CD2 HD2  sing N N 309 
PHE CE1 CZ   doub Y N 310 
PHE CE1 HE1  sing N N 311 
PHE CE2 CZ   sing Y N 312 
PHE CE2 HE2  sing N N 313 
PHE CZ  HZ   sing N N 314 
PHE OXT HXT  sing N N 315 
PRO N   CA   sing N N 316 
PRO N   CD   sing N N 317 
PRO N   H    sing N N 318 
PRO CA  C    sing N N 319 
PRO CA  CB   sing N N 320 
PRO CA  HA   sing N N 321 
PRO C   O    doub N N 322 
PRO C   OXT  sing N N 323 
PRO CB  CG   sing N N 324 
PRO CB  HB2  sing N N 325 
PRO CB  HB3  sing N N 326 
PRO CG  CD   sing N N 327 
PRO CG  HG2  sing N N 328 
PRO CG  HG3  sing N N 329 
PRO CD  HD2  sing N N 330 
PRO CD  HD3  sing N N 331 
PRO OXT HXT  sing N N 332 
SER N   CA   sing N N 333 
SER N   H    sing N N 334 
SER N   H2   sing N N 335 
SER CA  C    sing N N 336 
SER CA  CB   sing N N 337 
SER CA  HA   sing N N 338 
SER C   O    doub N N 339 
SER C   OXT  sing N N 340 
SER CB  OG   sing N N 341 
SER CB  HB2  sing N N 342 
SER CB  HB3  sing N N 343 
SER OG  HG   sing N N 344 
SER OXT HXT  sing N N 345 
THR N   CA   sing N N 346 
THR N   H    sing N N 347 
THR N   H2   sing N N 348 
THR CA  C    sing N N 349 
THR CA  CB   sing N N 350 
THR CA  HA   sing N N 351 
THR C   O    doub N N 352 
THR C   OXT  sing N N 353 
THR CB  OG1  sing N N 354 
THR CB  CG2  sing N N 355 
THR CB  HB   sing N N 356 
THR OG1 HG1  sing N N 357 
THR CG2 HG21 sing N N 358 
THR CG2 HG22 sing N N 359 
THR CG2 HG23 sing N N 360 
THR OXT HXT  sing N N 361 
TYR N   CA   sing N N 362 
TYR N   H    sing N N 363 
TYR N   H2   sing N N 364 
TYR CA  C    sing N N 365 
TYR CA  CB   sing N N 366 
TYR CA  HA   sing N N 367 
TYR C   O    doub N N 368 
TYR C   OXT  sing N N 369 
TYR CB  CG   sing N N 370 
TYR CB  HB2  sing N N 371 
TYR CB  HB3  sing N N 372 
TYR CG  CD1  doub Y N 373 
TYR CG  CD2  sing Y N 374 
TYR CD1 CE1  sing Y N 375 
TYR CD1 HD1  sing N N 376 
TYR CD2 CE2  doub Y N 377 
TYR CD2 HD2  sing N N 378 
TYR CE1 CZ   doub Y N 379 
TYR CE1 HE1  sing N N 380 
TYR CE2 CZ   sing Y N 381 
TYR CE2 HE2  sing N N 382 
TYR CZ  OH   sing N N 383 
TYR OH  HH   sing N N 384 
TYR OXT HXT  sing N N 385 
VAL N   CA   sing N N 386 
VAL N   H    sing N N 387 
VAL N   H2   sing N N 388 
VAL CA  C    sing N N 389 
VAL CA  CB   sing N N 390 
VAL CA  HA   sing N N 391 
VAL C   O    doub N N 392 
VAL C   OXT  sing N N 393 
VAL CB  CG1  sing N N 394 
VAL CB  CG2  sing N N 395 
VAL CB  HB   sing N N 396 
VAL CG1 HG11 sing N N 397 
VAL CG1 HG12 sing N N 398 
VAL CG1 HG13 sing N N 399 
VAL CG2 HG21 sing N N 400 
VAL CG2 HG22 sing N N 401 
VAL CG2 HG23 sing N N 402 
VAL OXT HXT  sing N N 403 
# 
_atom_sites.entry_id                    5BZK 
_atom_sites.fract_transf_matrix[1][1]   -0.00176954 
_atom_sites.fract_transf_matrix[1][2]   -0.00813811 
_atom_sites.fract_transf_matrix[1][3]   0.03586174 
_atom_sites.fract_transf_matrix[2][1]   0.00702457 
_atom_sites.fract_transf_matrix[2][2]   -0.00983599 
_atom_sites.fract_transf_matrix[2][3]   -0.00188547 
_atom_sites.fract_transf_matrix[3][1]   0.02452265 
_atom_sites.fract_transf_matrix[3][2]   0.01343560 
_atom_sites.fract_transf_matrix[3][3]   0.02127257 
_atom_sites.fract_transf_vector[1]      0.092873 
_atom_sites.fract_transf_vector[2]      -0.003574 
_atom_sites.fract_transf_vector[3]      0.069666 
# 
loop_
_atom_type.symbol 
C 
N 
O 
S 
# 
loop_
_atom_site.group_PDB 
_atom_site.id 
_atom_site.type_symbol 
_atom_site.label_atom_id 
_atom_site.label_alt_id 
_atom_site.label_comp_id 
_atom_site.label_asym_id 
_atom_site.label_entity_id 
_atom_site.label_seq_id 
_atom_site.pdbx_PDB_ins_code 
_atom_site.Cartn_x 
_atom_site.Cartn_y 
_atom_site.Cartn_z 
_atom_site.occupancy 
_atom_site.B_iso_or_equiv 
_atom_site.pdbx_formal_charge 
_atom_site.auth_seq_id 
_atom_site.auth_comp_id 
_atom_site.auth_asym_id 
_atom_site.auth_atom_id 
_atom_site.pdbx_PDB_model_num 
ATOM   1    N N   . ASN A 1 2   ? 3.328   -17.921 11.919  1.00 27.38 ? 24  ASN A N   1 
ATOM   2    C CA  . ASN A 1 2   ? 4.082   -17.424 10.728  1.00 26.68 ? 24  ASN A CA  1 
ATOM   3    C C   . ASN A 1 2   ? 3.099   -16.892 9.679   1.00 25.31 ? 24  ASN A C   1 
ATOM   4    O O   . ASN A 1 2   ? 2.846   -17.531 8.641   1.00 23.81 ? 24  ASN A O   1 
ATOM   5    C CB  . ASN A 1 2   ? 4.987   -18.516 10.143  1.00 27.49 ? 24  ASN A CB  1 
ATOM   6    C CG  . ASN A 1 2   ? 6.263   -17.950 9.512   1.00 28.80 ? 24  ASN A CG  1 
ATOM   7    O OD1 . ASN A 1 2   ? 6.459   -16.736 9.452   1.00 34.00 ? 24  ASN A OD1 1 
ATOM   8    N ND2 . ASN A 1 2   ? 7.134   -18.828 9.056   1.00 29.82 ? 24  ASN A ND2 1 
ATOM   9    N N   . GLN A 1 3   ? 2.539   -15.724 10.004  1.00 23.95 ? 25  GLN A N   1 
ATOM   10   C CA  . GLN A 1 3   ? 1.389   -15.155 9.299   1.00 22.50 ? 25  GLN A CA  1 
ATOM   11   C C   . GLN A 1 3   ? 1.539   -13.651 9.160   1.00 21.07 ? 25  GLN A C   1 
ATOM   12   O O   . GLN A 1 3   ? 1.980   -12.976 10.088  1.00 21.54 ? 25  GLN A O   1 
ATOM   13   C CB  . GLN A 1 3   ? 0.093   -15.458 10.053  1.00 22.97 ? 25  GLN A CB  1 
ATOM   14   C CG  . GLN A 1 3   ? -1.087  -15.857 9.178   1.00 26.62 ? 25  GLN A CG  1 
ATOM   15   C CD  . GLN A 1 3   ? -1.850  -14.671 8.588   1.00 30.83 ? 25  GLN A CD  1 
ATOM   16   O OE1 . GLN A 1 3   ? -2.261  -13.738 9.310   1.00 33.88 ? 25  GLN A OE1 1 
ATOM   17   N NE2 . GLN A 1 3   ? -2.072  -14.714 7.272   1.00 26.44 ? 25  GLN A NE2 1 
ATOM   18   N N   . ILE A 1 4   ? 1.194   -13.155 7.976   1.00 17.86 ? 26  ILE A N   1 
ATOM   19   C CA  . ILE A 1 4   ? 1.166   -11.716 7.681   1.00 15.93 ? 26  ILE A CA  1 
ATOM   20   C C   . ILE A 1 4   ? -0.191  -11.401 7.056   1.00 15.15 ? 26  ILE A C   1 
ATOM   21   O O   . ILE A 1 4   ? -0.593  -12.040 6.088   1.00 15.34 ? 26  ILE A O   1 
ATOM   22   C CB  . ILE A 1 4   ? 2.275   -11.347 6.685   1.00 14.97 ? 26  ILE A CB  1 
ATOM   23   C CG1 . ILE A 1 4   ? 3.666   -11.585 7.291   1.00 15.90 ? 26  ILE A CG1 1 
ATOM   24   C CG2 . ILE A 1 4   ? 2.160   -9.874  6.260   1.00 14.36 ? 26  ILE A CG2 1 
ATOM   25   C CD1 . ILE A 1 4   ? 4.807   -11.364 6.336   1.00 20.66 ? 26  ILE A CD1 1 
ATOM   26   N N   . ASP A 1 5   ? -0.896  -10.427 7.626   1.00 14.27 ? 27  ASP A N   1 
ATOM   27   C CA  . ASP A 1 5   ? -2.143  -9.865  7.057   1.00 14.32 ? 27  ASP A CA  1 
ATOM   28   C C   . ASP A 1 5   ? -1.779  -8.582  6.311   1.00 11.99 ? 27  ASP A C   1 
ATOM   29   O O   . ASP A 1 5   ? -1.075  -7.712  6.866   1.00 12.03 ? 27  ASP A O   1 
ATOM   30   C CB  . ASP A 1 5   ? -3.115  -9.439  8.163   1.00 16.25 ? 27  ASP A CB  1 
ATOM   31   C CG  . ASP A 1 5   ? -4.079  -10.550 8.625   1.00 22.31 ? 27  ASP A CG  1 
ATOM   32   O OD1 . ASP A 1 5   ? -4.144  -11.631 8.008   1.00 28.65 ? 27  ASP A OD1 1 
ATOM   33   O OD2 . ASP A 1 5   ? -4.808  -10.299 9.622   1.00 29.83 ? 27  ASP A OD2 1 
ATOM   34   N N   . LEU A 1 6   ? -2.266  -8.450  5.082   1.00 10.06 ? 28  LEU A N   1 
ATOM   35   C CA  . LEU A 1 6   ? -2.064  -7.240  4.272   1.00 8.45  ? 28  LEU A CA  1 
ATOM   36   C C   . LEU A 1 6   ? -3.419  -6.662  3.953   1.00 8.38  ? 28  LEU A C   1 
ATOM   37   O O   . LEU A 1 6   ? -4.179  -7.235  3.154   1.00 9.34  ? 28  LEU A O   1 
ATOM   38   C CB  . LEU A 1 6   ? -1.320  -7.580  2.971   1.00 8.77  ? 28  LEU A CB  1 
ATOM   39   C CG  . LEU A 1 6   ? 0.061   -8.229  3.132   1.00 9.11  ? 28  LEU A CG  1 
ATOM   40   C CD1 . LEU A 1 6   ? 0.543   -8.703  1.788   1.00 11.47 ? 28  LEU A CD1 1 
ATOM   41   C CD2 . LEU A 1 6   ? 1.062   -7.266  3.775   1.00 10.99 ? 28  LEU A CD2 1 
ATOM   42   N N   . ASN A 1 7   ? -3.726  -5.535  4.589   1.00 6.44  ? 29  ASN A N   1 
ATOM   43   C CA  . ASN A 1 7   ? -4.985  -4.827  4.357   1.00 8.06  ? 29  ASN A CA  1 
ATOM   44   C C   . ASN A 1 7   ? -4.821  -3.924  3.145   1.00 7.69  ? 29  ASN A C   1 
ATOM   45   O O   . ASN A 1 7   ? -3.932  -3.081  3.136   1.00 9.00  ? 29  ASN A O   1 
ATOM   46   C CB  . ASN A 1 7   ? -5.347  -3.936  5.542   1.00 8.81  ? 29  ASN A CB  1 
ATOM   47   C CG  . ASN A 1 7   ? -5.628  -4.710  6.817   1.00 15.73 ? 29  ASN A CG  1 
ATOM   48   O OD1 . ASN A 1 7   ? -5.978  -5.875  6.785   1.00 14.72 ? 29  ASN A OD1 1 
ATOM   49   N ND2 . ASN A 1 7   ? -5.455  -4.035  7.966   1.00 19.77 ? 29  ASN A ND2 1 
ATOM   50   N N   . VAL A 1 8   ? -5.646  -4.118  2.126   1.00 7.37  ? 30  VAL A N   1 
ATOM   51   C CA  . VAL A 1 8   ? -5.508  -3.394  0.856   1.00 8.89  ? 30  VAL A CA  1 
ATOM   52   C C   . VAL A 1 8   ? -6.754  -2.566  0.532   1.00 8.83  ? 30  VAL A C   1 
ATOM   53   O O   . VAL A 1 8   ? -7.905  -2.960  0.815   1.00 10.72 ? 30  VAL A O   1 
ATOM   54   C CB  . VAL A 1 8   ? -5.166  -4.332  -0.293  1.00 8.81  ? 30  VAL A CB  1 
ATOM   55   C CG1 . VAL A 1 8   ? -3.920  -5.183  0.014   1.00 10.94 ? 30  VAL A CG1 1 
ATOM   56   C CG2 . VAL A 1 8   ? -6.321  -5.220  -0.628  1.00 11.72 ? 30  VAL A CG2 1 
ATOM   57   N N   . THR A 1 9   ? -6.525  -1.401  -0.076  1.00 7.58  ? 31  THR A N   1 
ATOM   58   C CA  . THR A 1 9   ? -7.632  -0.527  -0.467  1.00 7.52  ? 31  THR A CA  1 
ATOM   59   C C   . THR A 1 9   ? -8.038  -0.721  -1.922  1.00 7.04  ? 31  THR A C   1 
ATOM   60   O O   . THR A 1 9   ? -7.346  -1.392  -2.691  1.00 7.66  ? 31  THR A O   1 
ATOM   61   C CB  . THR A 1 9   ? -7.282  0.975   -0.294  1.00 7.35  ? 31  THR A CB  1 
ATOM   62   O OG1 . THR A 1 9   ? -6.213  1.334   -1.183  1.00 7.14  ? 31  THR A OG1 1 
ATOM   63   C CG2 . THR A 1 9   ? -6.905  1.298   1.145   1.00 8.23  ? 31  THR A CG2 1 
ATOM   64   N N   . CYS A 1 10  ? -9.131  -0.071  -2.295  1.00 7.24  ? 32  CYS A N   1 
ATOM   65   C CA  . CYS A 1 10  ? -9.430  0.184   -3.705  1.00 6.34  ? 32  CYS A CA  1 
ATOM   66   C C   . CYS A 1 10  ? -8.234  0.809   -4.411  1.00 5.84  ? 32  CYS A C   1 
ATOM   67   O O   . CYS A 1 10  ? -7.395  1.480   -3.752  1.00 7.00  ? 32  CYS A O   1 
ATOM   68   C CB  . CYS A 1 10  ? -10.532 1.243   -3.760  1.00 7.75  ? 32  CYS A CB  1 
ATOM   69   S SG  . CYS A 1 10  ? -12.127 0.819   -3.033  1.00 14.81 ? 32  CYS A SG  1 
ATOM   70   N N   . ARG A 1 11  ? -8.164  0.612   -5.724  1.00 6.29  ? 33  ARG A N   1 
ATOM   71   C CA  . ARG A 1 11  ? -7.144  1.268   -6.534  1.00 6.31  ? 33  ARG A CA  1 
ATOM   72   C C   . ARG A 1 11  ? -7.727  2.524   -7.161  1.00 6.82  ? 33  ARG A C   1 
ATOM   73   O O   . ARG A 1 11  ? -8.919  2.553   -7.554  1.00 8.09  ? 33  ARG A O   1 
ATOM   74   C CB  . ARG A 1 11  ? -6.652  0.343   -7.639  1.00 6.96  ? 33  ARG A CB  1 
ATOM   75   C CG  . ARG A 1 11  ? -5.558  -0.649  -7.235  1.00 7.51  ? 33  ARG A CG  1 
ATOM   76   C CD  . ARG A 1 11  ? -6.039  -1.712  -6.235  1.00 6.57  ? 33  ARG A CD  1 
ATOM   77   N NE  . ARG A 1 11  ? -7.062  -2.531  -6.893  1.00 6.29  ? 33  ARG A NE  1 
ATOM   78   C CZ  . ARG A 1 11  ? -8.112  -3.091  -6.295  1.00 10.05 ? 33  ARG A CZ  1 
ATOM   79   N NH1 . ARG A 1 11  ? -8.376  -2.908  -5.027  1.00 8.69  ? 33  ARG A NH1 1 
ATOM   80   N NH2 . ARG A 1 11  ? -8.926  -3.811  -7.051  1.00 10.71 ? 33  ARG A NH2 1 
ATOM   81   N N   . TYR A 1 12  ? -6.918  3.572   -7.273  1.00 5.39  ? 34  TYR A N   1 
ATOM   82   C CA  . TYR A 1 12  ? -7.322  4.807   -7.919  1.00 6.12  ? 34  TYR A CA  1 
ATOM   83   C C   . TYR A 1 12  ? -6.227  5.153   -8.885  1.00 5.34  ? 34  TYR A C   1 
ATOM   84   O O   . TYR A 1 12  ? -5.105  5.420   -8.516  1.00 5.67  ? 34  TYR A O   1 
ATOM   85   C CB  . TYR A 1 12  ? -7.473  5.934   -6.883  1.00 7.61  ? 34  TYR A CB  1 
ATOM   86   C CG  . TYR A 1 12  ? -8.636  5.739   -5.991  1.00 9.96  ? 34  TYR A CG  1 
ATOM   87   C CD1 . TYR A 1 12  ? -9.874  6.297   -6.308  1.00 11.90 ? 34  TYR A CD1 1 
ATOM   88   C CD2 . TYR A 1 12  ? -8.497  4.961   -4.855  1.00 12.06 ? 34  TYR A CD2 1 
ATOM   89   C CE1 . TYR A 1 12  ? -10.954 6.088   -5.453  1.00 15.38 ? 34  TYR A CE1 1 
ATOM   90   C CE2 . TYR A 1 12  ? -9.560  4.747   -4.007  1.00 12.86 ? 34  TYR A CE2 1 
ATOM   91   C CZ  . TYR A 1 12  ? -10.759 5.306   -4.319  1.00 15.05 ? 34  TYR A CZ  1 
ATOM   92   O OH  . TYR A 1 12  ? -11.808 5.066   -3.446  1.00 22.90 ? 34  TYR A OH  1 
ATOM   93   N N   . ALA A 1 13  ? -6.532  5.104   -10.170 1.00 6.04  ? 35  ALA A N   1 
ATOM   94   C CA  . ALA A 1 13  ? -5.483  5.198   -11.148 1.00 4.51  ? 35  ALA A CA  1 
ATOM   95   C C   . ALA A 1 13  ? -4.298  4.295   -10.858 1.00 5.73  ? 35  ALA A C   1 
ATOM   96   O O   . ALA A 1 13  ? -3.144  4.700   -11.031 1.00 6.13  ? 35  ALA A O   1 
ATOM   97   C CB  . ALA A 1 13  ? -5.048  6.690   -11.339 1.00 8.07  ? 35  ALA A CB  1 
ATOM   98   N N   . GLY A 1 14  ? -4.602  3.075   -10.394 1.00 5.32  ? 36  GLY A N   1 
ATOM   99   C CA  . GLY A 1 14  ? -3.573  2.056   -10.166 1.00 6.13  ? 36  GLY A CA  1 
ATOM   100  C C   . GLY A 1 14  ? -2.893  2.163   -8.813  1.00 6.22  ? 36  GLY A C   1 
ATOM   101  O O   . GLY A 1 14  ? -2.122  1.272   -8.435  1.00 7.71  ? 36  GLY A O   1 
ATOM   102  N N   . VAL A 1 15  ? -3.182  3.226   -8.058  1.00 5.64  ? 37  VAL A N   1 
ATOM   103  C CA  . VAL A 1 15  ? -2.530  3.433   -6.768  1.00 4.74  ? 37  VAL A CA  1 
ATOM   104  C C   . VAL A 1 15  ? -3.384  2.890   -5.637  1.00 5.30  ? 37  VAL A C   1 
ATOM   105  O O   . VAL A 1 15  ? -4.587  3.137   -5.620  1.00 5.60  ? 37  VAL A O   1 
ATOM   106  C CB  . VAL A 1 15  ? -2.220  4.942   -6.524  1.00 5.39  ? 37  VAL A CB  1 
ATOM   107  C CG1 . VAL A 1 15  ? -1.562  5.152   -5.145  1.00 6.88  ? 37  VAL A CG1 1 
ATOM   108  C CG2 . VAL A 1 15  ? -1.294  5.482   -7.618  1.00 5.89  ? 37  VAL A CG2 1 
ATOM   109  N N   . PHE A 1 16  ? -2.783  2.144   -4.706  1.00 4.86  ? 38  PHE A N   1 
ATOM   110  C CA  . PHE A 1 16  ? -3.528  1.641   -3.531  1.00 5.35  ? 38  PHE A CA  1 
ATOM   111  C C   . PHE A 1 16  ? -2.645  1.693   -2.307  1.00 4.72  ? 38  PHE A C   1 
ATOM   112  O O   . PHE A 1 16  ? -1.426  1.867   -2.433  1.00 5.36  ? 38  PHE A O   1 
ATOM   113  C CB  . PHE A 1 16  ? -4.107  0.220   -3.754  1.00 5.62  ? 38  PHE A CB  1 
ATOM   114  C CG  . PHE A 1 16  ? -3.063  -0.843  -4.114  1.00 8.12  ? 38  PHE A CG  1 
ATOM   115  C CD1 . PHE A 1 16  ? -2.720  -1.844  -3.200  1.00 10.85 ? 38  PHE A CD1 1 
ATOM   116  C CD2 . PHE A 1 16  ? -2.399  -0.850  -5.352  1.00 7.47  ? 38  PHE A CD2 1 
ATOM   117  C CE1 . PHE A 1 16  ? -1.785  -2.834  -3.523  1.00 10.95 ? 38  PHE A CE1 1 
ATOM   118  C CE2 . PHE A 1 16  ? -1.425  -1.848  -5.667  1.00 9.89  ? 38  PHE A CE2 1 
ATOM   119  C CZ  . PHE A 1 16  ? -1.143  -2.830  -4.742  1.00 11.01 ? 38  PHE A CZ  1 
ATOM   120  N N   . HIS A 1 17  ? -3.266  1.533   -1.156  1.00 5.54  ? 39  HIS A N   1 
ATOM   121  C CA  . HIS A 1 17  ? -2.604  1.586   0.136   1.00 5.19  ? 39  HIS A CA  1 
ATOM   122  C C   . HIS A 1 17  ? -2.601  0.160   0.714   1.00 5.71  ? 39  HIS A C   1 
ATOM   123  O O   . HIS A 1 17  ? -3.545  -0.601  0.528   1.00 6.87  ? 39  HIS A O   1 
ATOM   124  C CB  . HIS A 1 17  ? -3.396  2.565   1.015   1.00 6.18  ? 39  HIS A CB  1 
ATOM   125  C CG  . HIS A 1 17  ? -3.064  2.516   2.479   1.00 7.67  ? 39  HIS A CG  1 
ATOM   126  N ND1 . HIS A 1 17  ? -3.927  1.973   3.407   1.00 13.97 ? 39  HIS A ND1 1 
ATOM   127  C CD2 . HIS A 1 17  ? -1.989  2.951   3.178   1.00 9.78  ? 39  HIS A CD2 1 
ATOM   128  C CE1 . HIS A 1 17  ? -3.392  2.073   4.613   1.00 12.86 ? 39  HIS A CE1 1 
ATOM   129  N NE2 . HIS A 1 17  ? -2.223  2.671   4.501   1.00 11.15 ? 39  HIS A NE2 1 
ATOM   130  N N   . VAL A 1 18  ? -1.473  -0.206  1.318   1.00 5.48  ? 40  VAL A N   1 
ATOM   131  C CA  . VAL A 1 18  ? -1.335  -1.484  1.962   1.00 6.30  ? 40  VAL A CA  1 
ATOM   132  C C   . VAL A 1 18  ? -0.832  -1.248  3.411   1.00 6.04  ? 40  VAL A C   1 
ATOM   133  O O   . VAL A 1 18  ? 0.196   -0.572  3.653   1.00 6.67  ? 40  VAL A O   1 
ATOM   134  C CB  . VAL A 1 18  ? -0.324  -2.350  1.237   1.00 6.74  ? 40  VAL A CB  1 
ATOM   135  C CG1 . VAL A 1 18  ? -0.220  -3.733  1.911   1.00 8.34  ? 40  VAL A CG1 1 
ATOM   136  C CG2 . VAL A 1 18  ? -0.615  -2.520  -0.236  1.00 8.95  ? 40  VAL A CG2 1 
ATOM   137  N N   A GLU A 1 19  ? -1.543  -1.849  4.362   0.50 6.57  ? 41  GLU A N   1 
ATOM   138  N N   B GLU A 1 19  ? -1.578  -1.813  4.364   0.50 6.99  ? 41  GLU A N   1 
ATOM   139  C CA  A GLU A 1 19  ? -1.147  -1.820  5.774   0.50 8.09  ? 41  GLU A CA  1 
ATOM   140  C CA  B GLU A 1 19  ? -1.178  -1.845  5.779   0.50 8.92  ? 41  GLU A CA  1 
ATOM   141  C C   A GLU A 1 19  ? -0.867  -3.257  6.226   0.50 8.51  ? 41  GLU A C   1 
ATOM   142  C C   B GLU A 1 19  ? -0.824  -3.287  6.151   0.50 9.00  ? 41  GLU A C   1 
ATOM   143  O O   A GLU A 1 19  ? -1.683  -4.150  5.992   0.50 9.41  ? 41  GLU A O   1 
ATOM   144  O O   B GLU A 1 19  ? -1.561  -4.215  5.821   0.50 9.60  ? 41  GLU A O   1 
ATOM   145  C CB  A GLU A 1 19  ? -2.262  -1.192  6.613   0.50 7.79  ? 41  GLU A CB  1 
ATOM   146  C CB  B GLU A 1 19  ? -2.322  -1.397  6.695   0.50 9.09  ? 41  GLU A CB  1 
ATOM   147  C CG  A GLU A 1 19  ? -2.093  -1.319  8.122   0.50 9.71  ? 41  GLU A CG  1 
ATOM   148  C CG  B GLU A 1 19  ? -3.046  -0.133  6.328   0.50 13.14 ? 41  GLU A CG  1 
ATOM   149  C CD  A GLU A 1 19  ? -3.412  -1.058  8.846   0.50 13.05 ? 41  GLU A CD  1 
ATOM   150  C CD  B GLU A 1 19  ? -4.302  0.051   7.172   0.50 17.70 ? 41  GLU A CD  1 
ATOM   151  O OE1 A GLU A 1 19  ? -3.369  -0.501  9.959   0.50 13.43 ? 41  GLU A OE1 1 
ATOM   152  O OE1 B GLU A 1 19  ? -4.144  0.326   8.376   0.50 19.46 ? 41  GLU A OE1 1 
ATOM   153  O OE2 A GLU A 1 19  ? -4.503  -1.411  8.308   0.50 15.80 ? 41  GLU A OE2 1 
ATOM   154  O OE2 B GLU A 1 19  ? -5.431  -0.120  6.637   0.50 16.03 ? 41  GLU A OE2 1 
ATOM   155  N N   . LYS A 1 20  ? 0.308   -3.465  6.820   1.00 9.43  ? 42  LYS A N   1 
ATOM   156  C CA  . LYS A 1 20  ? 0.772   -4.808  7.246   1.00 10.41 ? 42  LYS A CA  1 
ATOM   157  C C   . LYS A 1 20  ? 0.386   -5.003  8.703   1.00 12.59 ? 42  LYS A C   1 
ATOM   158  O O   . LYS A 1 20  ? 0.788   -4.223  9.566   1.00 11.83 ? 42  LYS A O   1 
ATOM   159  C CB  . LYS A 1 20  ? 2.291   -4.908  7.127   1.00 10.37 ? 42  LYS A CB  1 
ATOM   160  C CG  . LYS A 1 20  ? 2.849   -6.288  7.511   1.00 12.68 ? 42  LYS A CG  1 
ATOM   161  C CD  . LYS A 1 20  ? 4.347   -6.308  7.389   1.00 16.62 ? 42  LYS A CD  1 
ATOM   162  C CE  . LYS A 1 20  ? 4.928   -7.607  7.950   1.00 20.25 ? 42  LYS A CE  1 
ATOM   163  N NZ  . LYS A 1 20  ? 6.408   -7.470  8.065   1.00 21.12 ? 42  LYS A NZ  1 
ATOM   164  N N   . ASN A 1 21  ? -0.400  -6.039  8.981   1.00 13.47 ? 43  ASN A N   1 
ATOM   165  C CA  . ASN A 1 21  ? -0.736  -6.446  10.365  1.00 16.78 ? 43  ASN A CA  1 
ATOM   166  C C   . ASN A 1 21  ? -1.423  -5.380  11.203  1.00 18.48 ? 43  ASN A C   1 
ATOM   167  O O   . ASN A 1 21  ? -1.301  -5.373  12.451  1.00 19.93 ? 43  ASN A O   1 
ATOM   168  C CB  . ASN A 1 21  ? 0.516   -6.961  11.077  1.00 17.04 ? 43  ASN A CB  1 
ATOM   169  C CG  . ASN A 1 21  ? 0.976   -8.300  10.543  1.00 17.43 ? 43  ASN A CG  1 
ATOM   170  O OD1 . ASN A 1 21  ? 0.161   -9.094  10.066  1.00 17.38 ? 43  ASN A OD1 1 
ATOM   171  N ND2 . ASN A 1 21  ? 2.270   -8.547  10.604  1.00 20.39 ? 43  ASN A ND2 1 
ATOM   172  N N   . GLY A 1 22  ? -2.143  -4.495  10.528  1.00 19.45 ? 44  GLY A N   1 
ATOM   173  C CA  . GLY A 1 22  ? -2.977  -3.515  11.193  1.00 19.94 ? 44  GLY A CA  1 
ATOM   174  C C   . GLY A 1 22  ? -2.241  -2.478  12.021  1.00 19.57 ? 44  GLY A C   1 
ATOM   175  O O   . GLY A 1 22  ? -2.827  -1.916  12.956  1.00 22.43 ? 44  GLY A O   1 
ATOM   176  N N   . ARG A 1 23  ? -0.976  -2.207  11.690  1.00 18.26 ? 45  ARG A N   1 
ATOM   177  C CA  . ARG A 1 23  ? -0.227  -1.176  12.398  1.00 17.66 ? 45  ARG A CA  1 
ATOM   178  C C   . ARG A 1 23  ? 0.907   -0.714  11.503  1.00 15.89 ? 45  ARG A C   1 
ATOM   179  O O   . ARG A 1 23  ? 1.263   -1.454  10.566  1.00 14.76 ? 45  ARG A O   1 
ATOM   180  C CB  . ARG A 1 23  ? 0.350   -1.755  13.690  1.00 18.43 ? 45  ARG A CB  1 
ATOM   181  C CG  . ARG A 1 23  ? 1.200   -3.007  13.507  1.00 21.84 ? 45  ARG A CG  1 
ATOM   182  C CD  . ARG A 1 23  ? 1.512   -3.669  14.847  1.00 29.76 ? 45  ARG A CD  1 
ATOM   183  N NE  . ARG A 1 23  ? 2.356   -4.863  14.681  1.00 35.03 ? 45  ARG A NE  1 
ATOM   184  C CZ  . ARG A 1 23  ? 1.946   -6.122  14.858  1.00 38.52 ? 45  ARG A CZ  1 
ATOM   185  N NH1 . ARG A 1 23  ? 0.686   -6.399  15.202  1.00 39.44 ? 45  ARG A NH1 1 
ATOM   186  N NH2 . ARG A 1 23  ? 2.806   -7.123  14.691  1.00 40.72 ? 45  ARG A NH2 1 
ATOM   187  N N   . TYR A 1 24  ? 1.484   0.466   11.786  1.00 12.97 ? 46  TYR A N   1 
ATOM   188  C CA  . TYR A 1 24  ? 2.639   0.972   11.034  1.00 13.04 ? 46  TYR A CA  1 
ATOM   189  C C   . TYR A 1 24  ? 3.789   0.032   11.282  1.00 13.17 ? 46  TYR A C   1 
ATOM   190  O O   . TYR A 1 24  ? 4.287   -0.130  12.430  1.00 14.94 ? 46  TYR A O   1 
ATOM   191  C CB  . TYR A 1 24  ? 2.999   2.363   11.507  1.00 11.36 ? 46  TYR A CB  1 
ATOM   192  C CG  . TYR A 1 24  ? 2.057   3.454   11.097  1.00 10.75 ? 46  TYR A CG  1 
ATOM   193  C CD1 . TYR A 1 24  ? 1.792   3.718   9.746   1.00 10.88 ? 46  TYR A CD1 1 
ATOM   194  C CD2 . TYR A 1 24  ? 1.489   4.271   12.047  1.00 9.69  ? 46  TYR A CD2 1 
ATOM   195  C CE1 . TYR A 1 24  ? 0.947   4.748   9.372   1.00 8.22  ? 46  TYR A CE1 1 
ATOM   196  C CE2 . TYR A 1 24  ? 0.638   5.332   11.685  1.00 7.71  ? 46  TYR A CE2 1 
ATOM   197  C CZ  . TYR A 1 24  ? 0.375   5.561   10.318  1.00 9.51  ? 46  TYR A CZ  1 
ATOM   198  O OH  . TYR A 1 24  ? -0.432  6.597   9.897   1.00 10.63 ? 46  TYR A OH  1 
ATOM   199  N N   . SER A 1 25  ? 4.187   -0.665  10.244  1.00 11.09 ? 47  SER A N   1 
ATOM   200  C CA  . SER A 1 25  ? 5.155   -1.747  10.469  1.00 10.85 ? 47  SER A CA  1 
ATOM   201  C C   . SER A 1 25  ? 6.054   -2.086  9.302   1.00 11.08 ? 47  SER A C   1 
ATOM   202  O O   . SER A 1 25  ? 6.754   -3.102  9.350   1.00 11.64 ? 47  SER A O   1 
ATOM   203  C CB  . SER A 1 25  ? 4.452   -3.020  10.969  1.00 12.53 ? 47  SER A CB  1 
ATOM   204  O OG  . SER A 1 25  ? 3.573   -3.511  9.972   1.00 14.19 ? 47  SER A OG  1 
ATOM   205  N N   . ILE A 1 26  ? 6.066   -1.245  8.259   1.00 9.02  ? 48  ILE A N   1 
ATOM   206  C CA  . ILE A 1 26  ? 6.799   -1.519  7.025   1.00 9.44  ? 48  ILE A CA  1 
ATOM   207  C C   . ILE A 1 26  ? 7.990   -0.541  6.923   1.00 9.22  ? 48  ILE A C   1 
ATOM   208  O O   . ILE A 1 26  ? 7.818   0.674   7.012   1.00 9.36  ? 48  ILE A O   1 
ATOM   209  C CB  . ILE A 1 26  ? 5.844   -1.368  5.793   1.00 8.06  ? 48  ILE A CB  1 
ATOM   210  C CG1 . ILE A 1 26  ? 4.594   -2.234  5.963   1.00 9.21  ? 48  ILE A CG1 1 
ATOM   211  C CG2 . ILE A 1 26  ? 6.539   -1.716  4.528   1.00 12.37 ? 48  ILE A CG2 1 
ATOM   212  C CD1 . ILE A 1 26  ? 3.514   -2.039  4.833   1.00 8.81  ? 48  ILE A CD1 1 
ATOM   213  N N   . SER A 1 27  ? 9.193   -1.058  6.725   1.00 8.98  ? 49  SER A N   1 
ATOM   214  C CA  . SER A 1 27  ? 10.349  -0.228  6.421   1.00 10.01 ? 49  SER A CA  1 
ATOM   215  C C   . SER A 1 27  ? 10.361  0.131   4.951   1.00 10.94 ? 49  SER A C   1 
ATOM   216  O O   . SER A 1 27  ? 9.613   -0.472  4.172   1.00 9.75  ? 49  SER A O   1 
ATOM   217  C CB  . SER A 1 27  ? 11.638  -0.970  6.734   1.00 10.00 ? 49  SER A CB  1 
ATOM   218  O OG  . SER A 1 27  ? 11.785  -2.066  5.843   1.00 13.54 ? 49  SER A OG  1 
ATOM   219  N N   A ARG A 1 28  ? 11.218  1.080   4.581   0.50 10.61 ? 50  ARG A N   1 
ATOM   220  N N   B ARG A 1 28  ? 11.191  1.087   4.538   0.50 10.65 ? 50  ARG A N   1 
ATOM   221  C CA  A ARG A 1 28  ? 11.387  1.510   3.191   0.50 11.14 ? 50  ARG A CA  1 
ATOM   222  C CA  B ARG A 1 28  ? 11.221  1.442   3.113   0.50 11.29 ? 50  ARG A CA  1 
ATOM   223  C C   A ARG A 1 28  ? 11.702  0.320   2.279   0.50 11.48 ? 50  ARG A C   1 
ATOM   224  C C   B ARG A 1 28  ? 11.665  0.264   2.242   0.50 11.50 ? 50  ARG A C   1 
ATOM   225  O O   A ARG A 1 28  ? 11.086  0.155   1.228   0.50 11.58 ? 50  ARG A O   1 
ATOM   226  O O   B ARG A 1 28  ? 11.101  0.055   1.168   0.50 11.59 ? 50  ARG A O   1 
ATOM   227  C CB  A ARG A 1 28  ? 12.478  2.593   3.091   0.50 11.85 ? 50  ARG A CB  1 
ATOM   228  C CB  B ARG A 1 28  ? 12.036  2.704   2.805   0.50 11.88 ? 50  ARG A CB  1 
ATOM   229  C CG  A ARG A 1 28  ? 12.738  3.093   1.664   0.50 12.15 ? 50  ARG A CG  1 
ATOM   230  C CG  B ARG A 1 28  ? 12.046  3.025   1.306   0.50 13.21 ? 50  ARG A CG  1 
ATOM   231  C CD  A ARG A 1 28  ? 11.439  3.554   0.973   0.50 14.71 ? 50  ARG A CD  1 
ATOM   232  C CD  B ARG A 1 28  ? 12.755  4.325   0.969   0.50 14.50 ? 50  ARG A CD  1 
ATOM   233  N NE  A ARG A 1 28  ? 11.684  4.027   -0.388  0.50 15.83 ? 50  ARG A NE  1 
ATOM   234  N NE  B ARG A 1 28  ? 11.918  5.502   1.179   0.50 14.15 ? 50  ARG A NE  1 
ATOM   235  C CZ  A ARG A 1 28  ? 12.043  3.232   -1.390  0.50 16.92 ? 50  ARG A CZ  1 
ATOM   236  C CZ  B ARG A 1 28  ? 10.899  5.823   0.393   0.50 13.13 ? 50  ARG A CZ  1 
ATOM   237  N NH1 A ARG A 1 28  ? 12.177  1.930   -1.181  0.50 16.99 ? 50  ARG A NH1 1 
ATOM   238  N NH1 B ARG A 1 28  ? 10.594  5.050   -0.629  0.50 12.45 ? 50  ARG A NH1 1 
ATOM   239  N NH2 A ARG A 1 28  ? 12.260  3.729   -2.597  0.50 17.04 ? 50  ARG A NH2 1 
ATOM   240  N NH2 B ARG A 1 28  ? 10.193  6.905   0.623   0.50 3.70  ? 50  ARG A NH2 1 
ATOM   241  N N   . THR A 1 29  ? 12.644  -0.519  2.703   1.00 11.66 ? 51  THR A N   1 
ATOM   242  C CA  . THR A 1 29  ? 13.061  -1.710  1.916   1.00 12.64 ? 51  THR A CA  1 
ATOM   243  C C   . THR A 1 29  ? 11.938  -2.742  1.793   1.00 11.74 ? 51  THR A C   1 
ATOM   244  O O   . THR A 1 29  ? 11.702  -3.266  0.702   1.00 12.46 ? 51  THR A O   1 
ATOM   245  C CB  . THR A 1 29  ? 14.324  -2.380  2.438   1.00 13.94 ? 51  THR A CB  1 
ATOM   246  O OG1 . THR A 1 29  ? 14.181  -2.650  3.830   1.00 16.48 ? 51  THR A OG1 1 
ATOM   247  C CG2 . THR A 1 29  ? 15.523  -1.497  2.198   1.00 17.45 ? 51  THR A CG2 1 
ATOM   248  N N   . GLU A 1 30  ? 11.211  -2.996  2.883   1.00 11.11 ? 52  GLU A N   1 
ATOM   249  C CA  . GLU A 1 30  ? 10.109  -3.930  2.858   1.00 11.08 ? 52  GLU A CA  1 
ATOM   250  C C   . GLU A 1 30  ? 8.978   -3.404  1.966   1.00 10.62 ? 52  GLU A C   1 
ATOM   251  O O   . GLU A 1 30  ? 8.301   -4.180  1.296   1.00 10.64 ? 52  GLU A O   1 
ATOM   252  C CB  . GLU A 1 30  ? 9.571   -4.257  4.260   1.00 11.79 ? 52  GLU A CB  1 
ATOM   253  C CG  . GLU A 1 30  ? 8.455   -5.290  4.223   1.00 14.05 ? 52  GLU A CG  1 
ATOM   254  C CD  . GLU A 1 30  ? 8.158   -5.969  5.567   1.00 17.40 ? 52  GLU A CD  1 
ATOM   255  O OE1 . GLU A 1 30  ? 8.956   -5.843  6.524   1.00 21.26 ? 52  GLU A OE1 1 
ATOM   256  O OE2 . GLU A 1 30  ? 7.134   -6.670  5.674   1.00 18.10 ? 52  GLU A OE2 1 
ATOM   257  N N   . ALA A 1 31  ? 8.784   -2.087  1.941   1.00 9.41  ? 53  ALA A N   1 
ATOM   258  C CA  . ALA A 1 31  ? 7.718   -1.501  1.156   1.00 9.31  ? 53  ALA A CA  1 
ATOM   259  C C   . ALA A 1 31  ? 7.995   -1.783  -0.305  1.00 8.29  ? 53  ALA A C   1 
ATOM   260  O O   . ALA A 1 31  ? 7.079   -2.160  -1.040  1.00 7.89  ? 53  ALA A O   1 
ATOM   261  C CB  . ALA A 1 31  ? 7.660   -0.025  1.409   1.00 8.75  ? 53  ALA A CB  1 
ATOM   262  N N   . ALA A 1 32  ? 9.231   -1.584  -0.759  1.00 9.12  ? 54  ALA A N   1 
ATOM   263  C CA  . ALA A 1 32  ? 9.526   -1.904  -2.167  1.00 9.38  ? 54  ALA A CA  1 
ATOM   264  C C   . ALA A 1 32  ? 9.298   -3.386  -2.508  1.00 9.98  ? 54  ALA A C   1 
ATOM   265  O O   . ALA A 1 32  ? 8.748   -3.715  -3.567  1.00 10.18 ? 54  ALA A O   1 
ATOM   266  C CB  . ALA A 1 32  ? 10.943  -1.433  -2.551  1.00 10.24 ? 54  ALA A CB  1 
ATOM   267  N N   . ASP A 1 33  ? 9.673   -4.266  -1.579  1.00 9.98  ? 55  ASP A N   1 
ATOM   268  C CA  . ASP A 1 33  ? 9.509   -5.704  -1.807  1.00 11.53 ? 55  ASP A CA  1 
ATOM   269  C C   . ASP A 1 33  ? 8.040   -6.084  -1.815  1.00 9.92  ? 55  ASP A C   1 
ATOM   270  O O   . ASP A 1 33  ? 7.603   -6.941  -2.618  1.00 10.15 ? 55  ASP A O   1 
ATOM   271  C CB  . ASP A 1 33  ? 10.230  -6.476  -0.719  1.00 12.32 ? 55  ASP A CB  1 
ATOM   272  C CG  . ASP A 1 33  ? 11.746  -6.503  -0.905  1.00 15.60 ? 55  ASP A CG  1 
ATOM   273  O OD1 . ASP A 1 33  ? 12.221  -6.099  -1.979  1.00 19.56 ? 55  ASP A OD1 1 
ATOM   274  O OD2 . ASP A 1 33  ? 12.443  -6.903  0.070   1.00 17.09 ? 55  ASP A OD2 1 
ATOM   275  N N   . LEU A 1 34  ? 7.250   -5.445  -0.939  1.00 8.98  ? 56  LEU A N   1 
ATOM   276  C CA  . LEU A 1 34  ? 5.828   -5.680  -0.892  1.00 9.65  ? 56  LEU A CA  1 
ATOM   277  C C   . LEU A 1 34  ? 5.162   -5.258  -2.192  1.00 8.57  ? 56  LEU A C   1 
ATOM   278  O O   . LEU A 1 34  ? 4.383   -6.011  -2.800  1.00 9.23  ? 56  LEU A O   1 
ATOM   279  C CB  . LEU A 1 34  ? 5.224   -4.967  0.308   1.00 10.47 ? 56  LEU A CB  1 
ATOM   280  C CG  . LEU A 1 34  ? 3.781   -5.301  0.623   1.00 13.15 ? 56  LEU A CG  1 
ATOM   281  C CD1 . LEU A 1 34  ? 3.586   -6.827  0.667   1.00 16.48 ? 56  LEU A CD1 1 
ATOM   282  C CD2 . LEU A 1 34  ? 3.405   -4.694  1.974   1.00 14.20 ? 56  LEU A CD2 1 
ATOM   283  N N   . CYS A 1 35  ? 5.449   -4.049  -2.655  1.00 8.46  ? 57  CYS A N   1 
ATOM   284  C CA  . CYS A 1 35  ? 4.843   -3.650  -3.930  1.00 9.79  ? 57  CYS A CA  1 
ATOM   285  C C   . CYS A 1 35  ? 5.237   -4.597  -5.043  1.00 9.73  ? 57  CYS A C   1 
ATOM   286  O O   . CYS A 1 35  ? 4.373   -4.922  -5.869  1.00 9.88  ? 57  CYS A O   1 
ATOM   287  C CB  . CYS A 1 35  ? 5.201   -2.201  -4.302  1.00 9.92  ? 57  CYS A CB  1 
ATOM   288  S SG  . CYS A 1 35  ? 4.540   -0.973  -3.155  1.00 10.86 ? 57  CYS A SG  1 
ATOM   289  N N   A GLN A 1 36  ? 6.500   -5.039  -5.062  0.50 9.92  ? 58  GLN A N   1 
ATOM   290  N N   B GLN A 1 36  ? 6.505   -5.028  -5.053  0.50 9.91  ? 58  GLN A N   1 
ATOM   291  C CA  A GLN A 1 36  ? 6.944   -5.980  -6.089  0.50 10.37 ? 58  GLN A CA  1 
ATOM   292  C CA  B GLN A 1 36  ? 6.997   -5.982  -6.050  0.50 10.36 ? 58  GLN A CA  1 
ATOM   293  C C   A GLN A 1 36  ? 6.127   -7.277  -6.077  0.50 9.68  ? 58  GLN A C   1 
ATOM   294  C C   B GLN A 1 36  ? 6.183   -7.280  -6.064  0.50 9.71  ? 58  GLN A C   1 
ATOM   295  O O   A GLN A 1 36  ? 5.763   -7.811  -7.135  0.50 9.38  ? 58  GLN A O   1 
ATOM   296  O O   B GLN A 1 36  ? 5.884   -7.814  -7.136  0.50 9.79  ? 58  GLN A O   1 
ATOM   297  C CB  A GLN A 1 36  ? 8.438   -6.273  -5.979  0.50 10.83 ? 58  GLN A CB  1 
ATOM   298  C CB  B GLN A 1 36  ? 8.489   -6.265  -5.844  0.50 10.86 ? 58  GLN A CB  1 
ATOM   299  C CG  A GLN A 1 36  ? 8.888   -7.235  -7.055  0.50 13.88 ? 58  GLN A CG  1 
ATOM   300  C CG  B GLN A 1 36  ? 9.012   -7.420  -6.683  0.50 13.34 ? 58  GLN A CG  1 
ATOM   301  C CD  A GLN A 1 36  ? 10.384  -7.306  -7.193  0.50 17.61 ? 58  GLN A CD  1 
ATOM   302  C CD  B GLN A 1 36  ? 9.096   -7.083  -8.168  0.50 16.97 ? 58  GLN A CD  1 
ATOM   303  O OE1 A GLN A 1 36  ? 10.943  -8.393  -7.342  0.50 22.48 ? 58  GLN A OE1 1 
ATOM   304  O OE1 B GLN A 1 36  ? 9.209   -7.977  -9.009  0.50 21.89 ? 58  GLN A OE1 1 
ATOM   305  N NE2 A GLN A 1 36  ? 11.047  -6.157  -7.138  0.50 20.09 ? 58  GLN A NE2 1 
ATOM   306  N NE2 B GLN A 1 36  ? 9.051   -5.799  -8.494  0.50 17.35 ? 58  GLN A NE2 1 
ATOM   307  N N   . ALA A 1 37  ? 5.775   -7.752  -4.889  1.00 10.02 ? 59  ALA A N   1 
ATOM   308  C CA  . ALA A 1 37  ? 4.929   -8.932  -4.777  1.00 10.61 ? 59  ALA A CA  1 
ATOM   309  C C   . ALA A 1 37  ? 3.549   -8.794  -5.411  1.00 10.39 ? 59  ALA A C   1 
ATOM   310  O O   . ALA A 1 37  ? 2.948   -9.777  -5.872  1.00 9.80  ? 59  ALA A O   1 
ATOM   311  C CB  . ALA A 1 37  ? 4.804   -9.347  -3.327  1.00 11.60 ? 59  ALA A CB  1 
ATOM   312  N N   . PHE A 1 38  ? 3.048   -7.546  -5.463  1.00 9.72  ? 60  PHE A N   1 
ATOM   313  C CA  . PHE A 1 38  ? 1.794   -7.216  -6.138  1.00 11.26 ? 60  PHE A CA  1 
ATOM   314  C C   . PHE A 1 38  ? 2.033   -6.812  -7.603  1.00 10.48 ? 60  PHE A C   1 
ATOM   315  O O   . PHE A 1 38  ? 1.140   -6.188  -8.237  1.00 11.61 ? 60  PHE A O   1 
ATOM   316  C CB  . PHE A 1 38  ? 1.119   -6.014  -5.478  1.00 9.99  ? 60  PHE A CB  1 
ATOM   317  C CG  . PHE A 1 38  ? 0.437   -6.324  -4.187  1.00 9.94  ? 60  PHE A CG  1 
ATOM   318  C CD1 . PHE A 1 38  ? -0.808  -6.978  -4.168  1.00 11.08 ? 60  PHE A CD1 1 
ATOM   319  C CD2 . PHE A 1 38  ? 1.030   -5.907  -2.991  1.00 10.40 ? 60  PHE A CD2 1 
ATOM   320  C CE1 . PHE A 1 38  ? -1.450  -7.247  -2.946  1.00 11.71 ? 60  PHE A CE1 1 
ATOM   321  C CE2 . PHE A 1 38  ? 0.412   -6.168  -1.785  1.00 8.99  ? 60  PHE A CE2 1 
ATOM   322  C CZ  . PHE A 1 38  ? -0.837  -6.841  -1.753  1.00 10.11 ? 60  PHE A CZ  1 
ATOM   323  N N   A ASN A 1 39  ? 3.194   -7.179  -8.154  0.50 10.73 ? 61  ASN A N   1 
ATOM   324  N N   B ASN A 1 39  ? 3.222   -7.095  -8.138  0.50 10.84 ? 61  ASN A N   1 
ATOM   325  C CA  A ASN A 1 39  ? 3.595   -6.694  -9.488  0.50 10.76 ? 61  ASN A CA  1 
ATOM   326  C CA  B ASN A 1 39  ? 3.546   -6.678  -9.517  0.50 10.99 ? 61  ASN A CA  1 
ATOM   327  C C   A ASN A 1 39  ? 3.283   -5.207  -9.597  0.50 10.45 ? 61  ASN A C   1 
ATOM   328  C C   B ASN A 1 39  ? 3.499   -5.153  -9.705  0.50 10.61 ? 61  ASN A C   1 
ATOM   329  O O   A ASN A 1 39  ? 2.594   -4.765  -10.526 0.50 10.93 ? 61  ASN A O   1 
ATOM   330  O O   B ASN A 1 39  ? 3.251   -4.614  -10.800 0.50 9.81  ? 61  ASN A O   1 
ATOM   331  C CB  A ASN A 1 39  ? 2.903   -7.470  -10.634 0.50 11.66 ? 61  ASN A CB  1 
ATOM   332  C CB  B ASN A 1 39  ? 2.623   -7.376  -10.525 0.50 12.22 ? 61  ASN A CB  1 
ATOM   333  C CG  A ASN A 1 39  ? 3.558   -8.810  -10.927 0.50 12.36 ? 61  ASN A CG  1 
ATOM   334  C CG  B ASN A 1 39  ? 3.177   -7.339  -11.912 0.50 14.20 ? 61  ASN A CG  1 
ATOM   335  O OD1 A ASN A 1 39  ? 4.781   -8.942  -10.879 0.50 18.00 ? 61  ASN A OD1 1 
ATOM   336  O OD1 B ASN A 1 39  ? 4.394   -7.404  -12.095 0.50 17.91 ? 61  ASN A OD1 1 
ATOM   337  N ND2 A ASN A 1 39  ? 2.738   -9.809  -11.224 0.50 17.17 ? 61  ASN A ND2 1 
ATOM   338  N ND2 B ASN A 1 39  ? 2.299   -7.226  -12.906 0.50 16.85 ? 61  ASN A ND2 1 
ATOM   339  N N   . SER A 1 40  ? 3.790   -4.471  -8.610  1.00 9.37  ? 62  SER A N   1 
ATOM   340  C CA  . SER A 1 40  ? 3.612   -3.007  -8.525  1.00 9.95  ? 62  SER A CA  1 
ATOM   341  C C   . SER A 1 40  ? 4.893   -2.330  -8.101  1.00 9.92  ? 62  SER A C   1 
ATOM   342  O O   . SER A 1 40  ? 5.860   -2.995  -7.710  1.00 10.77 ? 62  SER A O   1 
ATOM   343  C CB  . SER A 1 40  ? 2.513   -2.742  -7.503  1.00 8.84  ? 62  SER A CB  1 
ATOM   344  O OG  . SER A 1 40  ? 1.252   -3.257  -7.915  1.00 9.88  ? 62  SER A OG  1 
ATOM   345  N N   . THR A 1 41  ? 4.915   -1.011  -8.150  1.00 9.51  ? 63  THR A N   1 
ATOM   346  C CA  . THR A 1 41  ? 6.069   -0.240  -7.727  1.00 10.26 ? 63  THR A CA  1 
ATOM   347  C C   . THR A 1 41  ? 5.612   0.809   -6.724  1.00 8.07  ? 63  THR A C   1 
ATOM   348  O O   . THR A 1 41  ? 4.409   1.114   -6.625  1.00 9.64  ? 63  THR A O   1 
ATOM   349  C CB  . THR A 1 41  ? 6.712   0.505   -8.927  1.00 10.68 ? 63  THR A CB  1 
ATOM   350  O OG1 . THR A 1 41  ? 5.696   1.201   -9.642  1.00 13.37 ? 63  THR A OG1 1 
ATOM   351  C CG2 . THR A 1 41  ? 7.363   -0.479  -9.895  1.00 14.14 ? 63  THR A CG2 1 
ATOM   352  N N   A LEU A 1 42  ? 6.532   1.363   -5.949  0.50 7.86  ? 64  LEU A N   1 
ATOM   353  N N   B LEU A 1 42  ? 6.534   1.374   -5.963  0.50 7.71  ? 64  LEU A N   1 
ATOM   354  C CA  A LEU A 1 42  ? 6.197   2.566   -5.188  0.50 7.84  ? 64  LEU A CA  1 
ATOM   355  C CA  B LEU A 1 42  ? 6.211   2.567   -5.179  0.50 7.57  ? 64  LEU A CA  1 
ATOM   356  C C   A LEU A 1 42  ? 5.765   3.668   -6.165  0.50 7.76  ? 64  LEU A C   1 
ATOM   357  C C   B LEU A 1 42  ? 5.823   3.731   -6.104  0.50 7.55  ? 64  LEU A C   1 
ATOM   358  O O   A LEU A 1 42  ? 6.417   3.873   -7.178  0.50 8.28  ? 64  LEU A O   1 
ATOM   359  O O   B LEU A 1 42  ? 6.584   4.061   -7.005  0.50 7.90  ? 64  LEU A O   1 
ATOM   360  C CB  A LEU A 1 42  ? 7.376   3.051   -4.352  0.50 8.47  ? 64  LEU A CB  1 
ATOM   361  C CB  B LEU A 1 42  ? 7.408   2.990   -4.345  0.50 7.72  ? 64  LEU A CB  1 
ATOM   362  C CG  A LEU A 1 42  ? 7.643   2.273   -3.071  0.50 8.48  ? 64  LEU A CG  1 
ATOM   363  C CG  B LEU A 1 42  ? 7.834   1.996   -3.280  0.50 8.11  ? 64  LEU A CG  1 
ATOM   364  C CD1 A LEU A 1 42  ? 6.522   2.455   -2.095  0.50 10.14 ? 64  LEU A CD1 1 
ATOM   365  C CD1 B LEU A 1 42  ? 9.081   2.526   -2.615  0.50 8.84  ? 64  LEU A CD1 1 
ATOM   366  C CD2 A LEU A 1 42  ? 7.807   0.837   -3.404  0.50 10.65 ? 64  LEU A CD2 1 
ATOM   367  C CD2 B LEU A 1 42  ? 6.747   1.824   -2.267  0.50 8.76  ? 64  LEU A CD2 1 
ATOM   368  N N   . PRO A 1 43  ? 4.650   4.360   -5.871  1.00 7.87  ? 65  PRO A N   1 
ATOM   369  C CA  . PRO A 1 43  ? 4.196   5.400   -6.758  1.00 6.54  ? 65  PRO A CA  1 
ATOM   370  C C   . PRO A 1 43  ? 5.170   6.601   -6.829  1.00 7.25  ? 65  PRO A C   1 
ATOM   371  O O   . PRO A 1 43  ? 5.813   6.935   -5.834  1.00 7.94  ? 65  PRO A O   1 
ATOM   372  C CB  . PRO A 1 43  ? 2.869   5.850   -6.134  1.00 6.96  ? 65  PRO A CB  1 
ATOM   373  C CG  . PRO A 1 43  ? 2.425   4.717   -5.307  1.00 7.26  ? 65  PRO A CG  1 
ATOM   374  C CD  . PRO A 1 43  ? 3.689   4.075   -4.795  1.00 7.00  ? 65  PRO A CD  1 
ATOM   375  N N   . THR A 1 44  ? 5.245   7.268   -7.969  1.00 7.91  ? 66  THR A N   1 
ATOM   376  C CA  . THR A 1 44  ? 5.841   8.588   -7.984  1.00 8.48  ? 66  THR A CA  1 
ATOM   377  C C   . THR A 1 44  ? 4.839   9.591   -7.424  1.00 7.57  ? 66  THR A C   1 
ATOM   378  O O   . THR A 1 44  ? 3.622   9.321   -7.314  1.00 8.26  ? 66  THR A O   1 
ATOM   379  C CB  . THR A 1 44  ? 6.202   9.034   -9.391  1.00 8.46  ? 66  THR A CB  1 
ATOM   380  O OG1 . THR A 1 44  ? 5.003   9.110   -10.165 1.00 9.87  ? 66  THR A OG1 1 
ATOM   381  C CG2 . THR A 1 44  ? 7.166   8.059   -10.024 1.00 11.21 ? 66  THR A CG2 1 
ATOM   382  N N   . MET A 1 45  ? 5.349   10.768  -7.092  1.00 8.90  ? 67  MET A N   1 
ATOM   383  C CA  . MET A 1 45  ? 4.483   11.842  -6.657  1.00 9.00  ? 67  MET A CA  1 
ATOM   384  C C   . MET A 1 45  ? 3.420   12.192  -7.710  1.00 8.70  ? 67  MET A C   1 
ATOM   385  O O   . MET A 1 45  ? 2.250   12.386  -7.362  1.00 9.73  ? 67  MET A O   1 
ATOM   386  C CB  . MET A 1 45  ? 5.310   13.088  -6.261  1.00 10.69 ? 67  MET A CB  1 
ATOM   387  C CG  . MET A 1 45  ? 4.436   14.271  -5.835  1.00 12.78 ? 67  MET A CG  1 
ATOM   388  S SD  . MET A 1 45  ? 3.427   13.943  -4.362  1.00 17.58 ? 67  MET A SD  1 
ATOM   389  C CE  . MET A 1 45  ? 4.676   14.004  -3.136  1.00 17.69 ? 67  MET A CE  1 
ATOM   390  N N   . ASP A 1 46  ? 3.812   12.189  -8.981  1.00 9.92  ? 68  ASP A N   1 
ATOM   391  C CA  . ASP A 1 46  ? 2.858   12.476  -10.052 1.00 10.74 ? 68  ASP A CA  1 
ATOM   392  C C   . ASP A 1 46  ? 1.747   11.419  -10.116 1.00 8.90  ? 68  ASP A C   1 
ATOM   393  O O   . ASP A 1 46  ? 0.586   11.750  -10.264 1.00 9.43  ? 68  ASP A O   1 
ATOM   394  C CB  . ASP A 1 46  ? 3.594   12.568  -11.404 1.00 11.67 ? 68  ASP A CB  1 
ATOM   395  C CG  . ASP A 1 46  ? 4.228   13.955  -11.648 1.00 18.83 ? 68  ASP A CG  1 
ATOM   396  O OD1 . ASP A 1 46  ? 4.033   14.889  -10.812 1.00 24.34 ? 68  ASP A OD1 1 
ATOM   397  O OD2 . ASP A 1 46  ? 4.934   14.108  -12.682 1.00 25.41 ? 68  ASP A OD2 1 
ATOM   398  N N   . GLN A 1 47  ? 2.106   10.145  -10.004 1.00 7.77  ? 69  GLN A N   1 
ATOM   399  C CA  . GLN A 1 47  ? 1.107   9.073   -9.950  1.00 7.07  ? 69  GLN A CA  1 
ATOM   400  C C   . GLN A 1 47  ? 0.179   9.222   -8.776  1.00 5.76  ? 69  GLN A C   1 
ATOM   401  O O   . GLN A 1 47  ? -1.039  9.066   -8.913  1.00 6.44  ? 69  GLN A O   1 
ATOM   402  C CB  . GLN A 1 47  ? 1.802   7.700   -9.915  1.00 7.67  ? 69  GLN A CB  1 
ATOM   403  C CG  . GLN A 1 47  ? 2.456   7.329   -11.250 1.00 6.67  ? 69  GLN A CG  1 
ATOM   404  C CD  . GLN A 1 47  ? 3.415   6.150   -11.134 1.00 8.15  ? 69  GLN A CD  1 
ATOM   405  O OE1 . GLN A 1 47  ? 3.912   5.799   -10.068 1.00 10.30 ? 69  GLN A OE1 1 
ATOM   406  N NE2 . GLN A 1 47  ? 3.686   5.533   -12.267 1.00 9.39  ? 69  GLN A NE2 1 
ATOM   407  N N   . MET A 1 48  ? 0.725   9.596   -7.605  1.00 6.33  ? 70  MET A N   1 
ATOM   408  C CA  . MET A 1 48  ? -0.130  9.798   -6.451  1.00 6.91  ? 70  MET A CA  1 
ATOM   409  C C   . MET A 1 48  ? -1.079  11.002  -6.643  1.00 6.51  ? 70  MET A C   1 
ATOM   410  O O   . MET A 1 48  ? -2.227  10.977  -6.225  1.00 6.97  ? 70  MET A O   1 
ATOM   411  C CB  . MET A 1 48  ? 0.739   9.947   -5.177  1.00 6.40  ? 70  MET A CB  1 
ATOM   412  C CG  . MET A 1 48  ? -0.029  10.253  -3.909  1.00 11.26 ? 70  MET A CG  1 
ATOM   413  S SD  . MET A 1 48  ? -1.193  8.988   -3.403  1.00 8.38  ? 70  MET A SD  1 
ATOM   414  C CE  . MET A 1 48  ? -0.050  7.760   -2.847  1.00 12.62 ? 70  MET A CE  1 
ATOM   415  N N   . LYS A 1 49  ? -0.574  12.083  -7.245  1.00 7.14  ? 71  LYS A N   1 
ATOM   416  C CA  . LYS A 1 49  ? -1.429  13.246  -7.478  1.00 8.03  ? 71  LYS A CA  1 
ATOM   417  C C   . LYS A 1 49  ? -2.562  12.911  -8.428  1.00 7.06  ? 71  LYS A C   1 
ATOM   418  O O   . LYS A 1 49  ? -3.706  13.356  -8.214  1.00 8.42  ? 71  LYS A O   1 
ATOM   419  C CB  . LYS A 1 49  ? -0.596  14.397  -8.001  1.00 8.95  ? 71  LYS A CB  1 
ATOM   420  C CG  . LYS A 1 49  ? 0.153   15.115  -6.881  1.00 10.68 ? 71  LYS A CG  1 
ATOM   421  C CD  . LYS A 1 49  ? 1.058   16.202  -7.428  1.00 17.10 ? 71  LYS A CD  1 
ATOM   422  C CE  . LYS A 1 49  ? 1.776   16.939  -6.279  1.00 20.87 ? 71  LYS A CE  1 
ATOM   423  N NZ  . LYS A 1 49  ? 2.681   18.015  -6.843  1.00 24.40 ? 71  LYS A NZ  1 
ATOM   424  N N   . LEU A 1 50  ? -2.326  12.075  -9.439  1.00 7.45  ? 72  LEU A N   1 
ATOM   425  C CA  . LEU A 1 50  ? -3.415  11.669  -10.294 1.00 7.82  ? 72  LEU A CA  1 
ATOM   426  C C   . LEU A 1 50  ? -4.417  10.788  -9.530  1.00 7.25  ? 72  LEU A C   1 
ATOM   427  O O   . LEU A 1 50  ? -5.639  10.954  -9.662  1.00 7.67  ? 72  LEU A O   1 
ATOM   428  C CB  . LEU A 1 50  ? -2.911  10.958  -11.560 1.00 8.94  ? 72  LEU A CB  1 
ATOM   429  C CG  . LEU A 1 50  ? -4.041  10.793  -12.575 1.00 10.25 ? 72  LEU A CG  1 
ATOM   430  C CD1 . LEU A 1 50  ? -4.527  12.099  -13.177 1.00 13.38 ? 72  LEU A CD1 1 
ATOM   431  C CD2 . LEU A 1 50  ? -3.540  9.874   -13.680 1.00 13.00 ? 72  LEU A CD2 1 
ATOM   432  N N   . ALA A 1 51  ? -3.915  9.876   -8.710  1.00 6.56  ? 73  ALA A N   1 
ATOM   433  C CA  . ALA A 1 51  ? -4.791  9.037   -7.906  1.00 7.03  ? 73  ALA A CA  1 
ATOM   434  C C   . ALA A 1 51  ? -5.689  9.882   -7.019  1.00 7.68  ? 73  ALA A C   1 
ATOM   435  O O   . ALA A 1 51  ? -6.905  9.625   -6.881  1.00 7.34  ? 73  ALA A O   1 
ATOM   436  C CB  . ALA A 1 51  ? -3.985  8.018   -7.085  1.00 6.35  ? 73  ALA A CB  1 
ATOM   437  N N   . LEU A 1 52  ? -5.097  10.867  -6.357  1.00 7.76  ? 74  LEU A N   1 
ATOM   438  C CA  . LEU A 1 52  ? -5.868  11.822  -5.529  1.00 9.44  ? 74  LEU A CA  1 
ATOM   439  C C   . LEU A 1 52  ? -7.003  12.457  -6.329  1.00 9.75  ? 74  LEU A C   1 
ATOM   440  O O   . LEU A 1 52  ? -8.141  12.522  -5.875  1.00 9.91  ? 74  LEU A O   1 
ATOM   441  C CB  . LEU A 1 52  ? -4.906  12.863  -4.959  1.00 10.01 ? 74  LEU A CB  1 
ATOM   442  C CG  . LEU A 1 52  ? -5.518  14.036  -4.170  1.00 13.67 ? 74  LEU A CG  1 
ATOM   443  C CD1 . LEU A 1 52  ? -5.763  13.554  -2.805  1.00 19.18 ? 74  LEU A CD1 1 
ATOM   444  C CD2 . LEU A 1 52  ? -4.512  15.173  -4.100  1.00 16.77 ? 74  LEU A CD2 1 
ATOM   445  N N   . SER A 1 53  ? -6.686  12.872  -7.541  1.00 8.60  ? 75  SER A N   1 
ATOM   446  C CA  . SER A 1 53  ? -7.667  13.564  -8.367  1.00 9.37  ? 75  SER A CA  1 
ATOM   447  C C   . SER A 1 53  ? -8.827  12.649  -8.747  1.00 11.51 ? 75  SER A C   1 
ATOM   448  O O   . SER A 1 53  ? -9.909  13.170  -9.079  1.00 13.44 ? 75  SER A O   1 
ATOM   449  C CB  . SER A 1 53  ? -6.959  14.177  -9.585  1.00 10.41 ? 75  SER A CB  1 
ATOM   450  O OG  . SER A 1 53  ? -6.760  13.208  -10.597 1.00 12.46 ? 75  SER A OG  1 
ATOM   451  N N   . LYS A 1 54  ? -8.641  11.325  -8.680  1.00 10.16 ? 76  LYS A N   1 
ATOM   452  C CA  . LYS A 1 54  ? -9.679  10.326  -8.976  1.00 10.15 ? 76  LYS A CA  1 
ATOM   453  C C   . LYS A 1 54  ? -10.453 9.876   -7.755  1.00 10.96 ? 76  LYS A C   1 
ATOM   454  O O   . LYS A 1 54  ? -11.402 9.082   -7.884  1.00 12.04 ? 76  LYS A O   1 
ATOM   455  C CB  . LYS A 1 54  ? -9.100  9.067   -9.668  1.00 11.71 ? 76  LYS A CB  1 
ATOM   456  C CG  . LYS A 1 54  ? -8.286  9.329   -10.915 1.00 13.74 ? 76  LYS A CG  1 
ATOM   457  C CD  . LYS A 1 54  ? -9.093  10.012  -12.004 1.00 18.35 ? 76  LYS A CD  1 
ATOM   458  C CE  . LYS A 1 54  ? -8.251  10.143  -13.299 1.00 20.20 ? 76  LYS A CE  1 
ATOM   459  N NZ  . LYS A 1 54  ? -9.059  10.764  -14.384 1.00 21.52 ? 76  LYS A NZ  1 
ATOM   460  N N   . GLY A 1 55  ? -10.100 10.386  -6.571  1.00 9.51  ? 77  GLY A N   1 
ATOM   461  C CA  . GLY A 1 55  ? -10.886 10.041  -5.396  1.00 9.86  ? 77  GLY A CA  1 
ATOM   462  C C   . GLY A 1 55  ? -10.128 9.369   -4.252  1.00 9.52  ? 77  GLY A C   1 
ATOM   463  O O   . GLY A 1 55  ? -10.730 9.035   -3.230  1.00 10.87 ? 77  GLY A O   1 
ATOM   464  N N   . PHE A 1 56  ? -8.812  9.212   -4.408  1.00 8.48  ? 78  PHE A N   1 
ATOM   465  C CA  . PHE A 1 56  ? -8.030  8.495   -3.409  1.00 7.62  ? 78  PHE A CA  1 
ATOM   466  C C   . PHE A 1 56  ? -7.716  9.339   -2.181  1.00 7.20  ? 78  PHE A C   1 
ATOM   467  O O   . PHE A 1 56  ? -7.106  10.392  -2.317  1.00 6.98  ? 78  PHE A O   1 
ATOM   468  C CB  . PHE A 1 56  ? -6.731  8.025   -4.051  1.00 7.39  ? 78  PHE A CB  1 
ATOM   469  C CG  . PHE A 1 56  ? -5.903  7.067   -3.205  1.00 6.94  ? 78  PHE A CG  1 
ATOM   470  C CD1 . PHE A 1 56  ? -6.503  6.068   -2.437  1.00 7.91  ? 78  PHE A CD1 1 
ATOM   471  C CD2 . PHE A 1 56  ? -4.525  7.147   -3.201  1.00 9.41  ? 78  PHE A CD2 1 
ATOM   472  C CE1 . PHE A 1 56  ? -5.735  5.123   -1.724  1.00 8.62  ? 78  PHE A CE1 1 
ATOM   473  C CE2 . PHE A 1 56  ? -3.752  6.229   -2.463  1.00 10.01 ? 78  PHE A CE2 1 
ATOM   474  C CZ  . PHE A 1 56  ? -4.364  5.219   -1.752  1.00 9.19  ? 78  PHE A CZ  1 
ATOM   475  N N   . GLU A 1 57  ? -8.102  8.858   -1.006  1.00 6.76  ? 79  GLU A N   1 
ATOM   476  C CA  . GLU A 1 57  ? -7.601  9.480   0.212   1.00 7.62  ? 79  GLU A CA  1 
ATOM   477  C C   . GLU A 1 57  ? -7.543  8.421   1.292   1.00 7.89  ? 79  GLU A C   1 
ATOM   478  O O   . GLU A 1 57  ? -8.301  7.434   1.275   1.00 7.59  ? 79  GLU A O   1 
ATOM   479  C CB  . GLU A 1 57  ? -8.441  10.700  0.637   1.00 9.14  ? 79  GLU A CB  1 
ATOM   480  C CG  . GLU A 1 57  ? -9.889  10.414  1.010   1.00 12.62 ? 79  GLU A CG  1 
ATOM   481  C CD  . GLU A 1 57  ? -10.571 11.616  1.723   1.00 13.97 ? 79  GLU A CD  1 
ATOM   482  O OE1 . GLU A 1 57  ? -9.956  12.671  2.004   1.00 13.91 ? 79  GLU A OE1 1 
ATOM   483  O OE2 . GLU A 1 57  ? -11.757 11.479  2.072   1.00 13.17 ? 79  GLU A OE2 1 
ATOM   484  N N   . THR A 1 58  ? -6.600  8.624   2.204   1.00 7.49  ? 80  THR A N   1 
ATOM   485  C CA  . THR A 1 58  ? -6.452  7.737   3.372   1.00 8.15  ? 80  THR A CA  1 
ATOM   486  C C   . THR A 1 58  ? -6.211  8.585   4.606   1.00 8.22  ? 80  THR A C   1 
ATOM   487  O O   . THR A 1 58  ? -6.080  9.813   4.513   1.00 8.08  ? 80  THR A O   1 
ATOM   488  C CB  . THR A 1 58  ? -5.273  6.749   3.288   1.00 7.73  ? 80  THR A CB  1 
ATOM   489  O OG1 . THR A 1 58  ? -4.080  7.458   3.557   1.00 9.08  ? 80  THR A OG1 1 
ATOM   490  C CG2 . THR A 1 58  ? -5.173  6.062   1.917   1.00 10.04 ? 80  THR A CG2 1 
ATOM   491  N N   . CYS A 1 59  ? -6.131  7.941   5.764   1.00 8.79  ? 81  CYS A N   1 
ATOM   492  C CA  . CYS A 1 59  ? -5.737  8.646   6.964   1.00 10.59 ? 81  CYS A CA  1 
ATOM   493  C C   . CYS A 1 59  ? -4.492  7.994   7.530   1.00 10.34 ? 81  CYS A C   1 
ATOM   494  O O   . CYS A 1 59  ? -4.316  7.918   8.738   1.00 12.25 ? 81  CYS A O   1 
ATOM   495  C CB  . CYS A 1 59  ? -6.870  8.598   8.003   1.00 12.70 ? 81  CYS A CB  1 
ATOM   496  S SG  . CYS A 1 59  ? -6.676  9.751   9.409   1.00 18.48 ? 81  CYS A SG  1 
ATOM   497  N N   . ARG A 1 60  ? -3.601  7.532   6.658   1.00 9.44  ? 82  ARG A N   1 
ATOM   498  C CA  . ARG A 1 60  ? -2.418  6.837   7.123   1.00 9.22  ? 82  ARG A CA  1 
ATOM   499  C C   . ARG A 1 60  ? -1.186  7.247   6.340   1.00 8.35  ? 82  ARG A C   1 
ATOM   500  O O   . ARG A 1 60  ? -1.217  7.351   5.104   1.00 9.61  ? 82  ARG A O   1 
ATOM   501  C CB  . ARG A 1 60  ? -2.566  5.331   6.850   1.00 10.23 ? 82  ARG A CB  1 
ATOM   502  C CG  . ARG A 1 60  ? -3.711  4.635   7.541   1.00 13.81 ? 82  ARG A CG  1 
ATOM   503  C CD  . ARG A 1 60  ? -3.437  4.298   9.012   1.00 16.16 ? 82  ARG A CD  1 
ATOM   504  N NE  . ARG A 1 60  ? -2.451  3.193   9.149   1.00 19.06 ? 82  ARG A NE  1 
ATOM   505  C CZ  . ARG A 1 60  ? -1.990  2.734   10.314  1.00 18.29 ? 82  ARG A CZ  1 
ATOM   506  N NH1 . ARG A 1 60  ? -2.445  3.248   11.448  1.00 19.11 ? 82  ARG A NH1 1 
ATOM   507  N NH2 . ARG A 1 60  ? -1.083  1.751   10.344  1.00 16.74 ? 82  ARG A NH2 1 
ATOM   508  N N   . TYR A 1 61  ? -0.074  7.408   7.046   1.00 7.90  ? 83  TYR A N   1 
ATOM   509  C CA  . TYR A 1 61  ? 1.209   7.656   6.391   1.00 7.43  ? 83  TYR A CA  1 
ATOM   510  C C   . TYR A 1 61  ? 1.685   6.416   5.659   1.00 7.10  ? 83  TYR A C   1 
ATOM   511  O O   . TYR A 1 61  ? 1.643   5.298   6.192   1.00 8.00  ? 83  TYR A O   1 
ATOM   512  C CB  . TYR A 1 61  ? 2.279   7.992   7.422   1.00 7.88  ? 83  TYR A CB  1 
ATOM   513  C CG  . TYR A 1 61  ? 2.093   9.301   8.110   1.00 12.15 ? 83  TYR A CG  1 
ATOM   514  C CD1 . TYR A 1 61  ? 2.298   10.495  7.428   1.00 14.09 ? 83  TYR A CD1 1 
ATOM   515  C CD2 . TYR A 1 61  ? 1.786   9.344   9.471   1.00 15.81 ? 83  TYR A CD2 1 
ATOM   516  C CE1 . TYR A 1 61  ? 2.143   11.743  8.062   1.00 19.87 ? 83  TYR A CE1 1 
ATOM   517  C CE2 . TYR A 1 61  ? 1.635   10.594  10.134  1.00 22.19 ? 83  TYR A CE2 1 
ATOM   518  C CZ  . TYR A 1 61  ? 1.822   11.774  9.405   1.00 21.69 ? 83  TYR A CZ  1 
ATOM   519  O OH  . TYR A 1 61  ? 1.685   13.001  10.025  1.00 26.85 ? 83  TYR A OH  1 
ATOM   520  N N   . GLY A 1 62  ? 2.198   6.635   4.449   1.00 5.89  ? 84  GLY A N   1 
ATOM   521  C CA  . GLY A 1 62  ? 2.812   5.529   3.729   1.00 5.23  ? 84  GLY A CA  1 
ATOM   522  C C   . GLY A 1 62  ? 3.841   5.978   2.727   1.00 5.84  ? 84  GLY A C   1 
ATOM   523  O O   . GLY A 1 62  ? 3.803   7.104   2.255   1.00 5.85  ? 84  GLY A O   1 
ATOM   524  N N   . PHE A 1 63  ? 4.770   5.085   2.418   1.00 4.85  ? 85  PHE A N   1 
ATOM   525  C CA  . PHE A 1 63  ? 5.819   5.346   1.476   1.00 5.75  ? 85  PHE A CA  1 
ATOM   526  C C   . PHE A 1 63  ? 5.291   5.533   0.056   1.00 5.81  ? 85  PHE A C   1 
ATOM   527  O O   . PHE A 1 63  ? 4.431   4.779   -0.418  1.00 6.52  ? 85  PHE A O   1 
ATOM   528  C CB  . PHE A 1 63  ? 6.810   4.187   1.433   1.00 6.49  ? 85  PHE A CB  1 
ATOM   529  C CG  . PHE A 1 63  ? 7.529   3.966   2.696   1.00 8.71  ? 85  PHE A CG  1 
ATOM   530  C CD1 . PHE A 1 63  ? 8.541   4.806   3.109   1.00 10.52 ? 85  PHE A CD1 1 
ATOM   531  C CD2 . PHE A 1 63  ? 7.206   2.872   3.457   1.00 10.50 ? 85  PHE A CD2 1 
ATOM   532  C CE1 . PHE A 1 63  ? 9.230   4.540   4.317   1.00 11.88 ? 85  PHE A CE1 1 
ATOM   533  C CE2 . PHE A 1 63  ? 7.865   2.628   4.633   1.00 13.35 ? 85  PHE A CE2 1 
ATOM   534  C CZ  . PHE A 1 63  ? 8.845   3.461   5.050   1.00 8.84  ? 85  PHE A CZ  1 
ATOM   535  N N   . ILE A 1 64  ? 5.860   6.528   -0.620  1.00 6.62  ? 86  ILE A N   1 
ATOM   536  C CA  . ILE A 1 64  ? 5.912   6.545   -2.054  1.00 6.86  ? 86  ILE A CA  1 
ATOM   537  C C   . ILE A 1 64  ? 7.391   6.590   -2.432  1.00 7.90  ? 86  ILE A C   1 
ATOM   538  O O   . ILE A 1 64  ? 8.241   6.448   -1.567  1.00 8.30  ? 86  ILE A O   1 
ATOM   539  C CB  . ILE A 1 64  ? 5.114   7.719   -2.660  1.00 6.18  ? 86  ILE A CB  1 
ATOM   540  C CG1 . ILE A 1 64  ? 5.697   9.074   -2.235  1.00 6.73  ? 86  ILE A CG1 1 
ATOM   541  C CG2 . ILE A 1 64  ? 3.629   7.622   -2.274  1.00 5.86  ? 86  ILE A CG2 1 
ATOM   542  C CD1 . ILE A 1 64  ? 5.101   10.297  -2.985  1.00 10.68 ? 86  ILE A CD1 1 
ATOM   543  N N   . GLU A 1 65  ? 7.694   6.718   -3.718  1.00 7.51  ? 87  GLU A N   1 
ATOM   544  C CA  . GLU A 1 65  ? 9.102   6.883   -4.131  1.00 11.40 ? 87  GLU A CA  1 
ATOM   545  C C   . GLU A 1 65  ? 9.587   8.226   -3.605  1.00 12.31 ? 87  GLU A C   1 
ATOM   546  O O   . GLU A 1 65  ? 9.098   9.303   -4.036  1.00 15.29 ? 87  GLU A O   1 
ATOM   547  C CB  . GLU A 1 65  ? 9.237   6.849   -5.649  1.00 11.65 ? 87  GLU A CB  1 
ATOM   548  C CG  . GLU A 1 65  ? 10.690  6.718   -6.111  1.00 17.38 ? 87  GLU A CG  1 
ATOM   549  C CD  . GLU A 1 65  ? 11.372  5.451   -5.585  1.00 23.82 ? 87  GLU A CD  1 
ATOM   550  O OE1 . GLU A 1 65  ? 10.840  4.330   -5.772  1.00 25.86 ? 87  GLU A OE1 1 
ATOM   551  O OE2 . GLU A 1 65  ? 12.459  5.576   -4.957  1.00 30.94 ? 87  GLU A OE2 1 
ATOM   552  N N   . GLY A 1 66  ? 10.471  8.173   -2.622  1.00 12.15 ? 88  GLY A N   1 
ATOM   553  C CA  . GLY A 1 66  ? 11.130  9.379   -2.150  1.00 10.82 ? 88  GLY A CA  1 
ATOM   554  C C   . GLY A 1 66  ? 10.548  10.096  -0.950  1.00 10.08 ? 88  GLY A C   1 
ATOM   555  O O   . GLY A 1 66  ? 11.235  10.874  -0.310  1.00 10.58 ? 88  GLY A O   1 
ATOM   556  N N   . ASN A 1 67  ? 9.292   9.823   -0.570  1.00 8.22  ? 89  ASN A N   1 
ATOM   557  C CA  . ASN A 1 67  ? 8.668   10.517  0.547   1.00 7.58  ? 89  ASN A CA  1 
ATOM   558  C C   . ASN A 1 67  ? 7.692   9.625   1.264   1.00 6.92  ? 89  ASN A C   1 
ATOM   559  O O   . ASN A 1 67  ? 7.390   8.523   0.780   1.00 7.70  ? 89  ASN A O   1 
ATOM   560  C CB  . ASN A 1 67  ? 7.947   11.796  0.096   1.00 7.74  ? 89  ASN A CB  1 
ATOM   561  C CG  . ASN A 1 67  ? 8.927   12.918  -0.262  1.00 10.31 ? 89  ASN A CG  1 
ATOM   562  O OD1 . ASN A 1 67  ? 9.244   13.155  -1.442  1.00 11.83 ? 89  ASN A OD1 1 
ATOM   563  N ND2 . ASN A 1 67  ? 9.461   13.569  0.768   1.00 9.42  ? 89  ASN A ND2 1 
ATOM   564  N N   . VAL A 1 68  ? 7.219   10.077  2.415   1.00 6.82  ? 90  VAL A N   1 
ATOM   565  C CA  . VAL A 1 68  ? 6.132   9.426   3.128   1.00 6.98  ? 90  VAL A CA  1 
ATOM   566  C C   . VAL A 1 68  ? 4.978   10.422  3.087   1.00 6.47  ? 90  VAL A C   1 
ATOM   567  O O   . VAL A 1 68  ? 5.181   11.617  3.377   1.00 7.85  ? 90  VAL A O   1 
ATOM   568  C CB  . VAL A 1 68  ? 6.560   9.109   4.578   1.00 7.13  ? 90  VAL A CB  1 
ATOM   569  C CG1 . VAL A 1 68  ? 5.374   8.652   5.413   1.00 9.41  ? 90  VAL A CG1 1 
ATOM   570  C CG2 . VAL A 1 68  ? 7.656   8.020   4.552   1.00 9.38  ? 90  VAL A CG2 1 
ATOM   571  N N   . VAL A 1 69  ? 3.788   9.972   2.673   1.00 6.01  ? 91  VAL A N   1 
ATOM   572  C CA  . VAL A 1 69  ? 2.700   10.901  2.429   1.00 6.14  ? 91  VAL A CA  1 
ATOM   573  C C   . VAL A 1 69  ? 1.350   10.384  2.933   1.00 6.52  ? 91  VAL A C   1 
ATOM   574  O O   . VAL A 1 69  ? 1.189   9.202   3.228   1.00 6.92  ? 91  VAL A O   1 
ATOM   575  C CB  . VAL A 1 69  ? 2.562   11.210  0.895   1.00 6.55  ? 91  VAL A CB  1 
ATOM   576  C CG1 . VAL A 1 69  ? 3.873   11.700  0.315   1.00 7.47  ? 91  VAL A CG1 1 
ATOM   577  C CG2 . VAL A 1 69  ? 2.086   9.974   0.121   1.00 8.72  ? 91  VAL A CG2 1 
ATOM   578  N N   . ILE A 1 70  ? 0.366   11.285  3.019   1.00 5.90  ? 92  ILE A N   1 
ATOM   579  C CA  . ILE A 1 70  ? -1.062  10.953  3.166   1.00 7.54  ? 92  ILE A CA  1 
ATOM   580  C C   . ILE A 1 70  ? -1.853  11.716  2.072   1.00 7.33  ? 92  ILE A C   1 
ATOM   581  O O   . ILE A 1 70  ? -1.846  12.961  2.085   1.00 7.67  ? 92  ILE A O   1 
ATOM   582  C CB  . ILE A 1 70  ? -1.624  11.387  4.538   1.00 6.95  ? 92  ILE A CB  1 
ATOM   583  C CG1 . ILE A 1 70  ? -0.755  10.833  5.674   1.00 10.64 ? 92  ILE A CG1 1 
ATOM   584  C CG2 . ILE A 1 70  ? -3.051  10.872  4.668   1.00 9.79  ? 92  ILE A CG2 1 
ATOM   585  C CD1 . ILE A 1 70  ? -1.369  11.042  7.077   1.00 13.45 ? 92  ILE A CD1 1 
ATOM   586  N N   . PRO A 1 71  ? -2.522  11.019  1.148   1.00 7.70  ? 93  PRO A N   1 
ATOM   587  C CA  . PRO A 1 71  ? -3.410  11.746  0.234   1.00 6.11  ? 93  PRO A CA  1 
ATOM   588  C C   . PRO A 1 71  ? -4.710  12.137  0.936   1.00 6.09  ? 93  PRO A C   1 
ATOM   589  O O   . PRO A 1 71  ? -5.344  11.311  1.563   1.00 6.44  ? 93  PRO A O   1 
ATOM   590  C CB  . PRO A 1 71  ? -3.661  10.718  -0.877  1.00 6.09  ? 93  PRO A CB  1 
ATOM   591  C CG  . PRO A 1 71  ? -3.574  9.391   -0.187  1.00 7.32  ? 93  PRO A CG  1 
ATOM   592  C CD  . PRO A 1 71  ? -2.571  9.558   0.925   1.00 7.48  ? 93  PRO A CD  1 
ATOM   593  N N   . ARG A 1 72  ? -5.053  13.418  0.833   1.00 7.09  ? 94  ARG A N   1 
ATOM   594  C CA  . ARG A 1 72  ? -6.264  13.936  1.474   1.00 8.21  ? 94  ARG A CA  1 
ATOM   595  C C   . ARG A 1 72  ? -7.134  14.720  0.521   1.00 8.81  ? 94  ARG A C   1 
ATOM   596  O O   . ARG A 1 72  ? -6.657  15.630  -0.158  1.00 9.35  ? 94  ARG A O   1 
ATOM   597  C CB  . ARG A 1 72  ? -5.899  14.895  2.609   1.00 9.42  ? 94  ARG A CB  1 
ATOM   598  C CG  . ARG A 1 72  ? -5.211  14.266  3.823   1.00 9.05  ? 94  ARG A CG  1 
ATOM   599  C CD  . ARG A 1 72  ? -6.029  13.108  4.382   1.00 9.05  ? 94  ARG A CD  1 
ATOM   600  N NE  . ARG A 1 72  ? -7.346  13.569  4.824   1.00 12.66 ? 94  ARG A NE  1 
ATOM   601  C CZ  . ARG A 1 72  ? -8.350  12.761  5.103   1.00 10.89 ? 94  ARG A CZ  1 
ATOM   602  N NH1 . ARG A 1 72  ? -8.224  11.437  5.025   1.00 12.08 ? 94  ARG A NH1 1 
ATOM   603  N NH2 . ARG A 1 72  ? -9.509  13.278  5.511   1.00 15.65 ? 94  ARG A NH2 1 
ATOM   604  N N   . ILE A 1 73  ? -8.406  14.348  0.478   1.00 8.70  ? 95  ILE A N   1 
ATOM   605  C CA  . ILE A 1 73  ? -9.355  15.115  -0.313  1.00 12.05 ? 95  ILE A CA  1 
ATOM   606  C C   . ILE A 1 73  ? -10.149 16.033  0.589   1.00 13.01 ? 95  ILE A C   1 
ATOM   607  O O   . ILE A 1 73  ? -10.226 17.219  0.302   1.00 13.46 ? 95  ILE A O   1 
ATOM   608  C CB  . ILE A 1 73  ? -10.274 14.181  -1.106  1.00 11.15 ? 95  ILE A CB  1 
ATOM   609  C CG1 . ILE A 1 73  ? -9.431  13.454  -2.165  1.00 11.72 ? 95  ILE A CG1 1 
ATOM   610  C CG2 . ILE A 1 73  ? -11.446 14.985  -1.736  1.00 12.74 ? 95  ILE A CG2 1 
ATOM   611  C CD1 . ILE A 1 73  ? -10.140 12.373  -2.938  1.00 13.61 ? 95  ILE A CD1 1 
ATOM   612  N N   . HIS A 1 74  ? -10.706 15.497  1.675   1.00 13.87 ? 96  HIS A N   1 
ATOM   613  C CA  . HIS A 1 74  ? -11.515 16.275  2.618   1.00 15.78 ? 96  HIS A CA  1 
ATOM   614  C C   . HIS A 1 74  ? -10.693 16.662  3.833   1.00 17.06 ? 96  HIS A C   1 
ATOM   615  O O   . HIS A 1 74  ? -9.939  15.839  4.353   1.00 17.70 ? 96  HIS A O   1 
ATOM   616  C CB  . HIS A 1 74  ? -12.727 15.459  3.037   1.00 15.72 ? 96  HIS A CB  1 
ATOM   617  C CG  . HIS A 1 74  ? -13.515 14.954  1.877   1.00 18.58 ? 96  HIS A CG  1 
ATOM   618  N ND1 . HIS A 1 74  ? -13.376 13.673  1.388   1.00 20.19 ? 96  HIS A ND1 1 
ATOM   619  C CD2 . HIS A 1 74  ? -14.396 15.580  1.056   1.00 19.89 ? 96  HIS A CD2 1 
ATOM   620  C CE1 . HIS A 1 74  ? -14.163 13.519  0.336   1.00 22.13 ? 96  HIS A CE1 1 
ATOM   621  N NE2 . HIS A 1 74  ? -14.797 14.662  0.116   1.00 21.61 ? 96  HIS A NE2 1 
ATOM   622  N N   . PRO A 1 75  ? -10.791 17.913  4.284   1.00 16.49 ? 97  PRO A N   1 
ATOM   623  C CA  . PRO A 1 75  ? -10.052 18.308  5.477   1.00 17.99 ? 97  PRO A CA  1 
ATOM   624  C C   . PRO A 1 75  ? -10.578 17.564  6.704   1.00 18.96 ? 97  PRO A C   1 
ATOM   625  O O   . PRO A 1 75  ? -11.790 17.485  6.914   1.00 19.59 ? 97  PRO A O   1 
ATOM   626  C CB  . PRO A 1 75  ? -10.371 19.809  5.620   1.00 18.00 ? 97  PRO A CB  1 
ATOM   627  C CG  . PRO A 1 75  ? -10.911 20.239  4.370   1.00 17.74 ? 97  PRO A CG  1 
ATOM   628  C CD  . PRO A 1 75  ? -11.466 19.055  3.643   1.00 17.02 ? 97  PRO A CD  1 
ATOM   629  N N   . ASN A 1 76  ? -9.676  16.964  7.470   1.00 19.81 ? 98  ASN A N   1 
ATOM   630  C CA  . ASN A 1 76  ? -10.040 16.319  8.722   1.00 21.45 ? 98  ASN A CA  1 
ATOM   631  C C   . ASN A 1 76  ? -8.943  16.622  9.728   1.00 22.04 ? 98  ASN A C   1 
ATOM   632  O O   . ASN A 1 76  ? -7.757  16.419  9.455   1.00 21.95 ? 98  ASN A O   1 
ATOM   633  C CB  . ASN A 1 76  ? -10.233 14.809  8.489   1.00 21.88 ? 98  ASN A CB  1 
ATOM   634  C CG  . ASN A 1 76  ? -10.693 14.060  9.726   1.00 24.32 ? 98  ASN A CG  1 
ATOM   635  O OD1 . ASN A 1 76  ? -10.208 14.289  10.817  1.00 28.08 ? 98  ASN A OD1 1 
ATOM   636  N ND2 . ASN A 1 76  ? -11.606 13.121  9.540   1.00 27.97 ? 98  ASN A ND2 1 
ATOM   637  N N   . ALA A 1 77  ? -9.342  17.133  10.888  1.00 22.87 ? 99  ALA A N   1 
ATOM   638  C CA  . ALA A 1 77  ? -8.386  17.544  11.909  1.00 23.63 ? 99  ALA A CA  1 
ATOM   639  C C   . ALA A 1 77  ? -7.453  16.426  12.406  1.00 23.76 ? 99  ALA A C   1 
ATOM   640  O O   . ALA A 1 77  ? -6.327  16.704  12.823  1.00 24.67 ? 99  ALA A O   1 
ATOM   641  C CB  . ALA A 1 77  ? -9.115  18.164  13.067  1.00 24.29 ? 99  ALA A CB  1 
ATOM   642  N N   . ILE A 1 78  ? -7.911  15.179  12.371  1.00 24.26 ? 100 ILE A N   1 
ATOM   643  C CA  . ILE A 1 78  ? -7.100  14.053  12.877  1.00 24.81 ? 100 ILE A CA  1 
ATOM   644  C C   . ILE A 1 78  ? -6.311  13.315  11.784  1.00 24.30 ? 100 ILE A C   1 
ATOM   645  O O   . ILE A 1 78  ? -5.628  12.333  12.077  1.00 24.76 ? 100 ILE A O   1 
ATOM   646  C CB  . ILE A 1 78  ? -7.953  13.035  13.685  1.00 25.50 ? 100 ILE A CB  1 
ATOM   647  C CG1 . ILE A 1 78  ? -8.984  12.337  12.786  1.00 27.12 ? 100 ILE A CG1 1 
ATOM   648  C CG2 . ILE A 1 78  ? -8.594  13.727  14.908  1.00 26.12 ? 100 ILE A CG2 1 
ATOM   649  C CD1 . ILE A 1 78  ? -9.520  11.005  13.324  1.00 29.30 ? 100 ILE A CD1 1 
ATOM   650  N N   . CYS A 1 79  ? -6.434  13.772  10.536  1.00 22.16 ? 101 CYS A N   1 
ATOM   651  C CA  . CYS A 1 79  ? -5.732  13.183  9.387   1.00 21.52 ? 101 CYS A CA  1 
ATOM   652  C C   . CYS A 1 79  ? -4.906  14.256  8.697   1.00 21.26 ? 101 CYS A C   1 
ATOM   653  O O   . CYS A 1 79  ? -5.451  15.131  8.006   1.00 20.43 ? 101 CYS A O   1 
ATOM   654  C CB  . CYS A 1 79  ? -6.719  12.600  8.370   1.00 20.74 ? 101 CYS A CB  1 
ATOM   655  S SG  . CYS A 1 79  ? -7.880  11.349  8.980   1.00 20.31 ? 101 CYS A SG  1 
ATOM   656  N N   . ALA A 1 80  ? -3.596  14.211  8.898   1.00 21.34 ? 102 ALA A N   1 
ATOM   657  C CA  . ALA A 1 80  ? -2.665  15.136  8.248   1.00 22.08 ? 102 ALA A CA  1 
ATOM   658  C C   . ALA A 1 80  ? -2.923  16.594  8.641   1.00 22.96 ? 102 ALA A C   1 
ATOM   659  O O   . ALA A 1 80  ? -2.742  17.511  7.834   1.00 22.98 ? 102 ALA A O   1 
ATOM   660  C CB  . ALA A 1 80  ? -2.700  14.970  6.699   1.00 21.59 ? 102 ALA A CB  1 
ATOM   661  N N   . ALA A 1 81  ? -3.388  16.782  9.880   1.00 24.07 ? 103 ALA A N   1 
ATOM   662  C CA  . ALA A 1 81  ? -3.585  18.104  10.481  1.00 24.47 ? 103 ALA A CA  1 
ATOM   663  C C   . ALA A 1 81  ? -4.435  19.018  9.592   1.00 24.12 ? 103 ALA A C   1 
ATOM   664  O O   . ALA A 1 81  ? -4.078  20.175  9.340   1.00 24.60 ? 103 ALA A O   1 
ATOM   665  C CB  . ALA A 1 81  ? -2.229  18.752  10.811  1.00 24.99 ? 103 ALA A CB  1 
ATOM   666  N N   . ASN A 1 82  ? -5.550  18.469  9.107   1.00 23.35 ? 104 ASN A N   1 
ATOM   667  C CA  . ASN A 1 82  ? -6.534  19.207  8.315   1.00 22.32 ? 104 ASN A CA  1 
ATOM   668  C C   . ASN A 1 82  ? -6.072  19.662  6.914   1.00 21.30 ? 104 ASN A C   1 
ATOM   669  O O   . ASN A 1 82  ? -6.734  20.472  6.259   1.00 21.47 ? 104 ASN A O   1 
ATOM   670  C CB  . ASN A 1 82  ? -7.051  20.414  9.105   1.00 22.76 ? 104 ASN A CB  1 
ATOM   671  C CG  . ASN A 1 82  ? -8.505  20.611  8.928   1.00 23.15 ? 104 ASN A CG  1 
ATOM   672  O OD1 . ASN A 1 82  ? -9.308  19.698  9.145   1.00 24.28 ? 104 ASN A OD1 1 
ATOM   673  N ND2 . ASN A 1 82  ? -8.883  21.828  8.540   1.00 28.85 ? 104 ASN A ND2 1 
ATOM   674  N N   . HIS A 1 83  ? -4.944  19.141  6.439   1.00 19.45 ? 105 HIS A N   1 
ATOM   675  C CA  . HIS A 1 83  ? -4.483  19.505  5.106   1.00 18.13 ? 105 HIS A CA  1 
ATOM   676  C C   . HIS A 1 83  ? -5.269  18.740  4.050   1.00 16.25 ? 105 HIS A C   1 
ATOM   677  O O   . HIS A 1 83  ? -5.879  17.710  4.324   1.00 14.43 ? 105 HIS A O   1 
ATOM   678  C CB  . HIS A 1 83  ? -2.992  19.230  4.928   1.00 19.73 ? 105 HIS A CB  1 
ATOM   679  C CG  . HIS A 1 83  ? -2.103  20.207  5.628   1.00 22.71 ? 105 HIS A CG  1 
ATOM   680  N ND1 . HIS A 1 83  ? -1.657  20.013  6.916   1.00 26.62 ? 105 HIS A ND1 1 
ATOM   681  C CD2 . HIS A 1 83  ? -1.540  21.360  5.203   1.00 27.05 ? 105 HIS A CD2 1 
ATOM   682  C CE1 . HIS A 1 83  ? -0.877  21.018  7.266   1.00 27.65 ? 105 HIS A CE1 1 
ATOM   683  N NE2 . HIS A 1 83  ? -0.789  21.851  6.246   1.00 28.44 ? 105 HIS A NE2 1 
ATOM   684  N N   . THR A 1 84  ? -5.302  19.304  2.855   1.00 14.72 ? 106 THR A N   1 
ATOM   685  C CA  . THR A 1 84  ? -5.768  18.580  1.657   1.00 13.99 ? 106 THR A CA  1 
ATOM   686  C C   . THR A 1 84  ? -4.621  18.480  0.663   1.00 13.23 ? 106 THR A C   1 
ATOM   687  O O   . THR A 1 84  ? -3.620  19.183  0.783   1.00 14.40 ? 106 THR A O   1 
ATOM   688  C CB  . THR A 1 84  ? -6.994  19.245  0.972   1.00 14.71 ? 106 THR A CB  1 
ATOM   689  O OG1 . THR A 1 84  ? -6.597  20.509  0.425   1.00 17.05 ? 106 THR A OG1 1 
ATOM   690  C CG2 . THR A 1 84  ? -8.167  19.406  1.950   1.00 15.01 ? 106 THR A CG2 1 
ATOM   691  N N   . GLY A 1 85  ? -4.738  17.577  -0.307  1.00 10.38 ? 107 GLY A N   1 
ATOM   692  C CA  . GLY A 1 85  ? -3.686  17.364  -1.292  1.00 10.14 ? 107 GLY A CA  1 
ATOM   693  C C   . GLY A 1 85  ? -2.845  16.190  -0.852  1.00 8.47  ? 107 GLY A C   1 
ATOM   694  O O   . GLY A 1 85  ? -3.231  15.464  0.070   1.00 10.07 ? 107 GLY A O   1 
ATOM   695  N N   . VAL A 1 86  ? -1.697  16.008  -1.493  1.00 9.79  ? 108 VAL A N   1 
ATOM   696  C CA  . VAL A 1 86  ? -0.766  14.974  -1.084  1.00 10.61 ? 108 VAL A CA  1 
ATOM   697  C C   . VAL A 1 86  ? 0.089   15.579  0.024   1.00 10.56 ? 108 VAL A C   1 
ATOM   698  O O   . VAL A 1 86  ? 1.031   16.338  -0.255  1.00 12.81 ? 108 VAL A O   1 
ATOM   699  C CB  . VAL A 1 86  ? 0.080   14.484  -2.262  1.00 9.65  ? 108 VAL A CB  1 
ATOM   700  C CG1 . VAL A 1 86  ? 1.036   13.400  -1.784  1.00 11.66 ? 108 VAL A CG1 1 
ATOM   701  C CG2 . VAL A 1 86  ? -0.800  13.883  -3.339  1.00 10.39 ? 108 VAL A CG2 1 
ATOM   702  N N   . TYR A 1 87  ? -0.270  15.265  1.258   1.00 9.77  ? 109 TYR A N   1 
ATOM   703  C CA  . TYR A 1 87  ? 0.433   15.802  2.411   1.00 9.84  ? 109 TYR A CA  1 
ATOM   704  C C   . TYR A 1 87  ? 1.752   15.049  2.592   1.00 10.29 ? 109 TYR A C   1 
ATOM   705  O O   . TYR A 1 87  ? 1.780   13.820  2.689   1.00 8.98  ? 109 TYR A O   1 
ATOM   706  C CB  . TYR A 1 87  ? -0.414  15.687  3.678   1.00 11.12 ? 109 TYR A CB  1 
ATOM   707  C CG  . TYR A 1 87  ? 0.327   16.154  4.903   1.00 14.14 ? 109 TYR A CG  1 
ATOM   708  C CD1 . TYR A 1 87  ? 0.477   17.521  5.179   1.00 18.67 ? 109 TYR A CD1 1 
ATOM   709  C CD2 . TYR A 1 87  ? 0.877   15.231  5.780   1.00 20.06 ? 109 TYR A CD2 1 
ATOM   710  C CE1 . TYR A 1 87  ? 1.201   17.945  6.304   1.00 22.95 ? 109 TYR A CE1 1 
ATOM   711  C CE2 . TYR A 1 87  ? 1.577   15.636  6.903   1.00 22.96 ? 109 TYR A CE2 1 
ATOM   712  C CZ  . TYR A 1 87  ? 1.736   16.988  7.164   1.00 25.49 ? 109 TYR A CZ  1 
ATOM   713  O OH  . TYR A 1 87  ? 2.440   17.359  8.303   1.00 30.59 ? 109 TYR A OH  1 
ATOM   714  N N   . ILE A 1 88  ? 2.850   15.770  2.608   1.00 8.45  ? 110 ILE A N   1 
ATOM   715  C CA  . ILE A 1 88  ? 4.158   15.174  2.785   1.00 9.55  ? 110 ILE A CA  1 
ATOM   716  C C   . ILE A 1 88  ? 4.611   15.265  4.227   1.00 9.43  ? 110 ILE A C   1 
ATOM   717  O O   . ILE A 1 88  ? 4.699   16.365  4.782   1.00 10.21 ? 110 ILE A O   1 
ATOM   718  C CB  . ILE A 1 88  ? 5.195   15.891  1.875   1.00 8.40  ? 110 ILE A CB  1 
ATOM   719  C CG1 . ILE A 1 88  ? 4.817   15.745  0.403   1.00 10.84 ? 110 ILE A CG1 1 
ATOM   720  C CG2 . ILE A 1 88  ? 6.593   15.290  2.073   1.00 12.01 ? 110 ILE A CG2 1 
ATOM   721  C CD1 . ILE A 1 88  ? 5.687   16.605  -0.537  1.00 14.41 ? 110 ILE A CD1 1 
ATOM   722  N N   . LEU A 1 89  ? 4.966   14.122  4.822   1.00 8.82  ? 111 LEU A N   1 
ATOM   723  C CA  . LEU A 1 89  ? 5.532   14.076  6.176   1.00 9.42  ? 111 LEU A CA  1 
ATOM   724  C C   . LEU A 1 89  ? 6.908   14.729  6.148   1.00 10.17 ? 111 LEU A C   1 
ATOM   725  O O   . LEU A 1 89  ? 7.763   14.359  5.340   1.00 10.72 ? 111 LEU A O   1 
ATOM   726  C CB  . LEU A 1 89  ? 5.653   12.601  6.618   1.00 9.37  ? 111 LEU A CB  1 
ATOM   727  C CG  . LEU A 1 89  ? 6.283   12.422  8.017   1.00 11.15 ? 111 LEU A CG  1 
ATOM   728  C CD1 . LEU A 1 89  ? 5.484   13.098  9.052   1.00 11.67 ? 111 LEU A CD1 1 
ATOM   729  C CD2 . LEU A 1 89  ? 6.347   10.912  8.352   1.00 13.18 ? 111 LEU A CD2 1 
ATOM   730  N N   . VAL A 1 90  ? 7.091   15.744  6.992   1.00 9.85  ? 112 VAL A N   1 
ATOM   731  C CA  . VAL A 1 90  ? 8.348   16.468  7.002   1.00 10.39 ? 112 VAL A CA  1 
ATOM   732  C C   . VAL A 1 90  ? 9.243   15.985  8.135   1.00 9.79  ? 112 VAL A C   1 
ATOM   733  O O   . VAL A 1 90  ? 10.385  15.642  7.876   1.00 10.41 ? 112 VAL A O   1 
ATOM   734  C CB  . VAL A 1 90  ? 8.140   17.981  7.106   1.00 10.35 ? 112 VAL A CB  1 
ATOM   735  C CG1 . VAL A 1 90  ? 9.496   18.710  7.284   1.00 11.73 ? 112 VAL A CG1 1 
ATOM   736  C CG2 . VAL A 1 90  ? 7.346   18.501  5.898   1.00 12.91 ? 112 VAL A CG2 1 
ATOM   737  N N   . THR A 1 91  ? 8.713   15.915  9.353   1.00 9.07  ? 113 THR A N   1 
ATOM   738  C CA  . THR A 1 91  ? 9.565   15.653  10.507  1.00 9.14  ? 113 THR A CA  1 
ATOM   739  C C   . THR A 1 91  ? 9.023   14.445  11.258  1.00 7.76  ? 113 THR A C   1 
ATOM   740  O O   . THR A 1 91  ? 7.909   14.489  11.780  1.00 9.67  ? 113 THR A O   1 
ATOM   741  C CB  . THR A 1 91  ? 9.565   16.853  11.483  1.00 9.94  ? 113 THR A CB  1 
ATOM   742  O OG1 . THR A 1 91  ? 10.047  18.015  10.806  1.00 14.01 ? 113 THR A OG1 1 
ATOM   743  C CG2 . THR A 1 91  ? 10.500  16.583  12.659  1.00 11.72 ? 113 THR A CG2 1 
ATOM   744  N N   . SER A 1 92  ? 9.848   13.403  11.388  1.00 6.88  ? 114 SER A N   1 
ATOM   745  C CA  . SER A 1 92  ? 9.499   12.236  12.186  1.00 5.89  ? 114 SER A CA  1 
ATOM   746  C C   . SER A 1 92  ? 10.780  11.615  12.708  1.00 6.01  ? 114 SER A C   1 
ATOM   747  O O   . SER A 1 92  ? 11.800  11.614  12.020  1.00 7.42  ? 114 SER A O   1 
ATOM   748  C CB  . SER A 1 92  ? 8.719   11.229  11.332  1.00 6.90  ? 114 SER A CB  1 
ATOM   749  O OG  . SER A 1 92  ? 8.490   10.034  12.059  1.00 7.73  ? 114 SER A OG  1 
ATOM   750  N N   . ASN A 1 93  ? 10.723  11.033  13.893  1.00 5.81  ? 115 ASN A N   1 
ATOM   751  C CA  . ASN A 1 93  ? 11.871  10.273  14.401  1.00 6.24  ? 115 ASN A CA  1 
ATOM   752  C C   . ASN A 1 93  ? 12.016  8.886   13.787  1.00 5.85  ? 115 ASN A C   1 
ATOM   753  O O   . ASN A 1 93  ? 13.103  8.326   13.835  1.00 7.03  ? 115 ASN A O   1 
ATOM   754  C CB  . ASN A 1 93  ? 11.695  9.985   15.922  1.00 6.64  ? 115 ASN A CB  1 
ATOM   755  C CG  . ASN A 1 93  ? 12.009  11.147  16.831  1.00 6.19  ? 115 ASN A CG  1 
ATOM   756  O OD1 . ASN A 1 93  ? 12.631  12.164  16.448  1.00 6.58  ? 115 ASN A OD1 1 
ATOM   757  N ND2 . ASN A 1 93  ? 11.537  10.995  18.074  1.00 6.06  ? 115 ASN A ND2 1 
ATOM   758  N N   . THR A 1 94  ? 10.916  8.317   13.297  1.00 5.93  ? 116 THR A N   1 
ATOM   759  C CA  . THR A 1 94  ? 10.789  6.861   13.102  1.00 6.29  ? 116 THR A CA  1 
ATOM   760  C C   . THR A 1 94  ? 10.704  6.501   11.632  1.00 6.37  ? 116 THR A C   1 
ATOM   761  O O   . THR A 1 94  ? 10.533  7.373   10.782  1.00 6.72  ? 116 THR A O   1 
ATOM   762  C CB  . THR A 1 94  ? 9.545   6.351   13.820  1.00 7.26  ? 116 THR A CB  1 
ATOM   763  O OG1 . THR A 1 94  ? 8.425   7.077   13.323  1.00 7.84  ? 116 THR A OG1 1 
ATOM   764  C CG2 . THR A 1 94  ? 9.672   6.589   15.344  1.00 9.31  ? 116 THR A CG2 1 
ATOM   765  N N   . SER A 1 95  ? 10.869  5.198   11.373  1.00 7.25  ? 117 SER A N   1 
ATOM   766  C CA  . SER A 1 95  ? 11.149  4.728   10.019  1.00 7.35  ? 117 SER A CA  1 
ATOM   767  C C   . SER A 1 95  ? 10.140  3.798   9.418   1.00 7.95  ? 117 SER A C   1 
ATOM   768  O O   . SER A 1 95  ? 10.342  3.375   8.269   1.00 8.72  ? 117 SER A O   1 
ATOM   769  C CB  . SER A 1 95  ? 12.518  4.054   9.973   1.00 8.38  ? 117 SER A CB  1 
ATOM   770  O OG  . SER A 1 95  ? 12.482  2.895   10.794  1.00 10.63 ? 117 SER A OG  1 
ATOM   771  N N   . HIS A 1 96  ? 9.121   3.413   10.194  1.00 7.16  ? 118 HIS A N   1 
ATOM   772  C CA  . HIS A 1 96  ? 8.171   2.369   9.758   1.00 7.78  ? 118 HIS A CA  1 
ATOM   773  C C   . HIS A 1 96  ? 6.795   2.955   9.528   1.00 7.35  ? 118 HIS A C   1 
ATOM   774  O O   . HIS A 1 96  ? 6.214   3.587   10.397  1.00 8.70  ? 118 HIS A O   1 
ATOM   775  C CB  . HIS A 1 96  ? 8.153   1.220   10.790  1.00 8.70  ? 118 HIS A CB  1 
ATOM   776  C CG  . HIS A 1 96  ? 9.302   0.270   10.650  1.00 7.49  ? 118 HIS A CG  1 
ATOM   777  N ND1 . HIS A 1 96  ? 10.616  0.662   10.483  1.00 10.56 ? 118 HIS A ND1 1 
ATOM   778  C CD2 . HIS A 1 96  ? 9.318   -1.080  10.688  1.00 12.71 ? 118 HIS A CD2 1 
ATOM   779  C CE1 . HIS A 1 96  ? 11.385  -0.412  10.393  1.00 9.89  ? 118 HIS A CE1 1 
ATOM   780  N NE2 . HIS A 1 96  ? 10.621  -1.475  10.499  1.00 12.37 ? 118 HIS A NE2 1 
ATOM   781  N N   . TYR A 1 97  ? 6.238   2.698   8.347   1.00 7.02  ? 119 TYR A N   1 
ATOM   782  C CA  . TYR A 1 97  ? 4.951   3.299   7.978   1.00 7.59  ? 119 TYR A CA  1 
ATOM   783  C C   . TYR A 1 97  ? 4.112   2.247   7.275   1.00 7.37  ? 119 TYR A C   1 
ATOM   784  O O   . TYR A 1 97  ? 4.415   1.029   7.360   1.00 7.73  ? 119 TYR A O   1 
ATOM   785  C CB  . TYR A 1 97  ? 5.164   4.535   7.055   1.00 7.50  ? 119 TYR A CB  1 
ATOM   786  C CG  . TYR A 1 97  ? 5.956   5.614   7.785   1.00 6.78  ? 119 TYR A CG  1 
ATOM   787  C CD1 . TYR A 1 97  ? 5.342   6.469   8.725   1.00 6.32  ? 119 TYR A CD1 1 
ATOM   788  C CD2 . TYR A 1 97  ? 7.332   5.741   7.584   1.00 7.71  ? 119 TYR A CD2 1 
ATOM   789  C CE1 . TYR A 1 97  ? 6.085   7.458   9.396   1.00 5.41  ? 119 TYR A CE1 1 
ATOM   790  C CE2 . TYR A 1 97  ? 8.087   6.711   8.269   1.00 7.02  ? 119 TYR A CE2 1 
ATOM   791  C CZ  . TYR A 1 97  ? 7.432   7.557   9.149   1.00 6.32  ? 119 TYR A CZ  1 
ATOM   792  O OH  . TYR A 1 97  ? 8.129   8.542   9.847   1.00 7.46  ? 119 TYR A OH  1 
ATOM   793  N N   . ASP A 1 98  ? 3.006   2.634   6.654   1.00 5.33  ? 120 ASP A N   1 
ATOM   794  C CA  . ASP A 1 98  ? 2.350   1.769   5.670   1.00 5.74  ? 120 ASP A CA  1 
ATOM   795  C C   . ASP A 1 98  ? 3.068   2.012   4.327   1.00 5.86  ? 120 ASP A C   1 
ATOM   796  O O   . ASP A 1 98  ? 4.102   2.686   4.230   1.00 6.12  ? 120 ASP A O   1 
ATOM   797  C CB  . ASP A 1 98  ? 0.856   2.091   5.542   1.00 5.95  ? 120 ASP A CB  1 
ATOM   798  C CG  . ASP A 1 98  ? 0.070   1.851   6.831   1.00 7.51  ? 120 ASP A CG  1 
ATOM   799  O OD1 . ASP A 1 98  ? 0.573   1.185   7.767   1.00 8.55  ? 120 ASP A OD1 1 
ATOM   800  O OD2 . ASP A 1 98  ? -1.066  2.377   6.912   1.00 9.77  ? 120 ASP A OD2 1 
ATOM   801  N N   . THR A 1 99  ? 2.515   1.419   3.274   1.00 5.82  ? 121 THR A N   1 
ATOM   802  C CA  . THR A 1 99  ? 3.032   1.717   1.920   1.00 5.52  ? 121 THR A CA  1 
ATOM   803  C C   . THR A 1 99  ? 1.901   1.977   0.945   1.00 5.36  ? 121 THR A C   1 
ATOM   804  O O   . THR A 1 99  ? 0.790   1.489   1.084   1.00 6.12  ? 121 THR A O   1 
ATOM   805  C CB  . THR A 1 99  ? 4.023   0.642   1.355   1.00 6.63  ? 121 THR A CB  1 
ATOM   806  O OG1 . THR A 1 99  ? 4.771   1.217   0.273   1.00 8.40  ? 121 THR A OG1 1 
ATOM   807  C CG2 . THR A 1 99  ? 3.303   -0.630  0.949   1.00 8.70  ? 121 THR A CG2 1 
ATOM   808  N N   . TYR A 1 100 ? 2.225   2.777   -0.053  1.00 4.31  ? 122 TYR A N   1 
ATOM   809  C CA  . TYR A 1 100 ? 1.408   2.844   -1.265  1.00 4.38  ? 122 TYR A CA  1 
ATOM   810  C C   . TYR A 1 100 ? 2.106   2.031   -2.317  1.00 4.18  ? 122 TYR A C   1 
ATOM   811  O O   . TYR A 1 100 ? 3.357   1.933   -2.359  1.00 6.55  ? 122 TYR A O   1 
ATOM   812  C CB  . TYR A 1 100 ? 1.186   4.311   -1.708  1.00 5.28  ? 122 TYR A CB  1 
ATOM   813  C CG  . TYR A 1 100 ? 0.495   5.091   -0.639  1.00 5.30  ? 122 TYR A CG  1 
ATOM   814  C CD1 . TYR A 1 100 ? -0.897  4.984   -0.497  1.00 5.47  ? 122 TYR A CD1 1 
ATOM   815  C CD2 . TYR A 1 100 ? 1.201   5.889   0.281   1.00 5.73  ? 122 TYR A CD2 1 
ATOM   816  C CE1 . TYR A 1 100 ? -1.558  5.662   0.538   1.00 6.17  ? 122 TYR A CE1 1 
ATOM   817  C CE2 . TYR A 1 100 ? 0.517   6.557   1.291   1.00 6.27  ? 122 TYR A CE2 1 
ATOM   818  C CZ  . TYR A 1 100 ? -0.822  6.422   1.421   1.00 5.74  ? 122 TYR A CZ  1 
ATOM   819  O OH  . TYR A 1 100 ? -1.549  6.984   2.464   1.00 8.48  ? 122 TYR A OH  1 
ATOM   820  N N   . CYS A 1 101 ? 1.333   1.535   -3.258  1.00 4.72  ? 123 CYS A N   1 
ATOM   821  C CA  . CYS A 1 101 ? 1.858   0.805   -4.419  1.00 5.67  ? 123 CYS A CA  1 
ATOM   822  C C   . CYS A 1 101 ? 1.086   1.221   -5.646  1.00 6.02  ? 123 CYS A C   1 
ATOM   823  O O   . CYS A 1 101 ? -0.079  1.676   -5.561  1.00 5.83  ? 123 CYS A O   1 
ATOM   824  C CB  . CYS A 1 101 ? 1.612   -0.675  -4.226  1.00 5.82  ? 123 CYS A CB  1 
ATOM   825  S SG  . CYS A 1 101 ? 2.512   -1.451  -2.821  1.00 11.12 ? 123 CYS A SG  1 
ATOM   826  N N   . PHE A 1 102 ? 1.708   1.044   -6.793  1.00 6.77  ? 124 PHE A N   1 
ATOM   827  C CA  . PHE A 1 102 ? 1.142   1.446   -8.057  1.00 6.63  ? 124 PHE A CA  1 
ATOM   828  C C   . PHE A 1 102 ? 1.200   0.271   -9.021  1.00 6.41  ? 124 PHE A C   1 
ATOM   829  O O   . PHE A 1 102 ? 2.286   -0.237  -9.304  1.00 6.35  ? 124 PHE A O   1 
ATOM   830  C CB  . PHE A 1 102 ? 1.909   2.628   -8.675  1.00 6.91  ? 124 PHE A CB  1 
ATOM   831  C CG  . PHE A 1 102 ? 1.554   2.832   -10.096 1.00 6.41  ? 124 PHE A CG  1 
ATOM   832  C CD1 . PHE A 1 102 ? 0.287   3.268   -10.436 1.00 7.18  ? 124 PHE A CD1 1 
ATOM   833  C CD2 . PHE A 1 102 ? 2.451   2.531   -11.094 1.00 9.32  ? 124 PHE A CD2 1 
ATOM   834  C CE1 . PHE A 1 102 ? -0.099  3.375   -11.763 1.00 7.18  ? 124 PHE A CE1 1 
ATOM   835  C CE2 . PHE A 1 102 ? 2.071   2.630   -12.424 1.00 8.67  ? 124 PHE A CE2 1 
ATOM   836  C CZ  . PHE A 1 102 ? 0.806   3.070   -12.762 1.00 8.57  ? 124 PHE A CZ  1 
ATOM   837  N N   A ASN A 1 103 ? 0.037   -0.116  -9.532  0.50 6.74  ? 125 ASN A N   1 
ATOM   838  N N   B ASN A 1 103 ? 0.046   -0.147  -9.534  0.50 6.92  ? 125 ASN A N   1 
ATOM   839  C CA  A ASN A 1 103 ? -0.077  -1.179  -10.519 0.50 7.39  ? 125 ASN A CA  1 
ATOM   840  C CA  B ASN A 1 103 ? -0.033  -1.226  -10.529 0.50 7.57  ? 125 ASN A CA  1 
ATOM   841  C C   A ASN A 1 103 ? -0.538  -0.594  -11.845 0.50 7.59  ? 125 ASN A C   1 
ATOM   842  C C   B ASN A 1 103 ? -0.539  -0.644  -11.843 0.50 7.84  ? 125 ASN A C   1 
ATOM   843  O O   A ASN A 1 103 ? -1.692  -0.175  -11.967 0.50 7.77  ? 125 ASN A O   1 
ATOM   844  O O   B ASN A 1 103 ? -1.712  -0.250  -11.944 0.50 7.87  ? 125 ASN A O   1 
ATOM   845  C CB  A ASN A 1 103 ? -1.095  -2.210  -10.043 0.50 7.89  ? 125 ASN A CB  1 
ATOM   846  C CB  B ASN A 1 103 ? -0.951  -2.347  -10.018 0.50 8.48  ? 125 ASN A CB  1 
ATOM   847  C CG  A ASN A 1 103 ? -1.398  -3.225  -11.108 0.50 9.83  ? 125 ASN A CG  1 
ATOM   848  C CG  B ASN A 1 103 ? -0.976  -3.572  -10.941 0.50 10.06 ? 125 ASN A CG  1 
ATOM   849  O OD1 A ASN A 1 103 ? -0.569  -3.443  -12.022 0.50 6.93  ? 125 ASN A OD1 1 
ATOM   850  O OD1 B ASN A 1 103 ? -1.468  -3.505  -12.067 0.50 11.97 ? 125 ASN A OD1 1 
ATOM   851  N ND2 A ASN A 1 103 ? -2.584  -3.817  -11.047 0.50 12.23 ? 125 ASN A ND2 1 
ATOM   852  N ND2 B ASN A 1 103 ? -0.503  -4.700  -10.446 0.50 11.01 ? 125 ASN A ND2 1 
ATOM   853  N N   . ALA A 1 104 ? 0.353   -0.584  -12.831 1.00 8.96  ? 126 ALA A N   1 
ATOM   854  C CA  . ALA A 1 104 ? -0.003  -0.007  -14.118 1.00 9.99  ? 126 ALA A CA  1 
ATOM   855  C C   . ALA A 1 104 ? -1.121  -0.730  -14.870 1.00 11.53 ? 126 ALA A C   1 
ATOM   856  O O   . ALA A 1 104 ? -1.727  -0.136  -15.790 1.00 13.25 ? 126 ALA A O   1 
ATOM   857  C CB  . ALA A 1 104 ? 1.246   0.078   -15.004 1.00 10.93 ? 126 ALA A CB  1 
ATOM   858  N N   A SER A 1 105 ? -1.398  -1.982  -14.505 0.50 11.04 ? 127 SER A N   1 
ATOM   859  N N   B SER A 1 105 ? -1.389  -1.982  -14.522 0.50 11.11 ? 127 SER A N   1 
ATOM   860  C CA  A SER A 1 105 ? -2.402  -2.805  -15.204 0.50 11.49 ? 127 SER A CA  1 
ATOM   861  C CA  B SER A 1 105 ? -2.388  -2.751  -15.259 0.50 11.64 ? 127 SER A CA  1 
ATOM   862  C C   A SER A 1 105 ? -3.802  -2.684  -14.597 0.50 11.36 ? 127 SER A C   1 
ATOM   863  C C   B SER A 1 105 ? -3.800  -2.552  -14.718 0.50 11.38 ? 127 SER A C   1 
ATOM   864  O O   A SER A 1 105 ? -4.750  -3.349  -15.001 0.50 12.01 ? 127 SER A O   1 
ATOM   865  O O   B SER A 1 105 ? -4.757  -3.043  -15.309 0.50 11.78 ? 127 SER A O   1 
ATOM   866  C CB  A SER A 1 105 ? -1.925  -4.260  -15.267 0.50 12.37 ? 127 SER A CB  1 
ATOM   867  C CB  B SER A 1 105 ? -2.007  -4.231  -15.305 0.50 12.62 ? 127 SER A CB  1 
ATOM   868  O OG  A SER A 1 105 ? -0.709  -4.345  -15.987 0.50 14.28 ? 127 SER A OG  1 
ATOM   869  O OG  B SER A 1 105 ? -2.437  -4.874  -14.129 0.50 14.88 ? 127 SER A OG  1 
ATOM   870  N N   . ALA A 1 106 ? -3.939  -1.800  -13.617 1.00 10.73 ? 128 ALA A N   1 
ATOM   871  C CA  . ALA A 1 106 ? -5.227  -1.523  -13.000 1.00 10.47 ? 128 ALA A CA  1 
ATOM   872  C C   . ALA A 1 106 ? -6.079  -0.604  -13.902 1.00 10.84 ? 128 ALA A C   1 
ATOM   873  O O   . ALA A 1 106 ? -5.538  0.023   -14.817 1.00 10.89 ? 128 ALA A O   1 
ATOM   874  C CB  . ALA A 1 106 ? -5.001  -0.877  -11.613 1.00 10.83 ? 128 ALA A CB  1 
ATOM   875  N N   . PRO A 1 107 ? -7.395  -0.501  -13.632 1.00 11.30 ? 129 PRO A N   1 
ATOM   876  C CA  . PRO A 1 107 ? -8.238  0.463   -14.383 1.00 11.20 ? 129 PRO A CA  1 
ATOM   877  C C   . PRO A 1 107 ? -7.823  1.932   -14.167 1.00 10.68 ? 129 PRO A C   1 
ATOM   878  O O   . PRO A 1 107 ? -7.160  2.246   -13.165 1.00 9.64  ? 129 PRO A O   1 
ATOM   879  C CB  . PRO A 1 107 ? -9.652  0.213   -13.832 1.00 11.70 ? 129 PRO A CB  1 
ATOM   880  C CG  . PRO A 1 107 ? -9.598  -1.214  -13.314 1.00 12.53 ? 129 PRO A CG  1 
ATOM   881  C CD  . PRO A 1 107 ? -8.216  -1.330  -12.713 1.00 13.07 ? 129 PRO A CD  1 
ATOM   882  N N   . PRO A 1 108 ? -8.200  2.837   -15.083 1.00 9.88  ? 130 PRO A N   1 
ATOM   883  C CA  . PRO A 1 108 ? -7.683  4.213   -15.014 1.00 9.98  ? 130 PRO A CA  1 
ATOM   884  C C   . PRO A 1 108 ? -8.254  5.082   -13.900 1.00 9.05  ? 130 PRO A C   1 
ATOM   885  O O   . PRO A 1 108 ? -7.604  6.053   -13.486 1.00 8.79  ? 130 PRO A O   1 
ATOM   886  C CB  . PRO A 1 108 ? -8.056  4.798   -16.385 1.00 10.27 ? 130 PRO A CB  1 
ATOM   887  C CG  . PRO A 1 108 ? -9.273  3.958   -16.837 1.00 9.30  ? 130 PRO A CG  1 
ATOM   888  C CD  . PRO A 1 108 ? -8.939  2.566   -16.332 1.00 10.53 ? 130 PRO A CD  1 
ATOM   889  N N   . GLU A 1 109 ? -9.436  4.715   -13.378 1.00 9.15  ? 131 GLU A N   1 
ATOM   890  C CA  . GLU A 1 109 ? -10.065 5.536   -12.365 1.00 10.15 ? 131 GLU A CA  1 
ATOM   891  C C   . GLU A 1 109 ? -10.243 4.747   -11.073 1.00 10.25 ? 131 GLU A C   1 
ATOM   892  O O   . GLU A 1 109 ? -9.288  4.112   -10.634 1.00 9.66  ? 131 GLU A O   1 
ATOM   893  C CB  . GLU A 1 109 ? -11.318 6.238   -12.911 1.00 11.84 ? 131 GLU A CB  1 
ATOM   894  C CG  . GLU A 1 109 ? -10.933 7.011   -14.177 1.00 17.69 ? 131 GLU A CG  1 
ATOM   895  C CD  . GLU A 1 109 ? -11.989 7.946   -14.677 1.00 25.26 ? 131 GLU A CD  1 
ATOM   896  O OE1 . GLU A 1 109 ? -13.020 7.418   -15.162 1.00 28.22 ? 131 GLU A OE1 1 
ATOM   897  O OE2 . GLU A 1 109 ? -11.754 9.194   -14.626 1.00 27.46 ? 131 GLU A OE2 1 
ATOM   898  N N   . GLU A 1 110 ? -11.417 4.753   -10.454 1.00 11.19 ? 132 GLU A N   1 
ATOM   899  C CA  . GLU A 1 110 ? -11.610 4.027   -9.213  1.00 12.67 ? 132 GLU A CA  1 
ATOM   900  C C   . GLU A 1 110 ? -11.893 2.565   -9.490  1.00 11.95 ? 132 GLU A C   1 
ATOM   901  O O   . GLU A 1 110 ? -12.770 2.247   -10.316 1.00 13.60 ? 132 GLU A O   1 
ATOM   902  C CB  . GLU A 1 110 ? -12.772 4.658   -8.425  1.00 14.17 ? 132 GLU A CB  1 
ATOM   903  C CG  . GLU A 1 110 ? -13.083 3.951   -7.107  1.00 18.99 ? 132 GLU A CG  1 
ATOM   904  C CD  . GLU A 1 110 ? -14.289 4.542   -6.384  1.00 25.95 ? 132 GLU A CD  1 
ATOM   905  O OE1 . GLU A 1 110 ? -15.415 4.448   -6.918  1.00 28.71 ? 132 GLU A OE1 1 
ATOM   906  O OE2 . GLU A 1 110 ? -14.103 5.064   -5.263  1.00 29.20 ? 132 GLU A OE2 1 
ATOM   907  N N   . ASP A 1 111 ? -11.162 1.670   -8.829  1.00 10.57 ? 133 ASP A N   1 
ATOM   908  C CA  . ASP A 1 111 ? -11.427 0.242   -8.911  1.00 11.05 ? 133 ASP A CA  1 
ATOM   909  C C   . ASP A 1 111 ? -11.617 -0.276  -7.506  1.00 11.07 ? 133 ASP A C   1 
ATOM   910  O O   . ASP A 1 111 ? -10.632 -0.470  -6.762  1.00 9.27  ? 133 ASP A O   1 
ATOM   911  C CB  . ASP A 1 111 ? -10.287 -0.501  -9.622  1.00 10.08 ? 133 ASP A CB  1 
ATOM   912  C CG  . ASP A 1 111 ? -10.511 -1.996  -9.687  1.00 12.46 ? 133 ASP A CG  1 
ATOM   913  O OD1 . ASP A 1 111 ? -11.649 -2.423  -9.415  1.00 14.21 ? 133 ASP A OD1 1 
ATOM   914  O OD2 . ASP A 1 111 ? -9.582  -2.753  -10.035 1.00 14.60 ? 133 ASP A OD2 1 
ATOM   915  N N   . CYS A 1 112 ? -12.869 -0.498  -7.128  1.00 12.54 ? 134 CYS A N   1 
ATOM   916  C CA  . CYS A 1 112 ? -13.166 -1.009  -5.785  1.00 14.78 ? 134 CYS A CA  1 
ATOM   917  C C   . CYS A 1 112 ? -13.496 -2.484  -5.760  1.00 15.05 ? 134 CYS A C   1 
ATOM   918  O O   . CYS A 1 112 ? -14.117 -2.985  -4.798  1.00 17.20 ? 134 CYS A O   1 
ATOM   919  C CB  . CYS A 1 112 ? -14.231 -0.166  -5.076  1.00 15.23 ? 134 CYS A CB  1 
ATOM   920  S SG  . CYS A 1 112 ? -13.531 1.404   -4.459  1.00 19.99 ? 134 CYS A SG  1 
ATOM   921  N N   . THR A 1 113 ? -13.031 -3.211  -6.761  1.00 14.19 ? 135 THR A N   1 
ATOM   922  C CA  . THR A 1 113 ? -13.167 -4.655  -6.722  1.00 13.22 ? 135 THR A CA  1 
ATOM   923  C C   . THR A 1 113 ? -12.138 -5.210  -5.761  1.00 13.70 ? 135 THR A C   1 
ATOM   924  O O   . THR A 1 113 ? -11.170 -4.498  -5.416  1.00 15.45 ? 135 THR A O   1 
ATOM   925  C CB  . THR A 1 113 ? -13.028 -5.293  -8.094  1.00 12.95 ? 135 THR A CB  1 
ATOM   926  O OG1 . THR A 1 113 ? -11.746 -4.972  -8.640  1.00 14.45 ? 135 THR A OG1 1 
ATOM   927  C CG2 . THR A 1 113 ? -14.173 -4.794  -9.008  1.00 13.45 ? 135 THR A CG2 1 
ATOM   928  N N   A SER A 1 114 ? -12.344 -6.448  -5.316  0.50 13.93 ? 136 SER A N   1 
ATOM   929  N N   B SER A 1 114 ? -12.324 -6.449  -5.313  0.50 13.67 ? 136 SER A N   1 
ATOM   930  C CA  A SER A 1 114 ? -11.398 -7.089  -4.424  0.50 13.87 ? 136 SER A CA  1 
ATOM   931  C CA  B SER A 1 114 ? -11.396 -7.028  -4.352  0.50 13.22 ? 136 SER A CA  1 
ATOM   932  C C   A SER A 1 114 ? -10.088 -7.391  -5.132  0.50 14.01 ? 136 SER A C   1 
ATOM   933  C C   B SER A 1 114 ? -10.170 -7.639  -5.020  0.50 13.82 ? 136 SER A C   1 
ATOM   934  O O   A SER A 1 114 ? -10.024 -7.503  -6.361  0.50 13.72 ? 136 SER A O   1 
ATOM   935  O O   B SER A 1 114 ? -10.245 -8.219  -6.111  0.50 13.23 ? 136 SER A O   1 
ATOM   936  C CB  A SER A 1 114 ? -11.990 -8.380  -3.863  0.50 14.29 ? 136 SER A CB  1 
ATOM   937  C CB  B SER A 1 114 ? -12.110 -8.060  -3.492  0.50 13.52 ? 136 SER A CB  1 
ATOM   938  O OG  A SER A 1 114 ? -12.846 -8.108  -2.769  0.50 14.46 ? 136 SER A OG  1 
ATOM   939  O OG  B SER A 1 114 ? -12.883 -8.921  -4.300  0.50 11.86 ? 136 SER A OG  1 
ATOM   940  N N   . VAL A 1 115 ? -9.044  -7.513  -4.319  1.00 13.64 ? 137 VAL A N   1 
ATOM   941  C CA  . VAL A 1 115 ? -7.750  -8.038  -4.747  1.00 15.06 ? 137 VAL A CA  1 
ATOM   942  C C   . VAL A 1 115 ? -7.713  -9.496  -4.302  1.00 17.69 ? 137 VAL A C   1 
ATOM   943  O O   . VAL A 1 115 ? -7.940  -9.795  -3.129  1.00 17.34 ? 137 VAL A O   1 
ATOM   944  C CB  . VAL A 1 115 ? -6.604  -7.244  -4.066  1.00 14.61 ? 137 VAL A CB  1 
ATOM   945  C CG1 . VAL A 1 115 ? -5.234  -7.830  -4.438  1.00 14.16 ? 137 VAL A CG1 1 
ATOM   946  C CG2 . VAL A 1 115 ? -6.651  -5.790  -4.468  1.00 14.62 ? 137 VAL A CG2 1 
ATOM   947  N N   . THR A 1 116 ? -7.435  -10.427 -5.221  1.00 19.99 ? 138 THR A N   1 
ATOM   948  C CA  . THR A 1 116 ? -7.521  -11.852 -4.864  1.00 22.72 ? 138 THR A CA  1 
ATOM   949  C C   . THR A 1 116 ? -6.300  -12.632 -5.318  1.00 23.09 ? 138 THR A C   1 
ATOM   950  O O   . THR A 1 116 ? -6.386  -13.835 -5.587  1.00 23.61 ? 138 THR A O   1 
ATOM   951  C CB  . THR A 1 116 ? -8.781  -12.524 -5.464  1.00 23.72 ? 138 THR A CB  1 
ATOM   952  O OG1 . THR A 1 116 ? -8.999  -12.002 -6.786  1.00 26.55 ? 138 THR A OG1 1 
ATOM   953  C CG2 . THR A 1 116 ? -10.019 -12.295 -4.570  1.00 26.05 ? 138 THR A CG2 1 
ATOM   954  N N   . ASP A 1 117 ? -5.174  -11.950 -5.437  1.00 23.59 ? 139 ASP A N   1 
ATOM   955  C CA  . ASP A 1 117 ? -3.923  -12.610 -5.790  1.00 24.86 ? 139 ASP A CA  1 
ATOM   956  C C   . ASP A 1 117 ? -2.752  -11.747 -5.369  1.00 23.74 ? 139 ASP A C   1 
ATOM   957  O O   . ASP A 1 117 ? -2.855  -10.518 -5.286  1.00 23.72 ? 139 ASP A O   1 
ATOM   958  C CB  . ASP A 1 117 ? -3.845  -12.926 -7.295  1.00 26.19 ? 139 ASP A CB  1 
ATOM   959  C CG  . ASP A 1 117 ? -2.662  -13.854 -7.664  1.00 30.06 ? 139 ASP A CG  1 
ATOM   960  O OD1 . ASP A 1 117 ? -2.163  -14.658 -6.813  1.00 33.62 ? 139 ASP A OD1 1 
ATOM   961  O OD2 . ASP A 1 117 ? -2.233  -13.771 -8.842  1.00 35.49 ? 139 ASP A OD2 1 
ATOM   962  N N   . LEU A 1 118 ? -1.639  -12.416 -5.083  1.00 22.54 ? 140 LEU A N   1 
ATOM   963  C CA  . LEU A 1 118 ? -0.380  -11.778 -4.771  1.00 20.74 ? 140 LEU A CA  1 
ATOM   964  C C   . LEU A 1 118 ? 0.559   -12.388 -5.809  1.00 20.21 ? 140 LEU A C   1 
ATOM   965  O O   . LEU A 1 118 ? 1.316   -13.324 -5.519  1.00 19.95 ? 140 LEU A O   1 
ATOM   966  C CB  . LEU A 1 118 ? 0.039   -12.100 -3.331  1.00 20.57 ? 140 LEU A CB  1 
ATOM   967  C CG  . LEU A 1 118 ? 1.256   -11.370 -2.761  1.00 19.34 ? 140 LEU A CG  1 
ATOM   968  C CD1 . LEU A 1 118 ? 1.003   -9.864  -2.630  1.00 21.02 ? 140 LEU A CD1 1 
ATOM   969  C CD2 . LEU A 1 118 ? 1.690   -11.929 -1.414  1.00 21.52 ? 140 LEU A CD2 1 
ATOM   970  N N   . PRO A 1 119 ? 0.476   -11.903 -7.053  1.00 18.51 ? 141 PRO A N   1 
ATOM   971  C CA  . PRO A 1 119 ? 0.924   -12.742 -8.166  1.00 18.73 ? 141 PRO A CA  1 
ATOM   972  C C   . PRO A 1 119 ? 2.435   -12.951 -8.203  1.00 18.25 ? 141 PRO A C   1 
ATOM   973  O O   . PRO A 1 119 ? 2.917   -13.876 -8.862  1.00 19.32 ? 141 PRO A O   1 
ATOM   974  C CB  . PRO A 1 119 ? 0.448   -11.968 -9.396  1.00 18.98 ? 141 PRO A CB  1 
ATOM   975  C CG  . PRO A 1 119 ? 0.287   -10.557 -8.939  1.00 19.05 ? 141 PRO A CG  1 
ATOM   976  C CD  . PRO A 1 119 ? -0.087  -10.606 -7.507  1.00 19.09 ? 141 PRO A CD  1 
ATOM   977  N N   . ASN A 1 120 ? 3.190   -12.122 -7.498  1.00 15.95 ? 142 ASN A N   1 
ATOM   978  C CA  . ASN A 1 120 ? 4.630   -12.174 -7.632  1.00 15.97 ? 142 ASN A CA  1 
ATOM   979  C C   . ASN A 1 120 ? 5.327   -12.507 -6.321  1.00 14.57 ? 142 ASN A C   1 
ATOM   980  O O   . ASN A 1 120 ? 6.519   -12.244 -6.163  1.00 15.87 ? 142 ASN A O   1 
ATOM   981  C CB  . ASN A 1 120 ? 5.138   -10.879 -8.263  1.00 16.45 ? 142 ASN A CB  1 
ATOM   982  C CG  . ASN A 1 120 ? 6.482   -11.023 -8.870  1.00 18.99 ? 142 ASN A CG  1 
ATOM   983  O OD1 . ASN A 1 120 ? 6.778   -12.041 -9.541  1.00 20.56 ? 142 ASN A OD1 1 
ATOM   984  N ND2 . ASN A 1 120 ? 7.335   -10.031 -8.653  1.00 19.58 ? 142 ASN A ND2 1 
ATOM   985  N N   . SER A 1 121 ? 4.569   -13.104 -5.401  1.00 14.18 ? 143 SER A N   1 
ATOM   986  C CA  . SER A 1 121 ? 5.125   -13.682 -4.169  1.00 14.14 ? 143 SER A CA  1 
ATOM   987  C C   . SER A 1 121 ? 6.064   -14.820 -4.516  1.00 13.62 ? 143 SER A C   1 
ATOM   988  O O   . SER A 1 121 ? 5.871   -15.495 -5.519  1.00 14.31 ? 143 SER A O   1 
ATOM   989  C CB  . SER A 1 121 ? 3.977   -14.183 -3.247  1.00 13.00 ? 143 SER A CB  1 
ATOM   990  O OG  . SER A 1 121 ? 3.280   -15.259 -3.800  1.00 18.00 ? 143 SER A OG  1 
ATOM   991  N N   . PHE A 1 122 ? 7.074   -15.023 -3.688  1.00 11.89 ? 144 PHE A N   1 
ATOM   992  C CA  . PHE A 1 122 ? 7.943   -16.176 -3.957  1.00 11.96 ? 144 PHE A CA  1 
ATOM   993  C C   . PHE A 1 122 ? 7.730   -17.287 -2.972  1.00 12.70 ? 144 PHE A C   1 
ATOM   994  O O   . PHE A 1 122 ? 6.921   -17.194 -2.050  1.00 12.56 ? 144 PHE A O   1 
ATOM   995  C CB  . PHE A 1 122 ? 9.415   -15.826 -4.203  1.00 14.94 ? 144 PHE A CB  1 
ATOM   996  C CG  . PHE A 1 122 ? 10.027  -14.906 -3.219  1.00 17.27 ? 144 PHE A CG  1 
ATOM   997  C CD1 . PHE A 1 122 ? 10.574  -15.382 -2.024  1.00 22.45 ? 144 PHE A CD1 1 
ATOM   998  C CD2 . PHE A 1 122 ? 10.171  -13.566 -3.536  1.00 19.59 ? 144 PHE A CD2 1 
ATOM   999  C CE1 . PHE A 1 122 ? 11.192  -14.500 -1.117  1.00 22.87 ? 144 PHE A CE1 1 
ATOM   1000 C CE2 . PHE A 1 122 ? 10.767  -12.681 -2.662  1.00 22.73 ? 144 PHE A CE2 1 
ATOM   1001 C CZ  . PHE A 1 122 ? 11.274  -13.132 -1.447  1.00 23.98 ? 144 PHE A CZ  1 
ATOM   1002 N N   . ASP A 1 123 ? 8.395   -18.407 -3.233  1.00 12.01 ? 145 ASP A N   1 
ATOM   1003 C CA  . ASP A 1 123 ? 8.242   -19.567 -2.398  1.00 11.70 ? 145 ASP A CA  1 
ATOM   1004 C C   . ASP A 1 123 ? 8.668   -19.196 -0.976  1.00 10.87 ? 145 ASP A C   1 
ATOM   1005 O O   . ASP A 1 123 ? 9.671   -18.506 -0.775  1.00 12.03 ? 145 ASP A O   1 
ATOM   1006 C CB  . ASP A 1 123 ? 9.161   -20.678 -2.921  1.00 11.40 ? 145 ASP A CB  1 
ATOM   1007 C CG  . ASP A 1 123 ? 9.088   -21.934 -2.076  1.00 14.78 ? 145 ASP A CG  1 
ATOM   1008 O OD1 . ASP A 1 123 ? 8.136   -22.700 -2.265  1.00 17.40 ? 145 ASP A OD1 1 
ATOM   1009 O OD2 . ASP A 1 123 ? 9.975   -22.126 -1.210  1.00 16.50 ? 145 ASP A OD2 1 
ATOM   1010 N N   . GLY A 1 124 ? 7.943   -19.711 0.005   1.00 12.14 ? 146 GLY A N   1 
ATOM   1011 C CA  . GLY A 1 124 ? 8.297   -19.439 1.391   1.00 13.37 ? 146 GLY A CA  1 
ATOM   1012 C C   . GLY A 1 124 ? 7.307   -20.002 2.391   1.00 13.77 ? 146 GLY A C   1 
ATOM   1013 O O   . GLY A 1 124 ? 6.291   -20.553 2.008   1.00 12.75 ? 146 GLY A O   1 
ATOM   1014 N N   . PRO A 1 125 ? 7.613   -19.848 3.682   1.00 14.65 ? 147 PRO A N   1 
ATOM   1015 C CA  . PRO A 1 125 ? 6.871   -20.517 4.738   1.00 15.92 ? 147 PRO A CA  1 
ATOM   1016 C C   . PRO A 1 125 ? 5.746   -19.688 5.365   1.00 16.07 ? 147 PRO A C   1 
ATOM   1017 O O   . PRO A 1 125 ? 5.033   -20.200 6.238   1.00 16.63 ? 147 PRO A O   1 
ATOM   1018 C CB  . PRO A 1 125 ? 7.947   -20.740 5.802   1.00 16.30 ? 147 PRO A CB  1 
ATOM   1019 C CG  . PRO A 1 125 ? 8.822   -19.555 5.673   1.00 15.72 ? 147 PRO A CG  1 
ATOM   1020 C CD  . PRO A 1 125 ? 8.799   -19.147 4.203   1.00 15.48 ? 147 PRO A CD  1 
ATOM   1021 N N   . VAL A 1 126 ? 5.592   -18.427 4.952   1.00 14.92 ? 148 VAL A N   1 
ATOM   1022 C CA  . VAL A 1 126 ? 4.634   -17.540 5.616   1.00 14.54 ? 148 VAL A CA  1 
ATOM   1023 C C   . VAL A 1 126 ? 3.255   -17.660 5.004   1.00 13.48 ? 148 VAL A C   1 
ATOM   1024 O O   . VAL A 1 126 ? 3.106   -17.670 3.775   1.00 14.08 ? 148 VAL A O   1 
ATOM   1025 C CB  . VAL A 1 126 ? 5.099   -16.071 5.514   1.00 14.70 ? 148 VAL A CB  1 
ATOM   1026 C CG1 . VAL A 1 126 ? 4.205   -15.162 6.356   1.00 15.96 ? 148 VAL A CG1 1 
ATOM   1027 C CG2 . VAL A 1 126 ? 6.561   -15.918 5.938   1.00 16.10 ? 148 VAL A CG2 1 
ATOM   1028 N N   . THR A 1 127 ? 2.241   -17.746 5.852   1.00 13.32 ? 149 THR A N   1 
ATOM   1029 C CA  . THR A 1 127 ? 0.864   -17.616 5.399   1.00 13.86 ? 149 THR A CA  1 
ATOM   1030 C C   . THR A 1 127 ? 0.545   -16.124 5.231   1.00 13.15 ? 149 THR A C   1 
ATOM   1031 O O   . THR A 1 127 ? 0.533   -15.372 6.208   1.00 13.67 ? 149 THR A O   1 
ATOM   1032 C CB  . THR A 1 127 ? -0.128  -18.264 6.378   1.00 13.97 ? 149 THR A CB  1 
ATOM   1033 O OG1 . THR A 1 127 ? 0.152   -19.673 6.422   1.00 18.52 ? 149 THR A OG1 1 
ATOM   1034 C CG2 . THR A 1 127 ? -1.565  -18.074 5.886   1.00 16.07 ? 149 THR A CG2 1 
ATOM   1035 N N   . ILE A 1 128 ? 0.398   -15.708 3.984   1.00 11.65 ? 150 ILE A N   1 
ATOM   1036 C CA  . ILE A 1 128 ? 0.150   -14.287 3.657   1.00 11.20 ? 150 ILE A CA  1 
ATOM   1037 C C   . ILE A 1 128 ? -1.313  -14.172 3.295   1.00 11.67 ? 150 ILE A C   1 
ATOM   1038 O O   . ILE A 1 128 ? -1.800  -14.849 2.388   1.00 12.23 ? 150 ILE A O   1 
ATOM   1039 C CB  . ILE A 1 128 ? 1.033   -13.829 2.491   1.00 10.81 ? 150 ILE A CB  1 
ATOM   1040 C CG1 . ILE A 1 128 ? 2.501   -14.035 2.855   1.00 12.16 ? 150 ILE A CG1 1 
ATOM   1041 C CG2 . ILE A 1 128 ? 0.785   -12.347 2.165   1.00 12.05 ? 150 ILE A CG2 1 
ATOM   1042 C CD1 . ILE A 1 128 ? 3.428   -14.049 1.642   1.00 17.57 ? 150 ILE A CD1 1 
ATOM   1043 N N   . THR A 1 129 ? -2.031  -13.303 4.007   1.00 10.40 ? 151 THR A N   1 
ATOM   1044 C CA  . THR A 1 129 ? -3.444  -13.112 3.713   1.00 10.63 ? 151 THR A CA  1 
ATOM   1045 C C   . THR A 1 129 ? -3.728  -11.681 3.254   1.00 9.15  ? 151 THR A C   1 
ATOM   1046 O O   . THR A 1 129 ? -3.402  -10.722 3.967   1.00 11.19 ? 151 THR A O   1 
ATOM   1047 C CB  . THR A 1 129 ? -4.295  -13.400 4.964   1.00 11.19 ? 151 THR A CB  1 
ATOM   1048 O OG1 . THR A 1 129 ? -4.017  -14.742 5.403   1.00 14.60 ? 151 THR A OG1 1 
ATOM   1049 C CG2 . THR A 1 129 ? -5.785  -13.301 4.681   1.00 11.73 ? 151 THR A CG2 1 
ATOM   1050 N N   A ILE A 1 130 ? -4.287  -11.554 2.058   0.50 9.24  ? 152 ILE A N   1 
ATOM   1051 N N   B ILE A 1 130 ? -4.318  -11.551 2.072   0.50 9.09  ? 152 ILE A N   1 
ATOM   1052 C CA  A ILE A 1 130 ? -4.805  -10.282 1.587   0.50 8.94  ? 152 ILE A CA  1 
ATOM   1053 C CA  B ILE A 1 130 ? -4.793  -10.262 1.582   0.50 8.62  ? 152 ILE A CA  1 
ATOM   1054 C C   A ILE A 1 130 ? -6.168  -10.134 2.227   0.50 8.88  ? 152 ILE A C   1 
ATOM   1055 C C   B ILE A 1 130 ? -6.211  -10.053 2.080   0.50 8.61  ? 152 ILE A C   1 
ATOM   1056 O O   A ILE A 1 130 ? -6.994  -11.058 2.163   0.50 8.45  ? 152 ILE A O   1 
ATOM   1057 O O   B ILE A 1 130 ? -7.122  -10.853 1.760   0.50 7.68  ? 152 ILE A O   1 
ATOM   1058 C CB  A ILE A 1 130 ? -4.981  -10.273 0.058   0.50 9.04  ? 152 ILE A CB  1 
ATOM   1059 C CB  B ILE A 1 130 ? -4.833  -10.217 0.055   0.50 8.81  ? 152 ILE A CB  1 
ATOM   1060 C CG1 A ILE A 1 130 ? -3.677  -10.693 -0.609  0.50 10.38 ? 152 ILE A CG1 1 
ATOM   1061 C CG1 B ILE A 1 130 ? -3.410  -10.168 -0.503  0.50 9.97  ? 152 ILE A CG1 1 
ATOM   1062 C CG2 A ILE A 1 130 ? -5.411  -8.890  -0.416  0.50 10.15 ? 152 ILE A CG2 1 
ATOM   1063 C CG2 B ILE A 1 130 ? -5.670  -9.026  -0.409  0.50 9.43  ? 152 ILE A CG2 1 
ATOM   1064 C CD1 A ILE A 1 130 ? -2.483  -9.977  -0.044  0.50 10.84 ? 152 ILE A CD1 1 
ATOM   1065 C CD1 B ILE A 1 130 ? -3.347  -10.458 -1.984  0.50 9.83  ? 152 ILE A CD1 1 
ATOM   1066 N N   . VAL A 1 131 ? -6.384  -8.981  2.853   1.00 7.81  ? 153 VAL A N   1 
ATOM   1067 C CA  . VAL A 1 131 ? -7.683  -8.604  3.409   1.00 7.67  ? 153 VAL A CA  1 
ATOM   1068 C C   . VAL A 1 131 ? -8.212  -7.357  2.716   1.00 7.21  ? 153 VAL A C   1 
ATOM   1069 O O   . VAL A 1 131 ? -7.574  -6.295  2.761   1.00 8.44  ? 153 VAL A O   1 
ATOM   1070 C CB  . VAL A 1 131 ? -7.568  -8.343  4.914   1.00 7.69  ? 153 VAL A CB  1 
ATOM   1071 C CG1 . VAL A 1 131 ? -8.947  -8.136  5.489   1.00 9.63  ? 153 VAL A CG1 1 
ATOM   1072 C CG2 . VAL A 1 131 ? -6.865  -9.541  5.608   1.00 8.45  ? 153 VAL A CG2 1 
ATOM   1073 N N   . ASN A 1 132 ? -9.364  -7.489  2.053   1.00 6.94  ? 154 ASN A N   1 
ATOM   1074 C CA  . ASN A 1 132 ? -10.016 -6.356  1.431   1.00 6.77  ? 154 ASN A CA  1 
ATOM   1075 C C   . ASN A 1 132 ? -10.906 -5.624  2.440   1.00 7.21  ? 154 ASN A C   1 
ATOM   1076 O O   . ASN A 1 132 ? -11.286 -6.177  3.470   1.00 7.62  ? 154 ASN A O   1 
ATOM   1077 C CB  . ASN A 1 132 ? -10.811 -6.889  0.246   1.00 6.91  ? 154 ASN A CB  1 
ATOM   1078 C CG  . ASN A 1 132 ? -9.901  -7.383  -0.827  1.00 7.87  ? 154 ASN A CG  1 
ATOM   1079 O OD1 . ASN A 1 132 ? -9.366  -6.591  -1.613  1.00 9.79  ? 154 ASN A OD1 1 
ATOM   1080 N ND2 . ASN A 1 132 ? -9.669  -8.700  -0.839  1.00 9.34  ? 154 ASN A ND2 1 
ATOM   1081 N N   . ARG A 1 133 ? -11.284 -4.380  2.115   1.00 6.49  ? 155 ARG A N   1 
ATOM   1082 C CA  . ARG A 1 133 ? -12.095 -3.597  3.033   1.00 8.39  ? 155 ARG A CA  1 
ATOM   1083 C C   . ARG A 1 133 ? -13.477 -4.225  3.266   1.00 7.58  ? 155 ARG A C   1 
ATOM   1084 O O   . ARG A 1 133 ? -14.015 -4.100  4.346   1.00 7.59  ? 155 ARG A O   1 
ATOM   1085 C CB  . ARG A 1 133 ? -12.173 -2.130  2.567   1.00 9.58  ? 155 ARG A CB  1 
ATOM   1086 C CG  . ARG A 1 133 ? -12.948 -1.149  3.465   1.00 11.51 ? 155 ARG A CG  1 
ATOM   1087 C CD  . ARG A 1 133 ? -12.410 -0.946  4.880   1.00 18.29 ? 155 ARG A CD  1 
ATOM   1088 N NE  . ARG A 1 133 ? -12.634 -2.125  5.726   1.00 18.07 ? 155 ARG A NE  1 
ATOM   1089 C CZ  . ARG A 1 133 ? -12.433 -2.178  7.038   1.00 17.97 ? 155 ARG A CZ  1 
ATOM   1090 N NH1 . ARG A 1 133 ? -12.029 -1.089  7.700   1.00 19.12 ? 155 ARG A NH1 1 
ATOM   1091 N NH2 . ARG A 1 133 ? -12.672 -3.310  7.693   1.00 20.14 ? 155 ARG A NH2 1 
ATOM   1092 N N   . ASP A 1 134 ? -13.993 -4.954  2.277   1.00 7.05  ? 156 ASP A N   1 
ATOM   1093 C CA  . ASP A 1 134 ? -15.291 -5.641  2.430   1.00 7.48  ? 156 ASP A CA  1 
ATOM   1094 C C   . ASP A 1 134 ? -15.149 -6.999  3.112   1.00 7.03  ? 156 ASP A C   1 
ATOM   1095 O O   . ASP A 1 134 ? -16.125 -7.727  3.218   1.00 8.22  ? 156 ASP A O   1 
ATOM   1096 C CB  . ASP A 1 134 ? -16.023 -5.815  1.092   1.00 8.21  ? 156 ASP A CB  1 
ATOM   1097 C CG  . ASP A 1 134 ? -15.324 -6.780  0.146   1.00 8.79  ? 156 ASP A CG  1 
ATOM   1098 O OD1 . ASP A 1 134 ? -14.291 -7.382  0.493   1.00 9.67  ? 156 ASP A OD1 1 
ATOM   1099 O OD2 . ASP A 1 134 ? -15.859 -6.938  -0.968  1.00 11.46 ? 156 ASP A OD2 1 
ATOM   1100 N N   . GLY A 1 135 ? -13.944 -7.324  3.585   1.00 7.52  ? 157 GLY A N   1 
ATOM   1101 C CA  . GLY A 1 135 ? -13.706 -8.542  4.352   1.00 7.24  ? 157 GLY A CA  1 
ATOM   1102 C C   . GLY A 1 135 ? -13.246 -9.738  3.553   1.00 6.96  ? 157 GLY A C   1 
ATOM   1103 O O   . GLY A 1 135 ? -12.750 -10.706 4.148   1.00 8.54  ? 157 GLY A O   1 
ATOM   1104 N N   A THR A 1 136 ? -13.412 -9.678  2.222   0.50 8.04  ? 158 THR A N   1 
ATOM   1105 N N   B THR A 1 136 ? -13.419 -9.727  2.242   0.50 7.07  ? 158 THR A N   1 
ATOM   1106 C CA  A THR A 1 136 ? -12.951 -10.749 1.344   0.50 8.74  ? 158 THR A CA  1 
ATOM   1107 C CA  B THR A 1 136 ? -13.029 -10.903 1.505   0.50 7.02  ? 158 THR A CA  1 
ATOM   1108 C C   A THR A 1 136 ? -11.478 -11.039 1.621   0.50 8.94  ? 158 THR A C   1 
ATOM   1109 C C   B THR A 1 136 ? -11.522 -11.077 1.553   0.50 7.61  ? 158 THR A C   1 
ATOM   1110 O O   A THR A 1 136 ? -10.674 -10.126 1.781   0.50 8.65  ? 158 THR A O   1 
ATOM   1111 O O   B THR A 1 136 ? -10.758 -10.119 1.418   0.50 7.12  ? 158 THR A O   1 
ATOM   1112 C CB  A THR A 1 136 ? -13.146 -10.404 -0.161  0.50 8.63  ? 158 THR A CB  1 
ATOM   1113 C CB  B THR A 1 136 ? -13.528 -10.804 0.099   0.50 5.58  ? 158 THR A CB  1 
ATOM   1114 O OG1 A THR A 1 136 ? -14.487 -9.982  -0.433  0.50 9.02  ? 158 THR A OG1 1 
ATOM   1115 O OG1 B THR A 1 136 ? -12.915 -9.666  -0.516  0.50 6.23  ? 158 THR A OG1 1 
ATOM   1116 C CG2 A THR A 1 136 ? -12.853 -11.616 -1.003  0.50 9.86  ? 158 THR A CG2 1 
ATOM   1117 C CG2 B THR A 1 136 ? -15.090 -10.692 0.088   0.50 6.24  ? 158 THR A CG2 1 
ATOM   1118 N N   A ARG A 1 137 ? -11.128 -12.322 1.669   0.50 9.35  ? 159 ARG A N   1 
ATOM   1119 N N   B ARG A 1 137 ? -11.113 -12.327 1.755   0.50 8.33  ? 159 ARG A N   1 
ATOM   1120 C CA  A ARG A 1 137 ? -9.766  -12.738 1.968   0.50 10.52 ? 159 ARG A CA  1 
ATOM   1121 C CA  B ARG A 1 137 ? -9.721  -12.678 1.930   0.50 10.10 ? 159 ARG A CA  1 
ATOM   1122 C C   A ARG A 1 137 ? -9.230  -13.734 0.975   0.50 11.76 ? 159 ARG A C   1 
ATOM   1123 C C   B ARG A 1 137 ? -9.242  -13.648 0.893   0.50 11.38 ? 159 ARG A C   1 
ATOM   1124 O O   A ARG A 1 137 ? -9.971  -14.599 0.485   0.50 12.91 ? 159 ARG A O   1 
ATOM   1125 O O   B ARG A 1 137 ? -10.023 -14.412 0.305   0.50 12.78 ? 159 ARG A O   1 
ATOM   1126 C CB  A ARG A 1 137 ? -9.704  -13.369 3.357   0.50 11.28 ? 159 ARG A CB  1 
ATOM   1127 C CB  B ARG A 1 137 ? -9.504  -13.326 3.295   0.50 10.97 ? 159 ARG A CB  1 
ATOM   1128 C CG  A ARG A 1 137 ? -9.799  -12.359 4.473   0.50 9.90  ? 159 ARG A CG  1 
ATOM   1129 C CG  B ARG A 1 137 ? -9.559  -12.350 4.434   0.50 10.72 ? 159 ARG A CG  1 
ATOM   1130 C CD  A ARG A 1 137 ? -9.855  -13.036 5.862   0.50 10.04 ? 159 ARG A CD  1 
ATOM   1131 C CD  B ARG A 1 137 ? -9.443  -13.044 5.817   0.50 12.71 ? 159 ARG A CD  1 
ATOM   1132 N NE  A ARG A 1 137 ? -9.517  -12.111 6.940   0.50 7.26  ? 159 ARG A NE  1 
ATOM   1133 N NE  B ARG A 1 137 ? -9.671  -12.070 6.871   0.50 12.85 ? 159 ARG A NE  1 
ATOM   1134 C CZ  A ARG A 1 137 ? -10.332 -11.155 7.388   0.50 7.08  ? 159 ARG A CZ  1 
ATOM   1135 C CZ  B ARG A 1 137 ? -8.808  -11.774 7.830   0.50 14.07 ? 159 ARG A CZ  1 
ATOM   1136 N NH1 A ARG A 1 137 ? -11.562 -10.983 6.851   0.50 7.53  ? 159 ARG A NH1 1 
ATOM   1137 N NH1 B ARG A 1 137 ? -7.638  -12.415 7.931   0.50 15.52 ? 159 ARG A NH1 1 
ATOM   1138 N NH2 A ARG A 1 137 ? -9.899  -10.376 8.392   0.50 10.42 ? 159 ARG A NH2 1 
ATOM   1139 N NH2 B ARG A 1 137 ? -9.141  -10.852 8.721   0.50 12.87 ? 159 ARG A NH2 1 
ATOM   1140 N N   . TYR A 1 138 ? -7.925  -13.624 0.721   1.00 11.89 ? 160 TYR A N   1 
ATOM   1141 C CA  . TYR A 1 138 ? -7.208  -14.563 -0.128  1.00 13.29 ? 160 TYR A CA  1 
ATOM   1142 C C   . TYR A 1 138 ? -5.900  -14.844 0.590   1.00 14.17 ? 160 TYR A C   1 
ATOM   1143 O O   . TYR A 1 138 ? -5.178  -13.920 0.979   1.00 14.52 ? 160 TYR A O   1 
ATOM   1144 C CB  . TYR A 1 138 ? -6.951  -13.916 -1.487  1.00 13.97 ? 160 TYR A CB  1 
ATOM   1145 C CG  . TYR A 1 138 ? -5.936  -14.689 -2.308  1.00 17.79 ? 160 TYR A CG  1 
ATOM   1146 C CD1 . TYR A 1 138 ? -6.332  -15.811 -3.043  1.00 20.87 ? 160 TYR A CD1 1 
ATOM   1147 C CD2 . TYR A 1 138 ? -4.578  -14.322 -2.330  1.00 21.33 ? 160 TYR A CD2 1 
ATOM   1148 C CE1 . TYR A 1 138 ? -5.406  -16.540 -3.799  1.00 21.39 ? 160 TYR A CE1 1 
ATOM   1149 C CE2 . TYR A 1 138 ? -3.644  -15.057 -3.079  1.00 22.04 ? 160 TYR A CE2 1 
ATOM   1150 C CZ  . TYR A 1 138 ? -4.069  -16.158 -3.813  1.00 22.06 ? 160 TYR A CZ  1 
ATOM   1151 O OH  . TYR A 1 138 ? -3.154  -16.875 -4.557  1.00 24.33 ? 160 TYR A OH  1 
ATOM   1152 N N   . SER A 1 139 ? -5.575  -16.121 0.738   1.00 14.71 ? 161 SER A N   1 
ATOM   1153 C CA  . SER A 1 139 ? -4.361  -16.511 1.419   1.00 15.40 ? 161 SER A CA  1 
ATOM   1154 C C   . SER A 1 139 ? -3.505  -17.401 0.540   1.00 16.46 ? 161 SER A C   1 
ATOM   1155 O O   . SER A 1 139 ? -4.021  -18.156 -0.310  1.00 16.35 ? 161 SER A O   1 
ATOM   1156 C CB  . SER A 1 139 ? -4.693  -17.272 2.702   1.00 17.17 ? 161 SER A CB  1 
ATOM   1157 O OG  . SER A 1 139 ? -5.512  -16.499 3.553   1.00 20.17 ? 161 SER A OG  1 
ATOM   1158 N N   . LYS A 1 140 ? -2.203  -17.302 0.742   1.00 15.14 ? 162 LYS A N   1 
ATOM   1159 C CA  . LYS A 1 140 ? -1.252  -18.198 0.096   1.00 16.73 ? 162 LYS A CA  1 
ATOM   1160 C C   . LYS A 1 140 ? -0.019  -18.297 0.971   1.00 16.80 ? 162 LYS A C   1 
ATOM   1161 O O   . LYS A 1 140 ? 0.273   -17.401 1.762   1.00 17.55 ? 162 LYS A O   1 
ATOM   1162 C CB  . LYS A 1 140 ? -0.883  -17.733 -1.309  1.00 17.46 ? 162 LYS A CB  1 
ATOM   1163 C CG  . LYS A 1 140 ? -0.079  -16.464 -1.362  1.00 19.09 ? 162 LYS A CG  1 
ATOM   1164 C CD  . LYS A 1 140 ? 0.013   -15.901 -2.781  1.00 21.47 ? 162 LYS A CD  1 
ATOM   1165 C CE  . LYS A 1 140 ? 0.754   -16.818 -3.760  1.00 23.72 ? 162 LYS A CE  1 
ATOM   1166 N NZ  . LYS A 1 140 ? 1.037   -16.163 -5.093  1.00 25.36 ? 162 LYS A NZ  1 
ATOM   1167 N N   . LYS A 1 141 ? 0.698   -19.406 0.832   1.00 16.02 ? 163 LYS A N   1 
ATOM   1168 C CA  . LYS A 1 141 ? 1.969   -19.587 1.485   1.00 15.78 ? 163 LYS A CA  1 
ATOM   1169 C C   . LYS A 1 141 ? 3.053   -19.004 0.581   1.00 14.46 ? 163 LYS A C   1 
ATOM   1170 O O   . LYS A 1 141 ? 3.080   -19.254 -0.634  1.00 15.64 ? 163 LYS A O   1 
ATOM   1171 C CB  . LYS A 1 141 ? 2.220   -21.079 1.733   1.00 16.80 ? 163 LYS A CB  1 
ATOM   1172 C CG  . LYS A 1 141 ? 3.200   -21.373 2.842   1.00 22.24 ? 163 LYS A CG  1 
ATOM   1173 C CD  . LYS A 1 141 ? 3.507   -22.896 3.020   1.00 27.51 ? 163 LYS A CD  1 
ATOM   1174 C CE  . LYS A 1 141 ? 3.828   -23.664 1.695   1.00 31.18 ? 163 LYS A CE  1 
ATOM   1175 N NZ  . LYS A 1 141 ? 5.150   -23.343 1.043   1.00 31.37 ? 163 LYS A NZ  1 
ATOM   1176 N N   . GLY A 1 142 ? 3.907   -18.170 1.158   1.00 12.98 ? 164 GLY A N   1 
ATOM   1177 C CA  . GLY A 1 142 ? 5.008   -17.627 0.412   1.00 12.19 ? 164 GLY A CA  1 
ATOM   1178 C C   . GLY A 1 142 ? 5.914   -16.736 1.226   1.00 11.80 ? 164 GLY A C   1 
ATOM   1179 O O   . GLY A 1 142 ? 5.996   -16.846 2.472   1.00 12.59 ? 164 GLY A O   1 
ATOM   1180 N N   . GLU A 1 143 ? 6.611   -15.850 0.518   1.00 11.19 ? 165 GLU A N   1 
ATOM   1181 C CA  . GLU A 1 143 ? 7.455   -14.842 1.147   1.00 12.24 ? 165 GLU A CA  1 
ATOM   1182 C C   . GLU A 1 143 ? 7.565   -13.706 0.139   1.00 12.43 ? 165 GLU A C   1 
ATOM   1183 O O   . GLU A 1 143 ? 7.328   -13.922 -1.049  1.00 12.33 ? 165 GLU A O   1 
ATOM   1184 C CB  . GLU A 1 143 ? 8.821   -15.445 1.517   1.00 13.19 ? 165 GLU A CB  1 
ATOM   1185 C CG  . GLU A 1 143 ? 9.831   -14.453 2.127   1.00 15.89 ? 165 GLU A CG  1 
ATOM   1186 C CD  . GLU A 1 143 ? 9.314   -13.764 3.382   1.00 18.84 ? 165 GLU A CD  1 
ATOM   1187 O OE1 . GLU A 1 143 ? 9.447   -14.346 4.485   1.00 20.49 ? 165 GLU A OE1 1 
ATOM   1188 O OE2 . GLU A 1 143 ? 8.772   -12.611 3.272   1.00 18.66 ? 165 GLU A OE2 1 
ATOM   1189 N N   . TYR A 1 144 ? 7.847   -12.493 0.603   1.00 12.11 ? 166 TYR A N   1 
ATOM   1190 C CA  . TYR A 1 144 ? 8.121   -11.387 -0.335  1.00 12.56 ? 166 TYR A CA  1 
ATOM   1191 C C   . TYR A 1 144 ? 9.336   -10.538 0.069   1.00 12.61 ? 166 TYR A C   1 
ATOM   1192 O O   . TYR A 1 144 ? 9.826   -9.739  -0.719  1.00 12.36 ? 166 TYR A O   1 
ATOM   1193 C CB  . TYR A 1 144 ? 6.874   -10.492 -0.549  1.00 12.82 ? 166 TYR A CB  1 
ATOM   1194 C CG  . TYR A 1 144 ? 6.446   -9.814  0.723   1.00 12.23 ? 166 TYR A CG  1 
ATOM   1195 C CD1 . TYR A 1 144 ? 7.023   -8.602  1.137   1.00 13.88 ? 166 TYR A CD1 1 
ATOM   1196 C CD2 . TYR A 1 144 ? 5.516   -10.422 1.571   1.00 14.40 ? 166 TYR A CD2 1 
ATOM   1197 C CE1 . TYR A 1 144 ? 6.646   -8.014  2.370   1.00 15.17 ? 166 TYR A CE1 1 
ATOM   1198 C CE2 . TYR A 1 144 ? 5.148   -9.848  2.793   1.00 17.42 ? 166 TYR A CE2 1 
ATOM   1199 C CZ  . TYR A 1 144 ? 5.713   -8.645  3.181   1.00 16.08 ? 166 TYR A CZ  1 
ATOM   1200 O OH  . TYR A 1 144 ? 5.320   -8.109  4.383   1.00 18.68 ? 166 TYR A OH  1 
ATOM   1201 N N   . ARG A 1 145 ? 9.847   -10.748 1.286   1.00 13.98 ? 167 ARG A N   1 
ATOM   1202 C CA  . ARG A 1 145 ? 10.956  -9.920  1.806   1.00 15.54 ? 167 ARG A CA  1 
ATOM   1203 C C   . ARG A 1 145 ? 12.290  -10.426 1.272   1.00 17.24 ? 167 ARG A C   1 
ATOM   1204 O O   . ARG A 1 145 ? 12.541  -11.635 1.318   1.00 18.83 ? 167 ARG A O   1 
ATOM   1205 C CB  . ARG A 1 145 ? 10.926  -9.898  3.343   1.00 15.83 ? 167 ARG A CB  1 
ATOM   1206 C CG  . ARG A 1 145 ? 9.655   -9.261  3.894   1.00 14.77 ? 167 ARG A CG  1 
ATOM   1207 C CD  . ARG A 1 145 ? 9.344   -9.612  5.320   1.00 16.68 ? 167 ARG A CD  1 
ATOM   1208 N NE  . ARG A 1 145 ? 9.090   -11.044 5.499   1.00 16.57 ? 167 ARG A NE  1 
ATOM   1209 C CZ  . ARG A 1 145 ? 8.883   -11.593 6.688   1.00 19.45 ? 167 ARG A CZ  1 
ATOM   1210 N NH1 . ARG A 1 145 ? 8.870   -10.824 7.768   1.00 19.56 ? 167 ARG A NH1 1 
ATOM   1211 N NH2 . ARG A 1 145 ? 8.666   -12.896 6.805   1.00 22.03 ? 167 ARG A NH2 1 
ATOM   1212 N N   . THR A 1 146 ? 13.111  -9.536  0.746   1.00 18.48 ? 168 THR A N   1 
ATOM   1213 C CA  . THR A 1 146 ? 14.398  -9.922  0.188   1.00 20.77 ? 168 THR A CA  1 
ATOM   1214 C C   . THR A 1 146 ? 15.548  -9.414  1.047   1.00 22.63 ? 168 THR A C   1 
ATOM   1215 O O   . THR A 1 146 ? 16.709  -9.726  0.763   1.00 23.96 ? 168 THR A O   1 
ATOM   1216 C CB  . THR A 1 146 ? 14.602  -9.393  -1.247  1.00 21.19 ? 168 THR A CB  1 
ATOM   1217 O OG1 . THR A 1 146 ? 14.773  -7.974  -1.198  1.00 21.96 ? 168 THR A OG1 1 
ATOM   1218 C CG2 . THR A 1 146 ? 13.412  -9.762  -2.149  1.00 21.31 ? 168 THR A CG2 1 
ATOM   1219 N N   . HIS A 1 147 ? 15.255  -8.631  2.084   1.00 23.59 ? 169 HIS A N   1 
ATOM   1220 C CA  . HIS A 1 147 ? 16.301  -8.111  2.983   1.00 25.67 ? 169 HIS A CA  1 
ATOM   1221 C C   . HIS A 1 147 ? 16.197  -8.777  4.349   1.00 26.83 ? 169 HIS A C   1 
ATOM   1222 O O   . HIS A 1 147 ? 15.134  -8.753  4.972   1.00 26.51 ? 169 HIS A O   1 
ATOM   1223 C CB  . HIS A 1 147 ? 16.182  -6.597  3.147   1.00 25.73 ? 169 HIS A CB  1 
ATOM   1224 C CG  . HIS A 1 147 ? 16.384  -5.831  1.880   1.00 27.06 ? 169 HIS A CG  1 
ATOM   1225 N ND1 . HIS A 1 147 ? 15.364  -5.599  0.980   1.00 29.51 ? 169 HIS A ND1 1 
ATOM   1226 C CD2 . HIS A 1 147 ? 17.485  -5.234  1.362   1.00 28.67 ? 169 HIS A CD2 1 
ATOM   1227 C CE1 . HIS A 1 147 ? 15.828  -4.893  -0.037  1.00 28.93 ? 169 HIS A CE1 1 
ATOM   1228 N NE2 . HIS A 1 147 ? 17.111  -4.658  0.170   1.00 30.44 ? 169 HIS A NE2 1 
ATOM   1229 N N   . GLN A 1 148 ? 17.301  -9.365  4.821   1.00 29.41 ? 170 GLN A N   1 
ATOM   1230 C CA  . GLN A 1 148 ? 17.318  -10.071 6.109   1.00 31.19 ? 170 GLN A CA  1 
ATOM   1231 C C   . GLN A 1 148 ? 16.912  -9.189  7.299   1.00 31.78 ? 170 GLN A C   1 
ATOM   1232 O O   . GLN A 1 148 ? 16.198  -9.650  8.208   1.00 31.91 ? 170 GLN A O   1 
ATOM   1233 C CB  . GLN A 1 148 ? 18.695  -10.713 6.364   1.00 32.04 ? 170 GLN A CB  1 
ATOM   1234 C CG  . GLN A 1 148 ? 18.728  -11.720 7.529   1.00 34.10 ? 170 GLN A CG  1 
ATOM   1235 C CD  . GLN A 1 148 ? 17.703  -12.851 7.384   1.00 37.68 ? 170 GLN A CD  1 
ATOM   1236 O OE1 . GLN A 1 148 ? 17.554  -13.450 6.311   1.00 39.76 ? 170 GLN A OE1 1 
ATOM   1237 N NE2 . GLN A 1 148 ? 16.993  -13.146 8.469   1.00 38.85 ? 170 GLN A NE2 1 
ATOM   1238 N N   . GLU A 1 149 ? 17.343  -7.926  7.276   1.00 32.55 ? 171 GLU A N   1 
ATOM   1239 C CA  . GLU A 1 149 ? 16.993  -6.978  8.341   1.00 33.37 ? 171 GLU A CA  1 
ATOM   1240 C C   . GLU A 1 149 ? 15.481  -6.730  8.449   1.00 32.92 ? 171 GLU A C   1 
ATOM   1241 O O   . GLU A 1 149 ? 15.016  -6.203  9.459   1.00 33.11 ? 171 GLU A O   1 
ATOM   1242 C CB  . GLU A 1 149 ? 17.770  -5.659  8.228   1.00 33.95 ? 171 GLU A CB  1 
ATOM   1243 C CG  . GLU A 1 149 ? 17.473  -4.828  6.973   1.00 37.24 ? 171 GLU A CG  1 
ATOM   1244 C CD  . GLU A 1 149 ? 18.442  -5.089  5.817   1.00 40.91 ? 171 GLU A CD  1 
ATOM   1245 O OE1 . GLU A 1 149 ? 18.775  -6.269  5.525   1.00 41.75 ? 171 GLU A OE1 1 
ATOM   1246 O OE2 . GLU A 1 149 ? 18.865  -4.089  5.190   1.00 42.65 ? 171 GLU A OE2 1 
ATOM   1247 N N   . ASP A 1 150 ? 14.725  -7.121  7.420   1.00 31.99 ? 172 ASP A N   1 
ATOM   1248 C CA  . ASP A 1 150 ? 13.259  -7.074  7.479   1.00 31.65 ? 172 ASP A CA  1 
ATOM   1249 C C   . ASP A 1 150 ? 12.621  -8.370  7.994   1.00 32.74 ? 172 ASP A C   1 
ATOM   1250 O O   . ASP A 1 150 ? 11.411  -8.411  8.245   1.00 33.33 ? 172 ASP A O   1 
ATOM   1251 C CB  . ASP A 1 150 ? 12.663  -6.704  6.115   1.00 29.94 ? 172 ASP A CB  1 
ATOM   1252 C CG  . ASP A 1 150 ? 13.006  -5.288  5.689   1.00 27.18 ? 172 ASP A CG  1 
ATOM   1253 O OD1 . ASP A 1 150 ? 13.034  -4.389  6.554   1.00 24.25 ? 172 ASP A OD1 1 
ATOM   1254 O OD2 . ASP A 1 150 ? 13.242  -5.076  4.483   1.00 21.12 ? 172 ASP A OD2 1 
ATOM   1255 N N   . ILE A 1 151 ? 13.423  -9.420  8.153   1.00 33.65 ? 173 ILE A N   1 
ATOM   1256 C CA  . ILE A 1 151 ? 12.898  -10.701 8.648   1.00 34.43 ? 173 ILE A CA  1 
ATOM   1257 C C   . ILE A 1 151 ? 13.392  -11.019 10.060  1.00 34.90 ? 173 ILE A C   1 
ATOM   1258 O O   . ILE A 1 151 ? 12.628  -10.917 11.021  1.00 35.75 ? 173 ILE A O   1 
ATOM   1259 C CB  . ILE A 1 151 ? 13.208  -11.876 7.692   1.00 34.61 ? 173 ILE A CB  1 
ATOM   1260 C CG1 . ILE A 1 151 ? 12.802  -11.522 6.249   1.00 33.57 ? 173 ILE A CG1 1 
ATOM   1261 C CG2 . ILE A 1 151 ? 12.492  -13.142 8.189   1.00 35.07 ? 173 ILE A CG2 1 
ATOM   1262 C CD1 . ILE A 1 151 ? 13.397  -12.424 5.179   1.00 34.12 ? 173 ILE A CD1 1 
HETATM 1263 S S   . DMS B 2 .   ? -12.674 -4.232  -1.803  1.00 19.83 ? 201 DMS A S   1 
HETATM 1264 O O   . DMS B 2 .   ? -13.321 -3.971  -0.225  1.00 16.80 ? 201 DMS A O   1 
HETATM 1265 C C1  . DMS B 2 .   ? -14.096 -4.936  -2.693  1.00 17.59 ? 201 DMS A C1  1 
HETATM 1266 C C2  . DMS B 2 .   ? -12.510 -2.535  -2.365  1.00 15.91 ? 201 DMS A C2  1 
HETATM 1267 C CAJ . 4WP C 3 .   ? -8.678  0.229   7.652   1.00 28.17 ? 202 4WP A CAJ 1 
HETATM 1268 C CAH . 4WP C 3 .   ? -8.604  -1.281  7.769   1.00 25.61 ? 202 4WP A CAH 1 
HETATM 1269 C CAN . 4WP C 3 .   ? -8.658  -1.928  6.515   1.00 23.26 ? 202 4WP A CAN 1 
HETATM 1270 C CAE . 4WP C 3 .   ? -8.822  -3.320  6.521   1.00 22.38 ? 202 4WP A CAE 1 
HETATM 1271 C CAC . 4WP C 3 .   ? -8.869  -4.022  5.312   1.00 18.65 ? 202 4WP A CAC 1 
HETATM 1272 C CAD . 4WP C 3 .   ? -8.741  -3.369  4.085   1.00 14.79 ? 202 4WP A CAD 1 
HETATM 1273 C CAF . 4WP C 3 .   ? -8.587  -1.976  4.087   1.00 20.66 ? 202 4WP A CAF 1 
HETATM 1274 C CAO . 4WP C 3 .   ? -8.534  -1.247  5.284   1.00 24.10 ? 202 4WP A CAO 1 
HETATM 1275 C CAK . 4WP C 3 .   ? -8.374  0.160   5.229   1.00 26.96 ? 202 4WP A CAK 1 
HETATM 1276 N NAP . 4WP C 3 .   ? -7.899  0.725   6.515   1.00 28.01 ? 202 4WP A NAP 1 
HETATM 1277 C CAI . 4WP C 3 .   ? -8.141  2.175   6.518   1.00 30.60 ? 202 4WP A CAI 1 
HETATM 1278 C CAG . 4WP C 3 .   ? -6.828  2.941   6.691   1.00 30.98 ? 202 4WP A CAG 1 
HETATM 1279 C CAM . 4WP C 3 .   ? -6.737  4.010   5.592   1.00 31.60 ? 202 4WP A CAM 1 
HETATM 1280 O OAB . 4WP C 3 .   ? -6.897  5.203   5.895   1.00 25.51 ? 202 4WP A OAB 1 
HETATM 1281 O OAL . 4WP C 3 .   ? -6.478  3.517   4.311   1.00 28.86 ? 202 4WP A OAL 1 
HETATM 1282 C CAA . 4WP C 3 .   ? -7.541  3.790   3.369   1.00 32.18 ? 202 4WP A CAA 1 
HETATM 1283 C C1  . GOL D 4 .   ? -2.528  8.752   11.424  1.00 31.73 ? 203 GOL A C1  1 
HETATM 1284 O O1  . GOL D 4 .   ? -1.373  8.052   11.823  1.00 23.76 ? 203 GOL A O1  1 
HETATM 1285 C C2  . GOL D 4 .   ? -2.202  10.222  11.571  1.00 32.96 ? 203 GOL A C2  1 
HETATM 1286 O O2  . GOL D 4 .   ? -2.629  10.654  12.843  1.00 36.81 ? 203 GOL A O2  1 
HETATM 1287 C C3  . GOL D 4 .   ? -2.912  11.012  10.489  1.00 33.44 ? 203 GOL A C3  1 
HETATM 1288 O O3  . GOL D 4 .   ? -2.305  12.280  10.423  1.00 32.17 ? 203 GOL A O3  1 
HETATM 1289 O O   . HOH E 5 .   ? -10.824 -8.319  9.232   1.00 16.66 ? 301 HOH A O   1 
HETATM 1290 O O   . HOH E 5 .   ? 9.496   -3.703  7.732   1.00 25.36 ? 302 HOH A O   1 
HETATM 1291 O O   . HOH E 5 .   ? -12.700 0.914   -12.486 1.00 26.57 ? 303 HOH A O   1 
HETATM 1292 O O   . HOH E 5 .   ? -10.167 -3.451  -0.317  1.00 17.69 ? 304 HOH A O   1 
HETATM 1293 O O   . HOH E 5 .   ? -5.736  1.116   -17.150 1.00 11.86 ? 305 HOH A O   1 
HETATM 1294 O O   . HOH E 5 .   ? -14.772 -1.855  0.120   1.00 14.54 ? 306 HOH A O   1 
HETATM 1295 O O   . HOH E 5 .   ? 1.767   -1.292  8.022   1.00 8.42  ? 307 HOH A O   1 
HETATM 1296 O O   . HOH E 5 .   ? 10.668  -16.505 5.323   1.00 27.37 ? 308 HOH A O   1 
HETATM 1297 O O   . HOH E 5 .   ? -6.998  -2.902  -9.633  1.00 17.12 ? 309 HOH A O   1 
HETATM 1298 O O   . HOH E 5 .   ? 5.933   3.997   -9.755  1.00 13.92 ? 310 HOH A O   1 
HETATM 1299 O O   . HOH E 5 .   ? 7.010   -5.621  10.074  1.00 25.24 ? 311 HOH A O   1 
HETATM 1300 O O   . HOH E 5 .   ? 9.929   -23.674 0.930   1.00 29.93 ? 312 HOH A O   1 
HETATM 1301 O O   . HOH E 5 .   ? 4.190   -17.572 -2.890  1.00 18.93 ? 313 HOH A O   1 
HETATM 1302 O O   . HOH E 5 .   ? -17.721 -5.276  -1.859  1.00 10.53 ? 314 HOH A O   1 
HETATM 1303 O O   . HOH E 5 .   ? 8.233   12.212  -3.708  1.00 18.84 ? 315 HOH A O   1 
HETATM 1304 O O   . HOH E 5 .   ? 14.686  1.602   11.548  1.00 29.40 ? 316 HOH A O   1 
HETATM 1305 O O   . HOH E 5 .   ? 12.597  -7.015  2.731   1.00 18.78 ? 317 HOH A O   1 
HETATM 1306 O O   . HOH E 5 .   ? -7.124  16.260  6.247   1.00 13.02 ? 318 HOH A O   1 
HETATM 1307 O O   . HOH E 5 .   ? 2.180   17.900  -2.122  1.00 24.86 ? 319 HOH A O   1 
HETATM 1308 O O   . HOH E 5 .   ? 9.159   3.785   -7.807  1.00 23.21 ? 320 HOH A O   1 
HETATM 1309 O O   . HOH E 5 .   ? -7.300  1.874   -10.499 1.00 9.19  ? 321 HOH A O   1 
HETATM 1310 O O   . HOH E 5 .   ? -5.367  6.849   -14.767 1.00 13.48 ? 322 HOH A O   1 
HETATM 1311 O O   . HOH E 5 .   ? 2.566   -2.635  -12.528 1.00 23.32 ? 323 HOH A O   1 
HETATM 1312 O O   . HOH E 5 .   ? 8.891   -2.293  -5.878  1.00 25.40 ? 324 HOH A O   1 
HETATM 1313 O O   . HOH E 5 .   ? 3.640   -16.441 -6.765  1.00 20.43 ? 325 HOH A O   1 
HETATM 1314 O O   . HOH E 5 .   ? -5.497  6.848   10.955  1.00 35.38 ? 326 HOH A O   1 
HETATM 1315 O O   . HOH E 5 .   ? -10.138 -16.435 -1.534  1.00 27.92 ? 327 HOH A O   1 
HETATM 1316 O O   . HOH E 5 .   ? 5.612   9.786   -12.748 1.00 22.55 ? 328 HOH A O   1 
HETATM 1317 O O   . HOH E 5 .   ? 12.458  3.164   6.542   1.00 18.63 ? 329 HOH A O   1 
HETATM 1318 O O   . HOH E 5 .   ? -7.388  -7.011  8.854   1.00 22.56 ? 330 HOH A O   1 
HETATM 1319 O O   . HOH E 5 .   ? -15.453 -8.982  -2.876  1.00 12.54 ? 331 HOH A O   1 
HETATM 1320 O O   . HOH E 5 .   ? 9.123   -9.138  -3.313  1.00 15.62 ? 332 HOH A O   1 
HETATM 1321 O O   . HOH E 5 .   ? 4.518   19.044  4.159   1.00 17.65 ? 333 HOH A O   1 
HETATM 1322 O O   . HOH E 5 .   ? 14.502  11.882  11.520  1.00 12.20 ? 334 HOH A O   1 
HETATM 1323 O O   . HOH E 5 .   ? -9.699  -4.106  -2.770  1.00 22.89 ? 335 HOH A O   1 
HETATM 1324 O O   . HOH E 5 .   ? 5.697   -22.180 -3.454  1.00 22.59 ? 336 HOH A O   1 
HETATM 1325 O O   . HOH E 5 .   ? -4.570  4.903   12.129  1.00 30.06 ? 337 HOH A O   1 
HETATM 1326 O O   . HOH E 5 .   ? -3.880  16.089  -7.701  1.00 19.76 ? 338 HOH A O   1 
HETATM 1327 O O   . HOH E 5 .   ? -10.130 -4.675  -11.982 1.00 28.44 ? 339 HOH A O   1 
HETATM 1328 O O   . HOH E 5 .   ? 7.910   19.758  10.336  1.00 28.34 ? 340 HOH A O   1 
HETATM 1329 O O   . HOH E 5 .   ? -12.635 8.305   -10.288 1.00 25.20 ? 341 HOH A O   1 
HETATM 1330 O O   . HOH E 5 .   ? -15.076 -0.420  -8.888  1.00 21.89 ? 342 HOH A O   1 
HETATM 1331 O O   . HOH E 5 .   ? 12.490  -20.891 -0.761  1.00 21.28 ? 343 HOH A O   1 
HETATM 1332 O O   . HOH E 5 .   ? 3.370   -0.744  -11.885 1.00 25.48 ? 344 HOH A O   1 
HETATM 1333 O O   . HOH E 5 .   ? 6.054   12.831  13.182  1.00 16.83 ? 345 HOH A O   1 
HETATM 1334 O O   . HOH E 5 .   ? -11.927 -16.224 1.801   1.00 26.54 ? 346 HOH A O   1 
HETATM 1335 O O   . HOH E 5 .   ? -9.976  8.854   -16.853 1.00 28.36 ? 347 HOH A O   1 
HETATM 1336 O O   . HOH E 5 .   ? -5.263  -0.570  3.789   1.00 14.18 ? 348 HOH A O   1 
HETATM 1337 O O   . HOH E 5 .   ? -1.088  17.661  -3.785  1.00 20.95 ? 349 HOH A O   1 
HETATM 1338 O O   . HOH E 5 .   ? -10.532 6.962   -1.219  1.00 17.23 ? 350 HOH A O   1 
HETATM 1339 O O   . HOH E 5 .   ? 5.356   -21.030 -1.077  1.00 18.28 ? 351 HOH A O   1 
HETATM 1340 O O   . HOH E 5 .   ? 5.309   0.801   -12.509 1.00 29.84 ? 352 HOH A O   1 
HETATM 1341 O O   . HOH E 5 .   ? 6.594   12.559  -9.787  1.00 20.10 ? 353 HOH A O   1 
HETATM 1342 O O   . HOH E 5 .   ? 9.614   15.792  3.581   1.00 15.73 ? 354 HOH A O   1 
HETATM 1343 O O   . HOH E 5 .   ? 9.423   15.959  -2.282  1.00 22.40 ? 355 HOH A O   1 
HETATM 1344 O O   . HOH E 5 .   ? 9.321   0.452   -6.229  1.00 16.08 ? 356 HOH A O   1 
HETATM 1345 O O   . HOH E 5 .   ? 8.293   10.692  -6.921  1.00 24.40 ? 357 HOH A O   1 
HETATM 1346 O O   . HOH E 5 .   ? -11.577 2.840   -14.226 1.00 16.97 ? 358 HOH A O   1 
HETATM 1347 O O   . HOH E 5 .   ? 5.125   17.181  9.584   1.00 27.66 ? 359 HOH A O   1 
HETATM 1348 O O   . HOH E 5 .   ? 2.582   18.741  2.246   1.00 18.60 ? 360 HOH A O   1 
HETATM 1349 O O   . HOH E 5 .   ? -5.599  -5.859  10.362  1.00 28.05 ? 361 HOH A O   1 
HETATM 1350 O O   . HOH E 5 .   ? 5.728   3.382   -12.825 1.00 23.23 ? 362 HOH A O   1 
HETATM 1351 O O   . HOH E 5 .   ? -10.799 0.963   0.101   1.00 16.75 ? 363 HOH A O   1 
HETATM 1352 O O   . HOH E 5 .   ? -3.597  22.060  2.808   1.00 27.59 ? 364 HOH A O   1 
HETATM 1353 O O   . HOH E 5 .   ? -10.448 3.576   -0.885  1.00 31.72 ? 365 HOH A O   1 
HETATM 1354 O O   . HOH E 5 .   ? -1.091  -7.944  -12.019 1.00 29.60 ? 366 HOH A O   1 
HETATM 1355 O O   . HOH E 5 .   ? -10.199 -6.062  8.296   1.00 18.75 ? 367 HOH A O   1 
HETATM 1356 O O   . HOH E 5 .   ? -3.435  -4.596  -7.318  1.00 21.08 ? 368 HOH A O   1 
HETATM 1357 O O   . HOH E 5 .   ? 12.757  18.467  5.489   1.00 18.69 ? 369 HOH A O   1 
HETATM 1358 O O   . HOH E 5 .   ? 6.755   19.772  2.459   1.00 24.18 ? 370 HOH A O   1 
HETATM 1359 O O   . HOH E 5 .   ? 9.101   18.196  2.234   1.00 22.77 ? 371 HOH A O   1 
# 
